data_5U7O
#
_entry.id   5U7O
#
_cell.length_a   131.027
_cell.length_b   131.027
_cell.length_c   311.491
_cell.angle_alpha   90.00
_cell.angle_beta   90.00
_cell.angle_gamma   120.00
#
_symmetry.space_group_name_H-M   'P 63'
#
loop_
_entity.id
_entity.type
_entity.pdbx_description
1 polymer 'Envelope glycoprotein gp160'
2 polymer '35O22 FAB HEAVY CHAIN'
3 polymer '35O22 FAB LIGHT CHAIN'
4 polymer 'Envelope glycoprotein gp160'
5 polymer 'PGT122 FAB HEAVY CHAIN'
6 polymer 'PGT122 FAB LIGHT CHAIN'
7 branched alpha-D-mannopyranose-(1-3)-[alpha-D-mannopyranose-(1-6)]alpha-D-mannopyranose-(1-6)-[alpha-D-mannopyranose-(1-3)]beta-D-mannopyranose-(1-4)-2-acetamido-2-deoxy-beta-D-glucopyranose-(1-4)-2-acetamido-2-deoxy-beta-D-glucopyranose
8 branched alpha-D-mannopyranose-(1-3)-beta-D-mannopyranose-(1-4)-2-acetamido-2-deoxy-beta-D-glucopyranose-(1-4)-2-acetamido-2-deoxy-beta-D-glucopyranose
9 branched alpha-D-mannopyranose-(1-3)-[alpha-D-mannopyranose-(1-6)]beta-D-mannopyranose-(1-4)-2-acetamido-2-deoxy-beta-D-glucopyranose-(1-4)-2-acetamido-2-deoxy-beta-D-glucopyranose
10 branched 2-acetamido-2-deoxy-beta-D-glucopyranose-(1-4)-2-acetamido-2-deoxy-beta-D-glucopyranose
11 branched alpha-D-mannopyranose-(1-2)-alpha-D-mannopyranose-(1-3)-[alpha-D-mannopyranose-(1-6)]beta-D-mannopyranose-(1-4)-2-acetamido-2-deoxy-beta-D-glucopyranose-(1-4)-2-acetamido-2-deoxy-beta-D-glucopyranose
12 branched alpha-D-mannopyranose-(1-2)-alpha-D-mannopyranose-(1-2)-alpha-D-mannopyranose-(1-3)-[alpha-D-mannopyranose-(1-2)-alpha-D-mannopyranose-(1-3)-[alpha-D-mannopyranose-(1-6)]alpha-D-mannopyranose-(1-6)]beta-D-mannopyranose-(1-4)-2-acetamido-2-deoxy-beta-D-glucopyranose-(1-4)-2-acetamido-2-deoxy-beta-D-glucopyranose
13 branched beta-D-mannopyranose-(1-4)-2-acetamido-2-deoxy-beta-D-glucopyranose-(1-4)-2-acetamido-2-deoxy-beta-D-glucopyranose
14 non-polymer 'SULFATE ION'
15 non-polymer 2-acetamido-2-deoxy-beta-D-glucopyranose
16 non-polymer 1-[4-(benzenecarbonyl)piperazin-1-yl]-2-[4-methoxy-7-(3-methyl-1H-1,2,4-triazol-1-yl)-1H-pyrrolo[2,3-c]pyridin-3-yl]ethane-1,2-dione
#
loop_
_entity_poly.entity_id
_entity_poly.type
_entity_poly.pdbx_seq_one_letter_code
_entity_poly.pdbx_strand_id
1 'polypeptide(L)'
;AVGIGAVFLGFLGAAGSTMGAASMTLTVQARNLLSGIVQQQSNLLRAPEAQQHLLKLTVWGIKQLQARVLAVERYLRDQQ
LLGIWGCSGKLICCTNVPWNSSWSNRNLSEIWDNMTWLQWDKEISNYTQIIYGLLEESQNQQEKNEQDLLALD
;
B
2 'polypeptide(L)'
;QGQLVQSGAELKKPGASVKISCKTSGYRFNFYHINWIRQTAGRGPEWMGWISPYSGDKNLAPAFQDRVIMTTDTEVPVTS
FTSTGAAYMEIRNLKFDDTGTYFCAKGLLRDGSSTWLPYLWGQGTLLTVSSASTKGPSVFPLAPSSKSTSGGTAALGCLV
KDYFPEPVTVSWNSGALTSGVHTFPAVLQSSGLYSLSSVVTVPSSSLGTQTYICNVNHKPSNTKVDKRVEPKSCDKGLEV
LFQ
;
D
3 'polypeptide(L)'
;QSVLTQSASVSGSLGQSVTISCTGPNSVCCSHKSISWYQWPPGRAPTLIIYEDNERAPGISPRFSGYKSYWSAYLTISDL
RPEDETTYYCCSYTHNSGCVFGTGTKVSVLGQSKANPSVTLFPPSSEELQANKATLVCLISDFYPGAVTVAWKADSSPVK
AGVETTTPSKQSNNKYAASSYLSLTPEQWKSHRSYSCQVTHEGSTVEKTVAPTECS
;
E
4 'polypeptide(L)'
;AENLWVTVYYGVPVWKDAETTLFCASDAKAYETEKHNVWATHACVPTDPNPQEIHLENVTEEFNMWKNNMVEQMHTDIIS
LWDQSLKPCVKLTPLCVTLQCTNVTNNITDDMRGELKNCSFNMTTELRDKKQKVYSLFYRLDVVQINENQGNRSNNSNKE
YRLINCNTSAITQACPKVSFEPIPIHYCAPAGFAILKCKDKKFNGTGPCPSVSTVQCTHGIKPVVSTQLLLNGSLAEEEV
MIRSENITNNAKNILVQFNTPVQINCTRPNNNTRKSIRIGPGQAFYATGDIIGDIRQAHCNVSKATWNETLGKVVKQLRK
HFGNNTIIRFANSSGGDLEVTTHSFNCGGEFFYCNTSGLFNSTWISNTSVQGSNSTGSNDSITLPCRIKQIINMWQRIGQ
AMYAPPIQGVIRCVSNITGLILTRDGGSTNSTTETFRPGGGDMRDNWRSELYKYKVVKIEPLGVAPTRCKRRVVGRRRRR
R
;
G
5 'polypeptide(L)'
;QVHLQESGPGLVKPSETLSLTCNVSGTLVRDNYWSWIRQPLGKQPEWIGYVHDSGDTNYNPSLKSRVHLSLDKSKNLVSL
RLTGVTAADSAIYYCATTKHGRRIYGVVAFKEWFTYFYMDVWGKGTSVTVSSASTKGPSVFPLAPSSKSTSGGTAALGCL
VKDYFPEPVTVSWNSGALTSGVHTFPAVLQSSGLYSLSSVVTVPSSSLGTQTYICNVNHKPSNTKVDKRVEPKSC
;
H
6 'polypeptide(L)'
;APTFVSVAPGQTARITCGEESLGSRSVIWYQQRPGQAPSLIIYNNNDRPSGIPDRFSGSPGSTFGTTATLTITSVEAGDE
ADYYCHIWDSRRPTNWVFGEGTTLIVLSQPKAAPSVTLFPPSSEELQANKATLVCLISDFYPGAVTVAWKADSSPVKAGV
ETTTPSKQSNNKYAASSYLSLTPEQWKSHKSYSCQVTHEGSTVEKTVAPTECS
;
L
#
loop_
_chem_comp.id
_chem_comp.type
_chem_comp.name
_chem_comp.formula
83J non-polymer 1-[4-(benzenecarbonyl)piperazin-1-yl]-2-[4-methoxy-7-(3-methyl-1H-1,2,4-triazol-1-yl)-1H-pyrrolo[2,3-c]pyridin-3-yl]ethane-1,2-dione 'C24 H23 N7 O4'
BMA D-saccharide, beta linking beta-D-mannopyranose 'C6 H12 O6'
MAN D-saccharide, alpha linking alpha-D-mannopyranose 'C6 H12 O6'
NAG D-saccharide, beta linking 2-acetamido-2-deoxy-beta-D-glucopyranose 'C8 H15 N O6'
SO4 non-polymer 'SULFATE ION' 'O4 S -2'
#
# COMPACT_ATOMS: atom_id res chain seq x y z
N VAL A 7 43.17 -9.47 -5.44
CA VAL A 7 42.58 -8.74 -6.55
C VAL A 7 42.10 -7.37 -6.07
N PHE A 8 41.14 -6.80 -6.78
CA PHE A 8 40.51 -5.54 -6.42
C PHE A 8 39.10 -5.81 -5.95
N LEU A 9 38.77 -5.37 -4.73
CA LEU A 9 37.48 -5.63 -4.12
C LEU A 9 36.68 -4.38 -3.81
N GLY A 10 37.32 -3.22 -3.70
CA GLY A 10 36.63 -1.98 -3.38
C GLY A 10 36.83 -1.57 -1.93
N PHE A 11 36.23 -0.43 -1.60
CA PHE A 11 36.32 0.09 -0.24
C PHE A 11 35.64 -0.87 0.73
N LEU A 12 36.37 -1.30 1.75
CA LEU A 12 35.88 -2.25 2.74
C LEU A 12 35.49 -3.59 2.12
N GLY A 13 36.07 -3.91 0.95
CA GLY A 13 35.74 -5.16 0.29
C GLY A 13 36.12 -6.38 1.10
N ALA A 14 37.21 -6.31 1.85
CA ALA A 14 37.69 -7.42 2.68
C ALA A 14 37.27 -7.27 4.13
N ALA A 15 36.06 -6.77 4.38
CA ALA A 15 35.60 -6.61 5.75
C ALA A 15 35.31 -7.96 6.39
N GLY A 16 34.80 -8.91 5.63
CA GLY A 16 34.51 -10.25 6.11
C GLY A 16 35.55 -11.29 5.79
N SER A 17 36.68 -10.91 5.20
CA SER A 17 37.74 -11.85 4.86
C SER A 17 38.68 -12.03 6.04
N THR A 18 39.57 -13.01 5.91
CA THR A 18 40.57 -13.25 6.94
C THR A 18 41.52 -12.07 7.07
N MET A 19 42.07 -11.90 8.28
CA MET A 19 42.98 -10.78 8.52
C MET A 19 44.17 -10.82 7.58
N GLY A 20 44.66 -12.02 7.25
CA GLY A 20 45.73 -12.13 6.29
C GLY A 20 45.30 -11.72 4.89
N ALA A 21 44.07 -12.07 4.51
CA ALA A 21 43.56 -11.67 3.21
C ALA A 21 43.15 -10.20 3.20
N ALA A 22 42.61 -9.70 4.31
CA ALA A 22 42.26 -8.30 4.41
C ALA A 22 43.50 -7.41 4.49
N SER A 23 44.66 -7.98 4.85
CA SER A 23 45.90 -7.22 4.87
C SER A 23 46.39 -6.87 3.47
N MET A 24 45.79 -7.45 2.44
CA MET A 24 46.16 -7.11 1.06
C MET A 24 45.44 -5.85 0.58
N THR A 25 44.25 -5.57 1.11
CA THR A 25 43.46 -4.41 0.73
C THR A 25 43.63 -3.25 1.70
N LEU A 26 44.83 -3.09 2.27
CA LEU A 26 45.07 -2.02 3.23
C LEU A 26 45.23 -0.66 2.56
N THR A 27 45.59 -0.63 1.27
CA THR A 27 45.67 0.61 0.53
C THR A 27 44.34 1.02 -0.10
N VAL A 28 43.33 0.16 -0.03
CA VAL A 28 42.03 0.49 -0.62
C VAL A 28 41.18 1.27 0.37
N GLN A 29 41.14 0.81 1.63
CA GLN A 29 40.41 1.53 2.66
C GLN A 29 41.13 2.81 3.08
N ALA A 30 42.42 2.93 2.79
CA ALA A 30 43.17 4.14 3.11
C ALA A 30 43.10 5.19 2.00
N ARG A 31 42.84 4.77 0.76
CA ARG A 31 42.73 5.72 -0.34
C ARG A 31 41.42 6.50 -0.27
N ASN A 32 40.36 5.89 0.28
CA ASN A 32 39.06 6.52 0.42
C ASN A 32 38.79 7.01 1.84
N LEU A 33 39.84 7.18 2.64
CA LEU A 33 39.69 7.62 4.03
C LEU A 33 39.55 9.13 4.17
N LEU A 34 40.08 9.90 3.21
CA LEU A 34 39.96 11.35 3.21
C LEU A 34 39.10 11.87 2.09
N SER A 35 39.19 11.27 0.90
CA SER A 35 38.37 11.65 -0.26
C SER A 35 38.56 13.13 -0.59
N GLY A 36 39.74 13.42 -1.15
CA GLY A 36 40.09 14.78 -1.52
C GLY A 36 40.67 15.59 -0.39
N LEU A 57 26.78 28.77 5.30
CA LEU A 57 25.86 29.70 5.96
C LEU A 57 24.42 29.21 5.86
N THR A 58 24.04 28.73 4.68
CA THR A 58 22.72 28.14 4.51
C THR A 58 22.68 26.76 5.17
N VAL A 59 21.46 26.28 5.40
CA VAL A 59 21.29 25.01 6.12
C VAL A 59 22.10 23.90 5.47
N TRP A 60 21.93 23.71 4.16
CA TRP A 60 22.71 22.70 3.46
C TRP A 60 24.19 23.07 3.34
N GLY A 61 24.53 24.36 3.42
CA GLY A 61 25.92 24.76 3.26
C GLY A 61 26.75 24.47 4.50
N ILE A 62 26.20 24.78 5.67
CA ILE A 62 26.94 24.58 6.91
C ILE A 62 26.79 23.17 7.45
N LYS A 63 25.83 22.40 6.93
CA LYS A 63 25.70 21.01 7.36
C LYS A 63 26.92 20.19 6.95
N GLN A 64 27.34 20.33 5.70
CA GLN A 64 28.50 19.58 5.19
C GLN A 64 29.82 20.22 5.59
N LEU A 65 29.84 21.52 5.89
CA LEU A 65 31.08 22.16 6.30
C LEU A 65 31.50 21.71 7.70
N GLN A 66 30.55 21.63 8.63
CA GLN A 66 30.85 21.09 9.95
C GLN A 66 31.20 19.61 9.90
N ALA A 67 30.74 18.89 8.88
CA ALA A 67 31.07 17.48 8.74
C ALA A 67 32.45 17.26 8.14
N ARG A 68 32.81 18.09 7.14
CA ARG A 68 34.12 17.93 6.51
C ARG A 68 35.25 18.46 7.39
N VAL A 69 34.93 19.31 8.37
CA VAL A 69 35.93 19.70 9.36
C VAL A 69 36.21 18.55 10.31
N LEU A 70 35.16 17.83 10.71
CA LEU A 70 35.34 16.65 11.56
C LEU A 70 36.03 15.51 10.82
N ALA A 71 36.07 15.57 9.49
CA ALA A 71 36.74 14.52 8.72
C ALA A 71 38.26 14.65 8.79
N VAL A 72 38.78 15.87 8.68
CA VAL A 72 40.22 16.06 8.76
C VAL A 72 40.71 15.93 10.19
N GLU A 73 39.86 16.26 11.17
CA GLU A 73 40.22 16.02 12.56
C GLU A 73 40.34 14.53 12.85
N ARG A 74 39.43 13.72 12.29
CA ARG A 74 39.53 12.27 12.44
C ARG A 74 40.75 11.72 11.71
N TYR A 75 41.16 12.36 10.62
CA TYR A 75 42.33 11.89 9.87
C TYR A 75 43.61 12.23 10.61
N LEU A 76 43.74 13.47 11.07
CA LEU A 76 44.96 13.88 11.76
C LEU A 76 45.09 13.26 13.14
N ARG A 77 43.99 12.76 13.71
CA ARG A 77 44.07 12.08 15.00
C ARG A 77 44.77 10.73 14.86
N ASP A 78 44.39 9.95 13.85
CA ASP A 78 45.07 8.68 13.61
C ASP A 78 46.48 8.89 13.05
N GLN A 79 46.67 9.93 12.24
CA GLN A 79 48.00 10.20 11.70
C GLN A 79 48.97 10.66 12.77
N GLN A 80 48.48 11.39 13.79
CA GLN A 80 49.35 11.78 14.89
C GLN A 80 49.80 10.56 15.68
N LEU A 81 48.86 9.68 16.04
CA LEU A 81 49.23 8.44 16.71
C LEU A 81 50.16 7.61 15.83
N LEU A 82 49.90 7.56 14.53
CA LEU A 82 50.77 6.82 13.62
C LEU A 82 52.14 7.46 13.52
N GLY A 83 52.23 8.78 13.65
CA GLY A 83 53.49 9.47 13.55
C GLY A 83 54.35 9.36 14.79
N ILE A 84 53.72 9.38 15.97
CA ILE A 84 54.45 9.27 17.23
C ILE A 84 54.90 7.84 17.51
N TRP A 85 54.36 6.86 16.80
CA TRP A 85 54.76 5.47 16.95
C TRP A 85 55.85 5.06 15.97
N GLY A 86 56.52 6.04 15.35
CA GLY A 86 57.48 5.74 14.30
C GLY A 86 56.89 5.21 13.02
N CYS A 87 55.56 5.13 12.93
CA CYS A 87 54.86 4.60 11.77
C CYS A 87 54.30 5.71 10.87
N SER A 88 54.92 6.89 10.90
CA SER A 88 54.40 8.04 10.18
C SER A 88 54.09 7.71 8.73
N GLY A 89 55.11 7.30 7.98
CA GLY A 89 54.92 6.98 6.57
C GLY A 89 54.70 5.50 6.31
N LYS A 90 54.30 4.77 7.34
CA LYS A 90 54.15 3.33 7.26
C LYS A 90 52.67 2.94 7.32
N LEU A 91 52.32 1.89 6.58
CA LEU A 91 51.00 1.29 6.68
C LEU A 91 50.98 0.08 7.61
N ILE A 92 52.02 -0.76 7.52
CA ILE A 92 52.17 -1.93 8.38
C ILE A 92 53.57 -1.85 8.98
N CYS A 93 53.67 -1.37 10.21
CA CYS A 93 54.93 -1.22 10.90
C CYS A 93 55.06 -2.26 12.01
N CYS A 94 56.31 -2.62 12.31
CA CYS A 94 56.62 -3.53 13.41
C CYS A 94 57.26 -2.74 14.54
N THR A 95 56.90 -3.08 15.77
CA THR A 95 57.37 -2.39 16.96
C THR A 95 58.18 -3.35 17.83
N ASN A 96 58.69 -2.81 18.93
CA ASN A 96 59.49 -3.61 19.86
C ASN A 96 58.78 -3.77 21.20
N VAL A 97 57.51 -4.12 21.15
CA VAL A 97 56.68 -4.34 22.35
C VAL A 97 56.30 -5.81 22.40
N PRO A 98 56.60 -6.52 23.49
CA PRO A 98 56.21 -7.93 23.58
C PRO A 98 54.71 -8.08 23.71
N TRP A 99 54.15 -9.04 22.98
CA TRP A 99 52.72 -9.31 22.99
C TRP A 99 52.36 -10.04 24.28
N ASN A 100 51.71 -9.32 25.20
CA ASN A 100 51.33 -9.93 26.47
C ASN A 100 50.27 -11.00 26.26
N SER A 101 50.43 -12.12 26.96
CA SER A 101 49.52 -13.25 26.76
C SER A 101 48.10 -12.95 27.22
N SER A 102 47.92 -11.94 28.08
CA SER A 102 46.58 -11.61 28.57
C SER A 102 45.70 -10.96 27.51
N TRP A 103 46.24 -10.66 26.33
CA TRP A 103 45.48 -10.03 25.25
C TRP A 103 44.92 -11.06 24.28
N SER A 104 44.20 -12.05 24.82
CA SER A 104 43.67 -13.14 24.00
C SER A 104 44.81 -13.85 23.28
N ASN A 105 45.43 -14.81 23.95
CA ASN A 105 46.61 -15.49 23.42
C ASN A 105 46.19 -16.49 22.35
N ARG A 106 45.90 -15.96 21.16
CA ARG A 106 45.68 -16.79 20.00
C ARG A 106 47.03 -17.15 19.37
N ASN A 107 46.99 -17.95 18.31
CA ASN A 107 48.21 -18.35 17.62
C ASN A 107 48.29 -17.68 16.25
N LEU A 108 49.39 -17.94 15.55
CA LEU A 108 49.65 -17.28 14.27
C LEU A 108 48.66 -17.76 13.21
N SER A 109 48.60 -19.07 12.99
CA SER A 109 47.70 -19.63 11.98
C SER A 109 46.24 -19.57 12.39
N GLU A 110 45.94 -19.10 13.61
CA GLU A 110 44.56 -18.98 14.09
C GLU A 110 44.02 -17.56 13.99
N ILE A 111 44.88 -16.58 13.71
CA ILE A 111 44.50 -15.18 13.58
C ILE A 111 44.42 -14.76 12.12
N TRP A 112 45.51 -14.94 11.37
CA TRP A 112 45.58 -14.51 9.98
C TRP A 112 44.96 -15.50 9.01
N ASP A 113 44.50 -16.66 9.48
CA ASP A 113 43.93 -17.67 8.61
C ASP A 113 42.54 -18.12 9.03
N ASN A 114 41.95 -17.54 10.07
CA ASN A 114 40.60 -17.93 10.49
C ASN A 114 39.99 -16.88 11.41
N MET A 115 40.01 -15.62 10.96
CA MET A 115 39.45 -14.54 11.77
C MET A 115 39.44 -13.27 10.92
N THR A 116 38.41 -12.46 11.13
CA THR A 116 38.26 -11.19 10.43
C THR A 116 38.64 -10.03 11.33
N TRP A 117 39.02 -8.91 10.70
CA TRP A 117 39.42 -7.73 11.46
C TRP A 117 38.29 -7.24 12.35
N LEU A 118 37.04 -7.32 11.86
CA LEU A 118 35.90 -6.95 12.69
C LEU A 118 35.80 -7.88 13.90
N GLN A 119 36.06 -9.17 13.71
CA GLN A 119 35.99 -10.12 14.81
C GLN A 119 37.18 -10.00 15.75
N TRP A 120 38.33 -9.54 15.25
CA TRP A 120 39.52 -9.44 16.08
C TRP A 120 39.48 -8.21 16.98
N ASP A 121 38.98 -7.09 16.47
CA ASP A 121 38.96 -5.87 17.27
C ASP A 121 38.02 -5.98 18.47
N LYS A 122 37.09 -6.93 18.46
CA LYS A 122 36.16 -7.06 19.58
C LYS A 122 36.83 -7.66 20.80
N GLU A 123 37.82 -8.53 20.60
CA GLU A 123 38.52 -9.14 21.73
C GLU A 123 39.54 -8.18 22.33
N ILE A 124 40.23 -7.41 21.49
CA ILE A 124 41.28 -6.51 21.96
C ILE A 124 40.67 -5.14 22.28
N SER A 125 39.34 -5.05 22.21
CA SER A 125 38.68 -3.79 22.51
C SER A 125 38.95 -3.32 23.93
N ASN A 126 39.16 -4.26 24.86
CA ASN A 126 39.44 -3.89 26.23
C ASN A 126 40.86 -3.36 26.38
N TYR A 127 41.81 -3.94 25.65
CA TYR A 127 43.23 -3.60 25.78
C TYR A 127 43.71 -2.69 24.65
N THR A 128 42.82 -1.89 24.06
CA THR A 128 43.22 -0.99 22.99
C THR A 128 44.05 0.17 23.53
N GLN A 129 43.49 0.93 24.47
CA GLN A 129 44.22 2.05 25.05
C GLN A 129 45.42 1.60 25.87
N ILE A 130 45.47 0.32 26.26
CA ILE A 130 46.60 -0.17 27.04
C ILE A 130 47.84 -0.28 26.15
N ILE A 131 47.68 -0.88 24.96
CA ILE A 131 48.81 -1.04 24.06
C ILE A 131 49.30 0.31 23.55
N TYR A 132 48.39 1.27 23.38
CA TYR A 132 48.78 2.57 22.86
C TYR A 132 49.76 3.30 23.76
N GLY A 133 49.83 2.92 25.04
CA GLY A 133 50.74 3.59 25.95
C GLY A 133 52.17 3.09 25.84
N LEU A 134 52.36 1.83 25.44
CA LEU A 134 53.70 1.29 25.31
C LEU A 134 54.36 1.68 24.00
N LEU A 135 53.59 1.85 22.94
CA LEU A 135 54.16 2.19 21.63
C LEU A 135 54.82 3.55 21.61
N GLU A 136 54.46 4.44 22.55
CA GLU A 136 55.02 5.78 22.59
C GLU A 136 56.32 5.85 23.38
N GLU A 137 56.43 5.05 24.45
CA GLU A 137 57.66 5.05 25.24
C GLU A 137 58.84 4.50 24.43
N SER A 138 58.58 3.49 23.60
CA SER A 138 59.66 2.88 22.84
C SER A 138 60.22 3.83 21.78
N GLN A 139 59.37 4.73 21.25
CA GLN A 139 59.83 5.63 20.21
C GLN A 139 60.69 6.75 20.79
N ASN A 140 60.25 7.36 21.90
CA ASN A 140 61.06 8.39 22.55
C ASN A 140 62.39 7.81 23.03
N GLN A 141 62.42 6.52 23.34
CA GLN A 141 63.67 5.89 23.76
C GLN A 141 64.56 5.56 22.58
N GLN A 142 63.96 5.15 21.45
CA GLN A 142 64.75 4.95 20.24
C GLN A 142 65.41 6.23 19.79
N GLU A 143 64.68 7.35 19.86
CA GLU A 143 65.23 8.63 19.41
C GLU A 143 66.37 9.09 20.33
N LYS A 144 66.21 8.95 21.64
CA LYS A 144 67.24 9.41 22.57
C LYS A 144 68.47 8.51 22.50
N ASN A 145 68.27 7.20 22.32
CA ASN A 145 69.41 6.31 22.15
C ASN A 145 70.10 6.54 20.81
N GLU A 146 69.33 6.93 19.78
CA GLU A 146 69.93 7.21 18.48
C GLU A 146 70.78 8.47 18.51
N GLN A 147 70.42 9.45 19.35
CA GLN A 147 71.20 10.68 19.44
C GLN A 147 72.52 10.44 20.16
N ASP A 148 72.56 9.49 21.09
CA ASP A 148 73.80 9.19 21.80
C ASP A 148 74.85 8.57 20.87
N LEU A 149 74.41 7.83 19.85
CA LEU A 149 75.35 7.17 18.96
C LEU A 149 76.01 8.17 18.01
N LEU A 150 75.22 9.09 17.45
CA LEU A 150 75.78 10.08 16.54
C LEU A 150 76.71 11.06 17.24
N ALA A 151 76.53 11.26 18.56
CA ALA A 151 77.44 12.15 19.28
C ALA A 151 78.85 11.57 19.36
N LEU A 152 78.97 10.24 19.37
CA LEU A 152 80.27 9.59 19.43
C LEU A 152 80.82 9.33 18.03
N GLN B 1 34.09 -23.57 17.88
CA GLN B 1 33.64 -23.43 19.26
C GLN B 1 32.13 -23.44 19.35
N GLY B 2 31.49 -24.35 18.61
CA GLY B 2 30.05 -24.45 18.62
C GLY B 2 29.54 -25.82 19.04
N GLN B 3 28.60 -26.36 18.28
CA GLN B 3 28.01 -27.66 18.60
C GLN B 3 27.31 -28.20 17.37
N LEU B 4 27.68 -29.41 16.95
CA LEU B 4 27.07 -30.08 15.82
C LEU B 4 26.18 -31.21 16.31
N VAL B 5 24.91 -31.18 15.92
CA VAL B 5 23.94 -32.20 16.30
C VAL B 5 23.46 -32.88 15.02
N GLN B 6 23.40 -34.21 15.05
CA GLN B 6 22.99 -35.01 13.90
C GLN B 6 21.61 -35.60 14.15
N SER B 7 21.11 -36.33 13.16
CA SER B 7 19.79 -36.93 13.25
C SER B 7 19.82 -38.18 14.12
N GLY B 8 18.65 -38.74 14.36
CA GLY B 8 18.54 -39.97 15.11
C GLY B 8 18.99 -41.18 14.30
N ALA B 9 19.20 -42.28 15.00
CA ALA B 9 19.64 -43.52 14.37
C ALA B 9 18.47 -44.21 13.69
N GLU B 10 18.68 -44.65 12.46
CA GLU B 10 17.65 -45.30 11.66
C GLU B 10 18.15 -46.64 11.16
N LEU B 11 17.20 -47.52 10.84
CA LEU B 11 17.50 -48.85 10.31
C LEU B 11 17.05 -48.89 8.86
N LYS B 12 17.99 -49.17 7.95
CA LYS B 12 17.72 -49.23 6.53
C LYS B 12 18.16 -50.59 5.98
N LYS B 13 17.34 -51.15 5.08
CA LYS B 13 17.67 -52.43 4.47
C LYS B 13 18.69 -52.23 3.35
N PRO B 14 19.46 -53.26 3.02
CA PRO B 14 20.46 -53.13 1.95
C PRO B 14 19.79 -52.84 0.62
N GLY B 15 20.37 -51.91 -0.13
CA GLY B 15 19.82 -51.47 -1.38
C GLY B 15 19.09 -50.15 -1.34
N ALA B 16 18.55 -49.77 -0.17
CA ALA B 16 17.86 -48.50 -0.02
C ALA B 16 18.85 -47.37 0.23
N SER B 17 18.36 -46.25 0.76
CA SER B 17 19.18 -45.08 1.03
C SER B 17 18.93 -44.61 2.46
N VAL B 18 19.69 -43.60 2.88
CA VAL B 18 19.56 -43.02 4.22
C VAL B 18 20.07 -41.59 4.16
N LYS B 19 19.32 -40.68 4.78
CA LYS B 19 19.65 -39.26 4.79
C LYS B 19 19.99 -38.85 6.22
N ILE B 20 21.25 -38.52 6.45
CA ILE B 20 21.73 -38.10 7.76
C ILE B 20 21.90 -36.59 7.77
N SER B 21 21.26 -35.93 8.73
CA SER B 21 21.36 -34.49 8.86
C SER B 21 22.48 -34.11 9.82
N CYS B 22 22.79 -32.81 9.87
CA CYS B 22 23.88 -32.32 10.71
C CYS B 22 23.65 -30.81 10.91
N LYS B 23 22.84 -30.48 11.91
CA LYS B 23 22.55 -29.10 12.23
C LYS B 23 23.68 -28.47 13.04
N THR B 24 23.93 -27.19 12.80
CA THR B 24 25.01 -26.46 13.45
C THR B 24 24.46 -25.30 14.26
N SER B 25 25.27 -24.81 15.19
CA SER B 25 24.91 -23.68 16.03
C SER B 25 26.14 -23.23 16.80
N GLY B 26 26.34 -21.91 16.88
CA GLY B 26 27.44 -21.34 17.61
C GLY B 26 28.57 -20.80 16.76
N TYR B 27 28.48 -20.89 15.43
CA TYR B 27 29.53 -20.38 14.56
C TYR B 27 28.96 -20.17 13.17
N ARG B 28 29.67 -19.36 12.38
CA ARG B 28 29.27 -19.11 11.00
C ARG B 28 29.33 -20.40 10.18
N PHE B 29 28.16 -20.88 9.75
CA PHE B 29 28.11 -22.15 9.03
C PHE B 29 28.81 -22.09 7.69
N ASN B 30 28.94 -20.90 7.10
CA ASN B 30 29.56 -20.76 5.80
C ASN B 30 31.07 -20.54 5.87
N PHE B 31 31.64 -20.38 7.07
CA PHE B 31 33.06 -20.12 7.22
C PHE B 31 33.89 -21.38 7.42
N TYR B 32 33.26 -22.56 7.49
CA TYR B 32 33.97 -23.80 7.72
C TYR B 32 33.38 -24.90 6.86
N HIS B 33 34.23 -25.86 6.49
CA HIS B 33 33.79 -27.00 5.71
C HIS B 33 33.05 -28.01 6.58
N ILE B 34 32.38 -28.95 5.92
CA ILE B 34 31.62 -30.00 6.60
C ILE B 34 32.13 -31.33 6.09
N ASN B 35 32.97 -31.99 6.88
CA ASN B 35 33.54 -33.28 6.50
C ASN B 35 32.71 -34.42 7.07
N TRP B 36 32.64 -35.52 6.32
CA TRP B 36 31.89 -36.71 6.69
C TRP B 36 32.85 -37.90 6.67
N ILE B 37 33.10 -38.48 7.84
CA ILE B 37 33.97 -39.64 7.97
C ILE B 37 33.19 -40.76 8.65
N ARG B 38 33.34 -41.97 8.13
CA ARG B 38 32.70 -43.16 8.69
C ARG B 38 33.78 -44.10 9.24
N GLN B 39 33.31 -45.15 9.92
CA GLN B 39 34.19 -46.14 10.51
C GLN B 39 33.44 -47.45 10.64
N THR B 40 33.88 -48.47 9.93
CA THR B 40 33.23 -49.78 9.92
C THR B 40 34.22 -50.86 10.33
N ALA B 41 33.69 -52.07 10.51
CA ALA B 41 34.52 -53.19 10.95
C ALA B 41 35.59 -53.53 9.91
N GLY B 42 35.30 -53.32 8.63
CA GLY B 42 36.21 -53.65 7.56
C GLY B 42 36.87 -52.41 6.99
N ARG B 43 38.20 -52.39 7.05
CA ARG B 43 39.08 -51.38 6.47
C ARG B 43 39.22 -50.13 7.36
N GLY B 44 38.64 -50.12 8.55
CA GLY B 44 38.87 -49.06 9.50
C GLY B 44 38.26 -47.73 9.14
N PRO B 45 38.70 -46.67 9.79
CA PRO B 45 38.12 -45.34 9.53
C PRO B 45 38.41 -44.90 8.11
N GLU B 46 37.37 -44.35 7.45
CA GLU B 46 37.45 -44.00 6.04
C GLU B 46 36.79 -42.65 5.84
N TRP B 47 37.58 -41.65 5.43
CA TRP B 47 37.04 -40.35 5.09
C TRP B 47 36.30 -40.42 3.77
N MET B 48 35.14 -39.76 3.71
CA MET B 48 34.27 -39.81 2.54
C MET B 48 34.34 -38.55 1.69
N GLY B 49 34.16 -37.39 2.29
CA GLY B 49 34.22 -36.15 1.54
C GLY B 49 33.78 -34.97 2.38
N TRP B 50 34.04 -33.79 1.84
CA TRP B 50 33.68 -32.53 2.48
C TRP B 50 32.98 -31.64 1.47
N ILE B 51 32.41 -30.54 1.97
CA ILE B 51 31.66 -29.60 1.13
C ILE B 51 31.75 -28.22 1.76
N SER B 52 31.87 -27.19 0.91
CA SER B 52 31.96 -25.81 1.37
C SER B 52 30.60 -25.15 1.24
N PRO B 53 29.92 -24.82 2.36
CA PRO B 53 28.59 -24.21 2.23
C PRO B 53 28.61 -22.85 1.56
N TYR B 54 29.73 -22.13 1.61
CA TYR B 54 29.80 -20.81 1.01
C TYR B 54 29.68 -20.88 -0.51
N SER B 55 30.52 -21.69 -1.14
CA SER B 55 30.54 -21.81 -2.60
C SER B 55 29.77 -23.02 -3.11
N GLY B 56 29.75 -24.12 -2.36
CA GLY B 56 29.13 -25.34 -2.80
C GLY B 56 30.06 -26.36 -3.41
N ASP B 57 31.37 -26.17 -3.28
CA ASP B 57 32.33 -27.11 -3.85
C ASP B 57 32.38 -28.39 -3.02
N LYS B 58 32.35 -29.53 -3.70
CA LYS B 58 32.42 -30.83 -3.06
C LYS B 58 33.65 -31.58 -3.55
N ASN B 59 34.07 -32.57 -2.77
CA ASN B 59 35.23 -33.40 -3.13
C ASN B 59 35.01 -34.77 -2.50
N LEU B 60 34.62 -35.73 -3.31
CA LEU B 60 34.32 -37.08 -2.85
C LEU B 60 35.50 -38.02 -3.13
N ALA B 61 35.62 -39.05 -2.28
CA ALA B 61 36.68 -40.02 -2.46
C ALA B 61 36.35 -40.98 -3.60
N PRO B 62 37.37 -41.55 -4.23
CA PRO B 62 37.10 -42.52 -5.32
C PRO B 62 36.24 -43.69 -4.88
N ALA B 63 36.29 -44.08 -3.61
CA ALA B 63 35.48 -45.19 -3.14
C ALA B 63 34.00 -44.80 -3.06
N PHE B 64 33.71 -43.52 -2.87
CA PHE B 64 32.34 -43.01 -2.80
C PHE B 64 32.10 -41.98 -3.91
N GLN B 65 32.70 -42.22 -5.08
CA GLN B 65 32.64 -41.24 -6.16
C GLN B 65 31.31 -41.28 -6.90
N ASP B 66 30.60 -42.42 -6.88
CA ASP B 66 29.40 -42.57 -7.68
C ASP B 66 28.25 -43.15 -6.87
N ARG B 67 28.19 -42.84 -5.57
CA ARG B 67 27.05 -43.31 -4.77
C ARG B 67 26.83 -42.49 -3.50
N VAL B 68 27.41 -41.30 -3.38
CA VAL B 68 27.21 -40.44 -2.22
C VAL B 68 26.96 -39.02 -2.70
N ILE B 69 25.93 -38.38 -2.15
CA ILE B 69 25.56 -37.02 -2.52
C ILE B 69 25.48 -36.19 -1.25
N MET B 70 26.14 -35.04 -1.26
CA MET B 70 26.18 -34.14 -0.10
C MET B 70 25.48 -32.83 -0.45
N THR B 71 24.66 -32.33 0.48
CA THR B 71 23.92 -31.10 0.29
C THR B 71 23.95 -30.29 1.57
N THR B 72 23.90 -28.98 1.43
CA THR B 72 23.88 -28.05 2.55
C THR B 72 22.82 -26.99 2.30
N ASP B 73 22.13 -26.59 3.37
CA ASP B 73 21.08 -25.59 3.27
C ASP B 73 21.69 -24.19 3.35
N THR B 74 20.84 -23.18 3.45
CA THR B 74 21.29 -21.80 3.53
C THR B 74 21.48 -21.39 4.99
N GLU B 75 22.37 -20.42 5.21
CA GLU B 75 22.70 -20.00 6.55
C GLU B 75 21.59 -19.12 7.13
N VAL B 76 21.23 -19.39 8.38
CA VAL B 76 20.25 -18.59 9.09
C VAL B 76 20.96 -17.75 10.15
N PRO B 77 21.18 -16.47 9.90
CA PRO B 77 21.93 -15.64 10.85
C PRO B 77 21.20 -15.49 12.18
N VAL B 78 21.99 -15.45 13.25
CA VAL B 78 21.49 -15.18 14.59
C VAL B 78 22.11 -13.91 15.16
N THR B 79 23.44 -13.82 15.12
CA THR B 79 24.18 -12.62 15.52
C THR B 79 25.08 -12.20 14.36
N SER B 80 25.97 -11.24 14.63
CA SER B 80 26.88 -10.76 13.60
C SER B 80 28.04 -11.72 13.37
N PHE B 81 28.36 -12.59 14.33
CA PHE B 81 29.48 -13.51 14.21
C PHE B 81 29.08 -14.97 14.34
N THR B 82 27.85 -15.27 14.74
CA THR B 82 27.37 -16.64 14.85
C THR B 82 26.10 -16.81 14.02
N SER B 83 25.76 -18.07 13.74
CA SER B 83 24.59 -18.39 12.93
C SER B 83 24.23 -19.85 13.15
N THR B 84 23.25 -20.33 12.38
CA THR B 84 22.81 -21.72 12.45
C THR B 84 22.62 -22.25 11.05
N GLY B 85 23.13 -23.47 10.82
CA GLY B 85 23.02 -24.10 9.52
C GLY B 85 22.70 -25.57 9.60
N ALA B 86 22.69 -26.24 8.44
CA ALA B 86 22.38 -27.66 8.38
C ALA B 86 23.05 -28.26 7.15
N ALA B 87 23.60 -29.47 7.32
CA ALA B 87 24.25 -30.20 6.24
C ALA B 87 23.71 -31.62 6.20
N TYR B 88 23.46 -32.12 5.00
CA TYR B 88 22.91 -33.46 4.80
C TYR B 88 23.91 -34.32 4.04
N MET B 89 23.55 -35.60 3.90
CA MET B 89 24.36 -36.55 3.16
C MET B 89 23.45 -37.68 2.70
N GLU B 90 23.56 -38.06 1.43
CA GLU B 90 22.73 -39.11 0.84
C GLU B 90 23.65 -40.15 0.21
N ILE B 91 23.78 -41.30 0.87
CA ILE B 91 24.56 -42.41 0.37
C ILE B 91 23.62 -43.48 -0.16
N ARG B 92 23.85 -43.93 -1.40
CA ARG B 92 23.01 -44.92 -2.05
C ARG B 92 23.77 -46.23 -2.22
N ASN B 93 23.03 -47.28 -2.56
CA ASN B 93 23.58 -48.61 -2.78
C ASN B 93 24.28 -49.11 -1.51
N LEU B 94 23.45 -49.31 -0.48
CA LEU B 94 23.96 -49.78 0.80
C LEU B 94 24.35 -51.25 0.72
N LYS B 95 25.49 -51.58 1.33
CA LYS B 95 25.99 -52.94 1.40
C LYS B 95 26.13 -53.35 2.85
N PHE B 96 26.59 -54.58 3.07
CA PHE B 96 26.77 -55.10 4.42
C PHE B 96 28.01 -54.53 5.10
N ASP B 97 28.98 -54.03 4.35
CA ASP B 97 30.17 -53.42 4.91
C ASP B 97 30.02 -51.92 5.15
N ASP B 98 28.79 -51.41 5.09
CA ASP B 98 28.52 -50.00 5.36
C ASP B 98 27.91 -49.77 6.74
N THR B 99 27.93 -50.78 7.60
CA THR B 99 27.36 -50.68 8.94
C THR B 99 28.39 -50.07 9.89
N GLY B 100 28.08 -48.89 10.42
CA GLY B 100 28.98 -48.22 11.32
C GLY B 100 28.41 -46.90 11.78
N THR B 101 29.28 -46.11 12.41
CA THR B 101 28.90 -44.79 12.92
C THR B 101 29.44 -43.71 11.98
N TYR B 102 28.58 -42.76 11.64
CA TYR B 102 28.92 -41.66 10.75
C TYR B 102 28.99 -40.36 11.53
N PHE B 103 30.01 -39.56 11.24
CA PHE B 103 30.26 -38.29 11.93
C PHE B 103 30.35 -37.16 10.92
N CYS B 104 29.83 -35.99 11.30
CA CYS B 104 30.04 -34.76 10.57
C CYS B 104 30.91 -33.83 11.40
N ALA B 105 31.93 -33.23 10.77
CA ALA B 105 32.92 -32.45 11.47
C ALA B 105 33.00 -31.05 10.88
N LYS B 106 33.28 -30.08 11.76
CA LYS B 106 33.47 -28.70 11.34
C LYS B 106 34.90 -28.48 10.85
N GLY B 107 35.04 -27.60 9.86
CA GLY B 107 36.35 -27.27 9.35
C GLY B 107 37.24 -26.66 10.41
N LEU B 108 38.54 -26.62 10.08
CA LEU B 108 39.54 -26.08 11.00
C LEU B 108 39.76 -24.59 10.79
N LEU B 109 40.20 -24.20 9.60
CA LEU B 109 40.52 -22.82 9.26
C LEU B 109 39.73 -22.38 8.05
N ARG B 110 39.87 -21.10 7.70
CA ARG B 110 39.28 -20.54 6.49
C ARG B 110 40.29 -20.44 5.36
N ASP B 111 41.50 -19.95 5.66
CA ASP B 111 42.57 -19.84 4.69
C ASP B 111 43.79 -20.58 5.19
N GLY B 112 44.68 -20.92 4.26
CA GLY B 112 45.89 -21.64 4.61
C GLY B 112 45.97 -23.01 3.96
N SER B 113 46.76 -23.91 4.56
CA SER B 113 46.95 -25.25 4.02
C SER B 113 46.06 -26.30 4.68
N SER B 114 45.38 -25.95 5.78
CA SER B 114 44.50 -26.88 6.49
C SER B 114 43.15 -26.19 6.75
N THR B 115 42.47 -25.82 5.66
CA THR B 115 41.18 -25.17 5.77
C THR B 115 40.04 -26.18 5.92
N TRP B 116 40.12 -27.28 5.19
CA TRP B 116 39.10 -28.33 5.23
C TRP B 116 39.33 -29.35 6.33
N LEU B 117 40.41 -29.22 7.09
CA LEU B 117 40.74 -30.24 8.09
C LEU B 117 39.64 -30.31 9.14
N PRO B 118 39.13 -31.49 9.47
CA PRO B 118 38.08 -31.60 10.48
C PRO B 118 38.64 -31.32 11.87
N TYR B 119 37.95 -30.45 12.62
CA TYR B 119 38.34 -30.10 13.97
C TYR B 119 37.23 -30.35 14.98
N LEU B 120 36.08 -29.71 14.81
CA LEU B 120 34.95 -29.86 15.74
C LEU B 120 33.99 -30.90 15.18
N TRP B 121 33.81 -31.99 15.92
CA TRP B 121 32.99 -33.11 15.49
C TRP B 121 31.63 -33.07 16.19
N GLY B 122 30.75 -33.98 15.76
CA GLY B 122 29.44 -34.14 16.35
C GLY B 122 29.38 -35.30 17.32
N GLN B 123 28.17 -35.84 17.50
CA GLN B 123 27.97 -36.98 18.38
C GLN B 123 27.90 -38.30 17.63
N GLY B 124 27.70 -38.27 16.32
CA GLY B 124 27.68 -39.49 15.52
C GLY B 124 26.32 -40.17 15.46
N THR B 125 25.93 -40.59 14.26
CA THR B 125 24.67 -41.30 14.04
C THR B 125 24.99 -42.71 13.59
N LEU B 126 24.60 -43.70 14.39
CA LEU B 126 24.89 -45.09 14.09
C LEU B 126 23.93 -45.61 13.02
N LEU B 127 24.47 -46.31 12.03
CA LEU B 127 23.69 -46.87 10.94
C LEU B 127 23.92 -48.38 10.87
N THR B 128 22.84 -49.14 10.89
CA THR B 128 22.90 -50.59 10.80
C THR B 128 22.21 -51.05 9.52
N VAL B 129 22.91 -51.85 8.73
CA VAL B 129 22.40 -52.36 7.46
C VAL B 129 22.14 -53.85 7.63
N SER B 130 20.86 -54.22 7.65
CA SER B 130 20.47 -55.62 7.81
C SER B 130 19.07 -55.80 7.26
N SER B 131 18.68 -57.07 7.07
CA SER B 131 17.37 -57.41 6.55
C SER B 131 16.34 -57.70 7.64
N ALA B 132 16.78 -57.80 8.89
CA ALA B 132 15.84 -58.06 9.98
C ALA B 132 15.08 -56.79 10.36
N SER B 133 13.84 -56.99 10.80
CA SER B 133 12.97 -55.88 11.13
C SER B 133 13.27 -55.34 12.53
N THR B 134 12.68 -54.18 12.83
CA THR B 134 12.88 -53.56 14.14
C THR B 134 12.07 -54.30 15.20
N LYS B 135 12.74 -54.67 16.29
CA LYS B 135 12.12 -55.38 17.41
C LYS B 135 12.19 -54.52 18.66
N GLY B 136 11.07 -54.42 19.37
CA GLY B 136 11.00 -53.62 20.57
C GLY B 136 11.74 -54.27 21.73
N PRO B 137 12.30 -53.45 22.61
CA PRO B 137 13.04 -53.99 23.76
C PRO B 137 12.09 -54.49 24.84
N SER B 138 12.66 -55.25 25.78
CA SER B 138 11.93 -55.81 26.92
C SER B 138 12.68 -55.43 28.18
N VAL B 139 12.17 -54.43 28.90
CA VAL B 139 12.81 -53.92 30.11
C VAL B 139 12.36 -54.74 31.30
N PHE B 140 13.32 -55.22 32.09
CA PHE B 140 13.04 -56.00 33.28
C PHE B 140 13.69 -55.35 34.50
N PRO B 141 12.98 -55.28 35.62
CA PRO B 141 13.58 -54.70 36.83
C PRO B 141 14.56 -55.67 37.48
N LEU B 142 15.67 -55.11 37.96
CA LEU B 142 16.71 -55.89 38.63
C LEU B 142 16.59 -55.72 40.13
N ALA B 143 16.70 -56.83 40.86
CA ALA B 143 16.62 -56.78 42.31
C ALA B 143 17.92 -56.22 42.90
N PRO B 144 17.83 -55.31 43.86
CA PRO B 144 19.06 -54.75 44.45
C PRO B 144 19.87 -55.82 45.14
N SER B 145 21.18 -55.58 45.22
CA SER B 145 22.12 -56.50 45.86
C SER B 145 22.91 -55.74 46.92
N SER B 146 23.82 -56.46 47.58
CA SER B 146 24.65 -55.89 48.65
C SER B 146 26.05 -55.65 48.10
N LYS B 147 26.41 -54.38 47.97
CA LYS B 147 27.75 -54.02 47.52
C LYS B 147 28.74 -53.87 48.65
N SER B 148 28.27 -53.46 49.84
CA SER B 148 29.13 -53.31 51.00
C SER B 148 28.27 -53.35 52.24
N THR B 149 28.49 -54.35 53.10
CA THR B 149 27.72 -54.44 54.34
C THR B 149 28.19 -53.42 55.37
N SER B 150 29.51 -53.20 55.47
CA SER B 150 30.05 -52.22 56.40
C SER B 150 30.00 -50.80 55.87
N GLY B 151 29.74 -50.62 54.58
CA GLY B 151 29.68 -49.29 54.00
C GLY B 151 28.27 -48.74 53.89
N GLY B 152 27.28 -49.64 53.93
CA GLY B 152 25.89 -49.23 53.83
C GLY B 152 25.48 -48.77 52.45
N THR B 153 25.87 -49.51 51.42
CA THR B 153 25.54 -49.19 50.03
C THR B 153 24.82 -50.36 49.38
N ALA B 154 24.22 -50.08 48.22
CA ALA B 154 23.49 -51.09 47.46
C ALA B 154 23.70 -50.80 45.98
N ALA B 155 22.94 -51.51 45.13
CA ALA B 155 23.05 -51.34 43.69
C ALA B 155 21.79 -51.89 43.04
N LEU B 156 21.08 -51.03 42.31
CA LEU B 156 19.85 -51.42 41.63
C LEU B 156 19.86 -50.81 40.23
N GLY B 157 19.08 -51.42 39.33
CA GLY B 157 19.03 -50.95 37.97
C GLY B 157 17.94 -51.63 37.18
N CYS B 158 18.00 -51.46 35.87
CA CYS B 158 17.03 -52.04 34.95
C CYS B 158 17.75 -52.83 33.87
N LEU B 159 17.03 -53.80 33.29
CA LEU B 159 17.59 -54.74 32.32
C LEU B 159 16.84 -54.61 31.00
N VAL B 160 17.56 -54.24 29.95
CA VAL B 160 17.02 -54.15 28.60
C VAL B 160 17.45 -55.41 27.83
N LYS B 161 16.49 -56.08 27.22
CA LYS B 161 16.74 -57.37 26.59
C LYS B 161 15.99 -57.47 25.26
N ASP B 162 16.62 -58.12 24.28
CA ASP B 162 16.01 -58.44 22.99
C ASP B 162 15.61 -57.16 22.24
N TYR B 163 16.64 -56.43 21.84
CA TYR B 163 16.47 -55.23 21.02
C TYR B 163 17.37 -55.33 19.80
N PHE B 164 16.78 -55.19 18.61
CA PHE B 164 17.61 -55.16 17.41
C PHE B 164 17.96 -53.70 17.12
N PRO B 165 18.28 -53.31 15.86
CA PRO B 165 19.36 -52.33 15.63
C PRO B 165 19.59 -51.39 16.79
N GLU B 166 20.85 -51.27 17.21
CA GLU B 166 21.17 -50.62 18.48
C GLU B 166 21.32 -49.10 18.38
N PRO B 167 20.30 -48.34 18.72
CA PRO B 167 20.52 -47.07 19.40
C PRO B 167 19.64 -46.98 20.63
N VAL B 168 20.21 -47.24 21.82
CA VAL B 168 19.42 -47.30 23.06
C VAL B 168 20.07 -46.42 24.10
N THR B 169 19.24 -45.64 24.79
CA THR B 169 19.67 -44.77 25.88
C THR B 169 18.81 -45.05 27.10
N VAL B 170 19.45 -45.05 28.27
CA VAL B 170 18.77 -45.33 29.54
C VAL B 170 19.08 -44.20 30.50
N SER B 171 18.04 -43.54 30.99
CA SER B 171 18.14 -42.48 31.98
C SER B 171 17.39 -42.89 33.25
N TRP B 172 17.36 -41.99 34.23
CA TRP B 172 16.72 -42.25 35.51
C TRP B 172 16.00 -41.01 35.99
N ASN B 173 14.72 -41.16 36.33
CA ASN B 173 13.92 -40.06 36.88
C ASN B 173 13.90 -38.87 35.94
N SER B 174 13.72 -39.13 34.65
CA SER B 174 13.68 -38.07 33.63
C SER B 174 14.96 -37.24 33.64
N GLY B 175 16.09 -37.91 33.89
CA GLY B 175 17.38 -37.25 33.92
C GLY B 175 17.74 -36.61 35.23
N ALA B 176 17.14 -37.04 36.33
CA ALA B 176 17.44 -36.46 37.65
C ALA B 176 18.53 -37.23 38.39
N LEU B 177 18.48 -38.56 38.35
CA LEU B 177 19.46 -39.40 39.04
C LEU B 177 20.49 -39.87 38.02
N THR B 178 21.58 -39.12 37.91
CA THR B 178 22.68 -39.46 37.02
C THR B 178 23.96 -39.80 37.77
N SER B 179 23.93 -39.83 39.10
CA SER B 179 25.11 -40.13 39.90
C SER B 179 25.16 -41.62 40.18
N GLY B 180 26.28 -42.26 39.82
CA GLY B 180 26.46 -43.68 40.05
C GLY B 180 25.90 -44.58 38.97
N VAL B 181 25.52 -44.03 37.83
CA VAL B 181 24.95 -44.84 36.75
C VAL B 181 26.07 -45.56 36.02
N HIS B 182 25.90 -46.88 35.83
CA HIS B 182 26.87 -47.72 35.13
C HIS B 182 26.11 -48.54 34.10
N THR B 183 26.03 -48.03 32.87
CA THR B 183 25.35 -48.73 31.79
C THR B 183 26.37 -49.53 30.99
N PHE B 184 26.14 -50.84 30.87
CA PHE B 184 27.07 -51.72 30.18
C PHE B 184 26.62 -51.95 28.74
N PRO B 185 27.57 -52.18 27.83
CA PRO B 185 27.22 -52.43 26.44
C PRO B 185 26.37 -53.69 26.30
N ALA B 186 25.84 -53.89 25.09
CA ALA B 186 24.98 -55.02 24.80
C ALA B 186 25.81 -56.21 24.32
N VAL B 187 25.13 -57.32 24.05
CA VAL B 187 25.75 -58.56 23.62
C VAL B 187 25.13 -58.99 22.30
N LEU B 188 25.97 -59.42 21.36
CA LEU B 188 25.52 -59.90 20.06
C LEU B 188 25.27 -61.40 20.15
N GLN B 189 23.99 -61.78 20.16
CA GLN B 189 23.61 -63.19 20.28
C GLN B 189 23.76 -63.88 18.93
N SER B 190 23.34 -65.15 18.85
CA SER B 190 23.39 -65.91 17.62
C SER B 190 22.15 -65.73 16.75
N SER B 191 21.14 -65.00 17.23
CA SER B 191 19.93 -64.77 16.47
C SER B 191 19.88 -63.39 15.81
N GLY B 192 20.68 -62.44 16.29
CA GLY B 192 20.68 -61.09 15.76
C GLY B 192 20.10 -60.05 16.68
N LEU B 193 19.88 -60.36 17.95
CA LEU B 193 19.31 -59.42 18.91
C LEU B 193 20.36 -59.07 19.97
N TYR B 194 20.41 -57.80 20.33
CA TYR B 194 21.31 -57.32 21.37
C TYR B 194 20.59 -57.27 22.71
N SER B 195 21.37 -57.00 23.76
CA SER B 195 20.82 -56.88 25.11
C SER B 195 21.85 -56.31 26.07
N LEU B 196 21.56 -55.14 26.63
CA LEU B 196 22.46 -54.46 27.55
C LEU B 196 21.87 -54.48 28.96
N SER B 197 22.49 -53.72 29.86
CA SER B 197 22.06 -53.67 31.25
C SER B 197 22.43 -52.32 31.85
N SER B 198 21.73 -51.95 32.91
CA SER B 198 21.98 -50.70 33.61
C SER B 198 21.86 -50.95 35.12
N VAL B 199 22.66 -50.20 35.88
CA VAL B 199 22.69 -50.35 37.34
C VAL B 199 23.21 -49.05 37.93
N VAL B 200 22.63 -48.66 39.06
CA VAL B 200 23.01 -47.45 39.77
C VAL B 200 23.30 -47.82 41.22
N THR B 201 24.44 -47.35 41.74
CA THR B 201 24.84 -47.62 43.11
C THR B 201 24.30 -46.53 44.02
N VAL B 202 23.41 -46.91 44.94
CA VAL B 202 22.79 -45.96 45.87
C VAL B 202 22.90 -46.51 47.29
N PRO B 203 22.97 -45.65 48.30
CA PRO B 203 23.03 -46.14 49.68
C PRO B 203 21.77 -46.91 50.05
N SER B 204 21.86 -47.62 51.17
CA SER B 204 20.76 -48.45 51.65
C SER B 204 19.79 -47.70 52.56
N SER B 205 20.16 -46.51 53.02
CA SER B 205 19.30 -45.72 53.91
C SER B 205 18.18 -45.00 53.16
N SER B 206 18.07 -45.18 51.85
CA SER B 206 17.07 -44.50 51.04
C SER B 206 16.03 -45.52 50.60
N LEU B 207 14.83 -45.45 51.18
CA LEU B 207 13.73 -46.33 50.80
C LEU B 207 12.50 -45.51 50.39
N GLY B 208 11.86 -44.82 51.32
CA GLY B 208 10.71 -43.99 50.99
C GLY B 208 11.06 -42.53 50.83
N THR B 209 12.32 -42.25 50.50
CA THR B 209 12.80 -40.89 50.32
C THR B 209 13.23 -40.60 48.89
N GLN B 210 13.15 -41.57 47.98
CA GLN B 210 13.54 -41.38 46.60
C GLN B 210 12.81 -42.38 45.73
N THR B 211 12.32 -41.92 44.58
CA THR B 211 11.61 -42.78 43.63
C THR B 211 12.55 -43.16 42.50
N TYR B 212 12.68 -44.47 42.27
CA TYR B 212 13.55 -45.01 41.23
C TYR B 212 12.72 -45.34 40.01
N ILE B 213 12.92 -44.58 38.92
CA ILE B 213 12.20 -44.78 37.67
C ILE B 213 13.22 -44.69 36.54
N CYS B 214 13.50 -45.82 35.90
CA CYS B 214 14.42 -45.88 34.77
C CYS B 214 13.65 -45.65 33.47
N ASN B 215 14.15 -44.75 32.64
CA ASN B 215 13.49 -44.38 31.39
C ASN B 215 14.28 -44.97 30.23
N VAL B 216 13.77 -46.05 29.66
CA VAL B 216 14.38 -46.72 28.51
C VAL B 216 13.67 -46.25 27.26
N ASN B 217 14.41 -45.64 26.34
CA ASN B 217 13.86 -45.09 25.10
C ASN B 217 14.48 -45.80 23.91
N HIS B 218 13.62 -46.28 23.01
CA HIS B 218 14.05 -46.92 21.77
C HIS B 218 13.26 -46.28 20.63
N LYS B 219 13.92 -45.38 19.89
CA LYS B 219 13.28 -44.59 18.86
C LYS B 219 12.90 -45.43 17.64
N PRO B 220 13.78 -46.32 17.16
CA PRO B 220 13.42 -47.14 15.99
C PRO B 220 12.09 -47.85 16.12
N SER B 221 11.72 -48.30 17.32
CA SER B 221 10.45 -48.97 17.53
C SER B 221 9.35 -48.03 17.99
N ASN B 222 9.67 -46.77 18.28
CA ASN B 222 8.69 -45.78 18.69
C ASN B 222 7.96 -46.23 19.97
N THR B 223 8.75 -46.65 20.96
CA THR B 223 8.22 -47.12 22.23
C THR B 223 9.11 -46.64 23.36
N LYS B 224 8.48 -46.18 24.45
CA LYS B 224 9.18 -45.76 25.65
C LYS B 224 8.64 -46.52 26.84
N VAL B 225 9.53 -46.98 27.72
CA VAL B 225 9.18 -47.79 28.87
C VAL B 225 9.67 -47.07 30.13
N ASP B 226 8.79 -47.00 31.13
CA ASP B 226 9.11 -46.41 32.43
C ASP B 226 8.85 -47.45 33.50
N LYS B 227 9.92 -47.97 34.09
CA LYS B 227 9.82 -49.02 35.10
C LYS B 227 10.13 -48.45 36.48
N ARG B 228 9.46 -49.00 37.49
CA ARG B 228 9.63 -48.60 38.87
C ARG B 228 10.44 -49.67 39.59
N VAL B 229 11.69 -49.34 39.92
CA VAL B 229 12.58 -50.29 40.60
C VAL B 229 12.16 -50.40 42.06
N GLU B 230 11.97 -51.63 42.52
CA GLU B 230 11.56 -51.85 43.90
C GLU B 230 12.74 -51.60 44.83
N PRO B 231 12.59 -50.75 45.86
CA PRO B 231 13.70 -50.54 46.80
C PRO B 231 13.92 -51.68 47.78
N LYS B 232 13.05 -52.68 47.79
CA LYS B 232 13.18 -53.82 48.69
C LYS B 232 14.01 -54.89 48.01
N SER B 233 15.18 -55.19 48.57
CA SER B 233 16.10 -56.15 47.99
C SER B 233 15.80 -57.56 48.50
N CYS B 234 16.53 -58.54 47.96
CA CYS B 234 16.39 -59.93 48.37
C CYS B 234 17.72 -60.59 48.71
N ASP B 235 18.83 -59.85 48.66
CA ASP B 235 20.13 -60.41 48.98
C ASP B 235 20.29 -60.58 50.48
N LYS B 236 20.84 -61.72 50.89
CA LYS B 236 21.03 -61.99 52.31
C LYS B 236 22.17 -61.19 52.93
N GLY B 237 22.98 -60.51 52.12
CA GLY B 237 24.06 -59.70 52.64
C GLY B 237 23.64 -58.27 52.88
N LEU B 238 22.53 -57.86 52.27
CA LEU B 238 22.02 -56.51 52.42
C LEU B 238 20.89 -56.40 53.45
N GLU B 239 20.18 -57.50 53.73
CA GLU B 239 19.11 -57.47 54.71
C GLU B 239 19.64 -57.23 56.13
N VAL B 240 20.94 -57.40 56.35
CA VAL B 240 21.50 -57.11 57.67
C VAL B 240 21.45 -55.62 57.97
N LEU B 241 21.38 -54.77 56.95
CA LEU B 241 21.32 -53.32 57.14
C LEU B 241 19.89 -52.81 57.31
N PHE B 242 18.89 -53.54 56.83
CA PHE B 242 17.51 -53.12 56.96
C PHE B 242 16.85 -53.77 58.18
N SER C 2 43.88 -50.52 4.48
CA SER C 2 44.43 -49.17 4.53
C SER C 2 45.85 -49.12 3.97
N VAL C 3 46.16 -48.05 3.24
CA VAL C 3 47.50 -47.89 2.66
C VAL C 3 48.47 -47.18 3.59
N LEU C 4 48.00 -46.65 4.71
CA LEU C 4 48.84 -46.00 5.70
C LEU C 4 48.99 -46.92 6.90
N THR C 5 50.22 -47.26 7.25
CA THR C 5 50.52 -48.23 8.30
C THR C 5 51.07 -47.52 9.52
N GLN C 6 50.50 -47.82 10.69
CA GLN C 6 50.97 -47.31 11.96
C GLN C 6 51.62 -48.44 12.75
N SER C 7 51.73 -48.27 14.07
CA SER C 7 52.23 -49.31 14.95
C SER C 7 51.06 -50.10 15.52
N ALA C 8 51.11 -51.42 15.40
CA ALA C 8 50.01 -52.24 15.88
C ALA C 8 49.77 -52.02 17.38
N SER C 9 50.84 -51.95 18.17
CA SER C 9 50.72 -51.74 19.60
C SER C 9 51.92 -50.95 20.09
N VAL C 10 51.70 -50.16 21.15
CA VAL C 10 52.75 -49.37 21.77
C VAL C 10 52.38 -49.15 23.22
N SER C 11 53.40 -49.03 24.07
CA SER C 11 53.19 -48.91 25.50
C SER C 11 54.12 -47.86 26.08
N GLY C 12 53.81 -47.44 27.30
CA GLY C 12 54.60 -46.44 28.00
C GLY C 12 54.16 -46.27 29.45
N SER C 13 55.12 -46.08 30.35
CA SER C 13 54.81 -45.95 31.76
C SER C 13 54.29 -44.56 32.09
N LEU C 14 53.69 -44.43 33.27
CA LEU C 14 53.16 -43.15 33.71
C LEU C 14 54.29 -42.14 33.97
N GLY C 15 54.00 -40.87 33.72
CA GLY C 15 54.98 -39.82 33.92
C GLY C 15 56.10 -39.79 32.91
N GLN C 16 56.04 -40.61 31.86
CA GLN C 16 57.09 -40.65 30.85
C GLN C 16 56.54 -40.24 29.49
N SER C 17 57.27 -40.58 28.42
CA SER C 17 56.86 -40.26 27.07
C SER C 17 56.60 -41.56 26.29
N VAL C 18 56.13 -41.40 25.06
CA VAL C 18 55.83 -42.53 24.19
C VAL C 18 55.78 -42.03 22.76
N THR C 19 56.37 -42.81 21.86
CA THR C 19 56.45 -42.45 20.44
C THR C 19 55.61 -43.41 19.62
N ILE C 20 54.86 -42.86 18.67
CA ILE C 20 54.00 -43.64 17.78
C ILE C 20 54.44 -43.41 16.34
N SER C 21 54.55 -44.49 15.58
CA SER C 21 54.98 -44.42 14.19
C SER C 21 53.79 -44.38 13.25
N CYS C 22 54.03 -43.82 12.06
CA CYS C 22 52.96 -43.65 11.06
C CYS C 22 53.65 -43.45 9.70
N THR C 23 53.90 -44.56 9.01
CA THR C 23 54.65 -44.54 7.77
C THR C 23 53.84 -45.22 6.66
N GLY C 24 54.43 -45.27 5.47
CA GLY C 24 53.79 -45.86 4.32
C GLY C 24 54.55 -45.55 3.04
N PRO C 25 53.95 -45.88 1.90
CA PRO C 25 54.60 -45.60 0.61
C PRO C 25 54.78 -44.10 0.40
N ASN C 26 55.57 -43.77 -0.63
CA ASN C 26 55.84 -42.37 -0.94
C ASN C 26 54.60 -41.62 -1.43
N SER C 27 53.59 -42.34 -1.93
CA SER C 27 52.39 -41.67 -2.43
C SER C 27 51.54 -41.09 -1.32
N VAL C 28 51.76 -41.50 -0.07
CA VAL C 28 50.99 -41.00 1.05
C VAL C 28 51.84 -40.40 2.16
N CYS C 29 53.12 -40.78 2.27
CA CYS C 29 53.97 -40.27 3.34
C CYS C 29 55.42 -40.38 2.91
N CYS C 30 56.19 -39.33 3.16
CA CYS C 30 55.66 -38.12 3.78
C CYS C 30 56.13 -36.87 3.04
N SER C 31 56.83 -37.08 1.93
CA SER C 31 57.32 -35.95 1.14
C SER C 31 56.14 -35.21 0.52
N HIS C 32 56.11 -33.89 0.74
CA HIS C 32 55.01 -33.05 0.24
C HIS C 32 53.67 -33.49 0.81
N LYS C 33 53.66 -33.96 2.05
CA LYS C 33 52.45 -34.42 2.71
C LYS C 33 52.43 -33.90 4.14
N SER C 34 51.22 -33.64 4.63
CA SER C 34 51.02 -33.18 6.01
C SER C 34 50.49 -34.32 6.87
N ILE C 35 50.74 -34.21 8.17
CA ILE C 35 50.37 -35.24 9.14
C ILE C 35 49.54 -34.60 10.23
N SER C 36 48.50 -35.31 10.68
CA SER C 36 47.64 -34.86 11.77
C SER C 36 47.28 -36.05 12.64
N TRP C 37 47.11 -35.78 13.93
CA TRP C 37 46.81 -36.82 14.91
C TRP C 37 45.46 -36.55 15.56
N TYR C 38 44.86 -37.62 16.09
CA TYR C 38 43.56 -37.53 16.73
C TYR C 38 43.48 -38.51 17.89
N GLN C 39 42.79 -38.09 18.95
CA GLN C 39 42.47 -38.97 20.07
C GLN C 39 41.04 -39.47 19.87
N TRP C 40 40.90 -40.72 19.46
CA TRP C 40 39.61 -41.29 19.06
C TRP C 40 39.25 -42.45 19.97
N PRO C 41 38.60 -42.20 21.11
CA PRO C 41 38.09 -43.30 21.93
C PRO C 41 37.00 -44.06 21.21
N PRO C 42 37.03 -45.39 21.25
CA PRO C 42 36.01 -46.18 20.54
C PRO C 42 34.62 -45.87 21.05
N GLY C 43 33.74 -45.44 20.13
CA GLY C 43 32.37 -45.13 20.46
C GLY C 43 32.11 -43.69 20.86
N ARG C 44 33.15 -42.89 21.08
CA ARG C 44 33.01 -41.50 21.48
C ARG C 44 33.40 -40.59 20.31
N ALA C 45 33.44 -39.29 20.58
CA ALA C 45 33.81 -38.31 19.57
C ALA C 45 35.32 -38.06 19.63
N PRO C 46 36.01 -38.03 18.49
CA PRO C 46 37.45 -37.78 18.51
C PRO C 46 37.78 -36.35 18.87
N THR C 47 39.05 -36.13 19.24
CA THR C 47 39.56 -34.82 19.62
C THR C 47 40.84 -34.55 18.84
N LEU C 48 40.87 -33.46 18.09
CA LEU C 48 42.05 -33.10 17.32
C LEU C 48 43.20 -32.74 18.25
N ILE C 49 44.36 -33.34 18.02
CA ILE C 49 45.50 -33.13 18.88
C ILE C 49 46.53 -32.27 18.16
N ILE C 50 47.03 -32.77 17.03
CA ILE C 50 48.10 -32.14 16.29
C ILE C 50 47.67 -31.95 14.85
N TYR C 51 47.92 -30.76 14.30
CA TYR C 51 47.62 -30.44 12.90
C TYR C 51 48.79 -29.71 12.28
N GLU C 52 48.89 -29.82 10.95
CA GLU C 52 49.99 -29.22 10.20
C GLU C 52 51.33 -29.67 10.78
N ASP C 53 51.51 -30.98 10.87
CA ASP C 53 52.74 -31.58 11.39
C ASP C 53 52.96 -31.23 12.86
N ASN C 54 53.86 -30.30 13.14
CA ASN C 54 54.26 -29.99 14.52
C ASN C 54 53.52 -28.78 15.08
N GLU C 55 52.20 -28.75 14.94
CA GLU C 55 51.38 -27.66 15.47
C GLU C 55 50.19 -28.26 16.22
N ARG C 56 50.05 -27.88 17.49
CA ARG C 56 48.97 -28.42 18.31
C ARG C 56 47.66 -27.71 18.02
N ALA C 57 46.56 -28.40 18.33
CA ALA C 57 45.23 -27.85 18.14
C ALA C 57 44.85 -26.96 19.32
N PRO C 58 43.89 -26.05 19.12
CA PRO C 58 43.47 -25.18 20.22
C PRO C 58 42.94 -25.99 21.40
N GLY C 59 43.31 -25.55 22.60
CA GLY C 59 42.88 -26.22 23.81
C GLY C 59 43.61 -27.51 24.14
N ILE C 60 44.69 -27.82 23.42
CA ILE C 60 45.47 -29.03 23.66
C ILE C 60 46.65 -28.68 24.56
N SER C 61 46.86 -29.48 25.61
CA SER C 61 47.96 -29.23 26.52
C SER C 61 49.29 -29.39 25.78
N PRO C 62 50.33 -28.66 26.20
CA PRO C 62 51.63 -28.77 25.54
C PRO C 62 52.35 -30.08 25.85
N ARG C 63 51.62 -31.05 26.42
CA ARG C 63 52.20 -32.36 26.69
C ARG C 63 52.39 -33.19 25.43
N PHE C 64 51.81 -32.78 24.32
CA PHE C 64 51.94 -33.48 23.05
C PHE C 64 52.96 -32.78 22.16
N SER C 65 53.55 -33.55 21.25
CA SER C 65 54.52 -33.02 20.30
C SER C 65 54.67 -34.00 19.15
N GLY C 66 54.83 -33.45 17.94
CA GLY C 66 54.97 -34.27 16.76
C GLY C 66 56.21 -33.90 15.96
N TYR C 67 56.55 -34.79 15.03
CA TYR C 67 57.72 -34.58 14.18
C TYR C 67 57.57 -35.47 12.94
N LYS C 68 57.72 -34.87 11.76
CA LYS C 68 57.61 -35.58 10.49
C LYS C 68 58.96 -35.56 9.79
N SER C 69 59.44 -36.74 9.41
CA SER C 69 60.67 -36.86 8.64
C SER C 69 60.30 -36.91 7.16
N TYR C 70 61.20 -37.42 6.32
CA TYR C 70 60.91 -37.59 4.90
C TYR C 70 60.26 -38.92 4.59
N TRP C 71 60.06 -39.77 5.59
CA TRP C 71 59.46 -41.09 5.38
C TRP C 71 58.47 -41.51 6.45
N SER C 72 58.41 -40.83 7.60
CA SER C 72 57.49 -41.21 8.65
C SER C 72 57.31 -40.04 9.61
N ALA C 73 56.19 -40.06 10.32
CA ALA C 73 55.87 -39.06 11.33
C ALA C 73 55.75 -39.72 12.69
N TYR C 74 56.03 -38.96 13.74
CA TYR C 74 56.03 -39.47 15.10
C TYR C 74 55.22 -38.55 16.00
N LEU C 75 54.66 -39.13 17.06
CA LEU C 75 53.90 -38.39 18.06
C LEU C 75 54.43 -38.74 19.44
N THR C 76 54.85 -37.71 20.18
CA THR C 76 55.42 -37.89 21.51
C THR C 76 54.46 -37.32 22.54
N ILE C 77 54.04 -38.15 23.49
CA ILE C 77 53.12 -37.73 24.54
C ILE C 77 53.86 -37.75 25.88
N SER C 78 54.42 -36.62 26.28
CA SER C 78 55.17 -36.54 27.52
C SER C 78 54.24 -36.50 28.72
N ASP C 79 54.71 -37.05 29.83
CA ASP C 79 53.92 -37.13 31.06
C ASP C 79 52.59 -37.83 30.79
N LEU C 80 52.63 -39.15 30.67
CA LEU C 80 51.45 -39.91 30.32
C LEU C 80 50.38 -39.81 31.40
N ARG C 81 49.12 -39.86 30.98
CA ARG C 81 47.96 -39.83 31.85
C ARG C 81 47.16 -41.11 31.73
N PRO C 82 46.43 -41.50 32.77
CA PRO C 82 45.60 -42.71 32.66
C PRO C 82 44.55 -42.64 31.57
N GLU C 83 44.03 -41.44 31.27
CA GLU C 83 43.02 -41.30 30.24
C GLU C 83 43.58 -41.31 28.83
N ASP C 84 44.90 -41.27 28.68
CA ASP C 84 45.51 -41.33 27.36
C ASP C 84 45.52 -42.74 26.78
N GLU C 85 45.19 -43.76 27.58
CA GLU C 85 45.18 -45.14 27.12
C GLU C 85 43.99 -45.36 26.21
N THR C 86 44.18 -45.04 24.93
CA THR C 86 43.13 -45.17 23.94
C THR C 86 43.78 -45.39 22.58
N THR C 87 42.96 -45.34 21.52
CA THR C 87 43.41 -45.55 20.16
C THR C 87 43.70 -44.20 19.50
N TYR C 88 44.81 -44.14 18.76
CA TYR C 88 45.24 -42.92 18.08
C TYR C 88 45.43 -43.22 16.60
N TYR C 89 44.87 -42.35 15.75
CA TYR C 89 44.98 -42.47 14.31
C TYR C 89 45.73 -41.28 13.74
N CYS C 90 46.44 -41.50 12.64
CA CYS C 90 47.16 -40.45 11.93
C CYS C 90 46.56 -40.28 10.55
N CYS C 91 46.58 -39.04 10.05
CA CYS C 91 46.11 -38.75 8.70
C CYS C 91 47.23 -38.13 7.88
N SER C 92 47.17 -38.36 6.57
CA SER C 92 48.06 -37.75 5.60
C SER C 92 47.22 -36.94 4.62
N TYR C 93 47.53 -35.65 4.49
CA TYR C 93 46.74 -34.77 3.64
C TYR C 93 47.65 -33.69 3.08
N THR C 94 47.07 -32.88 2.19
CA THR C 94 47.76 -31.74 1.60
C THR C 94 46.79 -30.56 1.64
N HIS C 95 47.03 -29.58 0.76
CA HIS C 95 46.16 -28.44 0.63
C HIS C 95 45.02 -28.66 -0.36
N ASN C 96 45.09 -29.71 -1.16
CA ASN C 96 44.10 -29.99 -2.19
C ASN C 96 43.43 -31.35 -2.05
N SER C 97 44.19 -32.38 -1.71
CA SER C 97 43.63 -33.72 -1.60
C SER C 97 42.80 -33.84 -0.31
N GLY C 98 42.31 -35.05 -0.06
CA GLY C 98 41.56 -35.35 1.14
C GLY C 98 42.42 -36.00 2.20
N CYS C 99 41.80 -36.81 3.06
CA CYS C 99 42.50 -37.52 4.11
C CYS C 99 42.57 -39.01 3.81
N VAL C 100 43.59 -39.66 4.35
CA VAL C 100 43.77 -41.10 4.25
C VAL C 100 44.21 -41.59 5.63
N PHE C 101 43.30 -42.25 6.35
CA PHE C 101 43.60 -42.71 7.70
C PHE C 101 44.58 -43.87 7.69
N GLY C 102 45.08 -44.21 8.87
CA GLY C 102 46.00 -45.32 9.04
C GLY C 102 45.32 -46.55 9.61
N THR C 103 46.15 -47.49 10.07
CA THR C 103 45.64 -48.73 10.63
C THR C 103 45.22 -48.57 12.08
N GLY C 104 45.80 -47.63 12.80
CA GLY C 104 45.47 -47.40 14.19
C GLY C 104 46.59 -47.85 15.11
N THR C 105 46.55 -47.33 16.34
CA THR C 105 47.55 -47.64 17.36
C THR C 105 46.87 -47.73 18.71
N LYS C 106 46.94 -48.91 19.33
CA LYS C 106 46.39 -49.13 20.66
C LYS C 106 47.47 -48.85 21.70
N VAL C 107 47.38 -47.72 22.37
CA VAL C 107 48.37 -47.32 23.36
C VAL C 107 47.95 -47.87 24.72
N SER C 108 48.83 -48.63 25.35
CA SER C 108 48.60 -49.22 26.67
C SER C 108 49.58 -48.57 27.65
N VAL C 109 49.06 -47.67 28.48
CA VAL C 109 49.87 -46.96 29.46
C VAL C 109 50.16 -47.89 30.62
N LEU C 110 51.42 -48.30 30.77
CA LEU C 110 51.82 -49.18 31.85
C LEU C 110 52.06 -48.38 33.13
N GLY C 111 52.38 -49.08 34.21
CA GLY C 111 52.65 -48.45 35.48
C GLY C 111 51.43 -47.97 36.24
N GLN C 112 50.23 -48.40 35.84
CA GLN C 112 49.00 -47.98 36.51
C GLN C 112 48.66 -48.96 37.62
N SER C 113 47.75 -48.52 38.49
CA SER C 113 47.34 -49.33 39.63
C SER C 113 46.37 -50.43 39.18
N LYS C 114 46.33 -51.50 39.98
CA LYS C 114 45.45 -52.62 39.68
C LYS C 114 44.01 -52.24 40.00
N ALA C 115 43.09 -53.17 39.71
CA ALA C 115 41.67 -52.93 39.98
C ALA C 115 40.95 -54.28 39.95
N ASN C 116 40.47 -54.72 41.11
CA ASN C 116 39.73 -55.97 41.16
C ASN C 116 38.33 -55.78 40.62
N PRO C 117 37.83 -56.75 39.85
CA PRO C 117 36.51 -56.58 39.21
C PRO C 117 35.38 -56.67 40.23
N SER C 118 34.27 -56.01 39.90
CA SER C 118 33.05 -56.04 40.70
C SER C 118 31.99 -56.80 39.91
N VAL C 119 31.65 -58.00 40.39
CA VAL C 119 30.71 -58.89 39.72
C VAL C 119 29.45 -59.01 40.56
N THR C 120 28.29 -58.92 39.90
CA THR C 120 27.00 -59.06 40.56
C THR C 120 26.08 -59.86 39.63
N LEU C 121 25.73 -61.06 40.05
CA LEU C 121 24.87 -61.93 39.26
C LEU C 121 23.40 -61.69 39.61
N PHE C 122 22.55 -61.69 38.60
CA PHE C 122 21.14 -61.43 38.76
C PHE C 122 20.32 -62.64 38.28
N PRO C 123 19.42 -63.16 39.11
CA PRO C 123 18.58 -64.28 38.66
C PRO C 123 17.45 -63.79 37.78
N PRO C 124 16.75 -64.70 37.10
CA PRO C 124 15.61 -64.27 36.27
C PRO C 124 14.51 -63.67 37.12
N SER C 125 13.91 -62.59 36.60
CA SER C 125 12.89 -61.87 37.35
C SER C 125 11.57 -62.64 37.34
N SER C 126 10.61 -62.13 38.11
CA SER C 126 9.30 -62.77 38.17
C SER C 126 8.50 -62.56 36.89
N GLU C 127 8.67 -61.41 36.24
CA GLU C 127 7.97 -61.17 34.98
C GLU C 127 8.49 -62.07 33.87
N GLU C 128 9.75 -62.51 33.97
CA GLU C 128 10.33 -63.37 32.95
C GLU C 128 9.94 -64.83 33.15
N LEU C 129 9.63 -65.22 34.39
CA LEU C 129 9.21 -66.59 34.66
C LEU C 129 7.78 -66.87 34.22
N GLN C 130 7.02 -65.84 33.88
CA GLN C 130 5.67 -66.00 33.33
C GLN C 130 5.64 -65.87 31.82
N ALA C 131 6.76 -66.14 31.15
CA ALA C 131 6.89 -65.97 29.71
C ALA C 131 6.72 -67.28 28.94
N ASN C 132 7.48 -68.33 29.28
CA ASN C 132 8.43 -68.30 30.39
C ASN C 132 9.86 -68.54 29.91
N LYS C 133 10.80 -67.80 30.49
CA LYS C 133 12.21 -67.94 30.17
C LYS C 133 13.03 -67.69 31.42
N ALA C 134 14.36 -67.77 31.28
CA ALA C 134 15.26 -67.55 32.40
C ALA C 134 16.60 -67.07 31.86
N THR C 135 17.08 -65.94 32.35
CA THR C 135 18.34 -65.36 31.88
C THR C 135 19.11 -64.83 33.08
N LEU C 136 20.37 -65.23 33.20
CA LEU C 136 21.25 -64.76 34.26
C LEU C 136 22.10 -63.61 33.74
N VAL C 137 22.14 -62.52 34.51
CA VAL C 137 22.90 -61.32 34.14
C VAL C 137 24.14 -61.26 35.03
N CYS C 138 25.31 -61.36 34.42
CA CYS C 138 26.59 -61.33 35.12
C CYS C 138 27.38 -60.13 34.58
N LEU C 139 27.44 -59.06 35.37
CA LEU C 139 28.09 -57.83 34.95
C LEU C 139 29.48 -57.72 35.59
N ILE C 140 30.42 -57.21 34.81
CA ILE C 140 31.80 -57.02 35.25
C ILE C 140 32.18 -55.56 35.05
N SER C 141 32.83 -54.98 36.05
CA SER C 141 33.20 -53.57 35.98
C SER C 141 34.38 -53.30 36.90
N ASP C 142 35.10 -52.23 36.59
CA ASP C 142 36.22 -51.75 37.42
C ASP C 142 37.31 -52.80 37.52
N PHE C 143 37.83 -53.22 36.37
CA PHE C 143 38.93 -54.15 36.30
C PHE C 143 39.94 -53.67 35.27
N TYR C 144 41.23 -53.81 35.58
CA TYR C 144 42.30 -53.34 34.72
C TYR C 144 43.43 -54.36 34.75
N PRO C 145 43.99 -54.72 33.59
CA PRO C 145 43.56 -54.25 32.27
C PRO C 145 42.27 -54.92 31.79
N GLY C 146 41.88 -54.62 30.56
CA GLY C 146 40.68 -55.21 29.99
C GLY C 146 40.92 -56.54 29.30
N ALA C 147 40.91 -57.62 30.07
CA ALA C 147 41.13 -58.96 29.51
C ALA C 147 40.65 -59.97 30.55
N VAL C 148 39.40 -60.40 30.42
CA VAL C 148 38.79 -61.34 31.35
C VAL C 148 38.04 -62.40 30.56
N THR C 149 38.00 -63.61 31.11
CA THR C 149 37.27 -64.73 30.53
C THR C 149 36.21 -65.20 31.50
N VAL C 150 35.02 -65.50 30.98
CA VAL C 150 33.87 -65.89 31.78
C VAL C 150 33.53 -67.34 31.49
N ALA C 151 33.32 -68.12 32.55
CA ALA C 151 32.93 -69.52 32.44
C ALA C 151 31.75 -69.79 33.37
N TRP C 152 30.76 -70.51 32.85
CA TRP C 152 29.55 -70.81 33.60
C TRP C 152 29.51 -72.29 33.98
N LYS C 153 28.73 -72.57 35.03
CA LYS C 153 28.56 -73.94 35.51
C LYS C 153 27.10 -74.15 35.90
N ALA C 154 26.63 -75.37 35.69
CA ALA C 154 25.26 -75.77 36.03
C ALA C 154 25.34 -76.69 37.25
N ASP C 155 25.30 -76.08 38.44
CA ASP C 155 25.40 -76.81 39.71
C ASP C 155 26.72 -77.57 39.78
N SER C 156 27.81 -76.81 39.69
CA SER C 156 29.16 -77.37 39.75
C SER C 156 29.41 -78.33 38.59
N SER C 157 28.94 -77.97 37.41
CA SER C 157 29.15 -78.76 36.20
C SER C 157 29.33 -77.84 35.00
N PRO C 158 30.44 -77.94 34.27
CA PRO C 158 30.67 -77.06 33.14
C PRO C 158 29.47 -76.96 32.22
N VAL C 159 29.21 -75.76 31.73
CA VAL C 159 28.12 -75.48 30.79
C VAL C 159 28.72 -75.28 29.41
N LYS C 160 28.17 -75.97 28.41
CA LYS C 160 28.64 -75.88 27.04
C LYS C 160 27.50 -75.55 26.09
N ALA C 161 26.53 -74.76 26.55
CA ALA C 161 25.38 -74.39 25.72
C ALA C 161 24.76 -73.12 26.28
N GLY C 162 24.66 -72.09 25.44
CA GLY C 162 24.05 -70.85 25.86
C GLY C 162 24.96 -69.88 26.59
N VAL C 163 26.27 -69.91 26.30
CA VAL C 163 27.23 -69.03 26.95
C VAL C 163 27.61 -67.92 25.98
N GLU C 164 27.61 -66.69 26.46
CA GLU C 164 27.99 -65.54 25.64
C GLU C 164 28.52 -64.45 26.54
N THR C 165 29.60 -63.79 26.10
CA THR C 165 30.26 -62.75 26.87
C THR C 165 30.71 -61.64 25.94
N THR C 166 30.61 -60.40 26.41
CA THR C 166 30.99 -59.24 25.62
C THR C 166 32.48 -58.96 25.77
N THR C 167 32.95 -57.98 24.99
CA THR C 167 34.35 -57.56 25.01
C THR C 167 34.57 -56.48 26.06
N PRO C 168 35.77 -56.41 26.63
CA PRO C 168 36.05 -55.37 27.64
C PRO C 168 36.01 -53.99 27.01
N SER C 169 35.21 -53.10 27.60
CA SER C 169 35.04 -51.74 27.13
C SER C 169 35.49 -50.76 28.20
N LYS C 170 36.16 -49.69 27.76
CA LYS C 170 36.67 -48.69 28.69
C LYS C 170 35.54 -47.80 29.19
N GLN C 171 35.59 -47.46 30.47
CA GLN C 171 34.60 -46.61 31.10
C GLN C 171 35.05 -45.15 31.05
N SER C 172 34.40 -44.30 31.84
CA SER C 172 34.79 -42.89 31.94
C SER C 172 35.79 -42.64 33.05
N ASN C 173 35.93 -43.56 34.00
CA ASN C 173 36.90 -43.44 35.08
C ASN C 173 38.22 -44.14 34.77
N ASN C 174 38.55 -44.31 33.48
CA ASN C 174 39.80 -44.92 33.07
C ASN C 174 39.91 -46.37 33.53
N LYS C 175 38.81 -47.10 33.41
CA LYS C 175 38.77 -48.52 33.73
C LYS C 175 37.93 -49.25 32.69
N TYR C 176 37.99 -50.57 32.72
CA TYR C 176 37.31 -51.41 31.75
C TYR C 176 36.10 -52.08 32.38
N ALA C 177 35.15 -52.46 31.52
CA ALA C 177 33.93 -53.12 31.95
C ALA C 177 33.56 -54.20 30.93
N ALA C 178 32.73 -55.14 31.36
CA ALA C 178 32.28 -56.23 30.51
C ALA C 178 30.96 -56.75 31.04
N SER C 179 30.43 -57.78 30.39
CA SER C 179 29.16 -58.37 30.78
C SER C 179 29.05 -59.75 30.15
N SER C 180 28.28 -60.62 30.81
CA SER C 180 28.09 -61.99 30.33
C SER C 180 26.67 -62.43 30.67
N TYR C 181 26.11 -63.28 29.81
CA TYR C 181 24.76 -63.80 29.98
C TYR C 181 24.76 -65.30 29.72
N LEU C 182 23.84 -65.99 30.37
CA LEU C 182 23.67 -67.44 30.22
C LEU C 182 22.22 -67.72 29.85
N SER C 183 22.01 -68.34 28.70
CA SER C 183 20.67 -68.71 28.25
C SER C 183 20.33 -70.09 28.77
N LEU C 184 19.28 -70.18 29.58
CA LEU C 184 18.86 -71.44 30.18
C LEU C 184 17.38 -71.67 29.93
N THR C 185 16.99 -72.95 29.90
CA THR C 185 15.60 -73.31 29.73
C THR C 185 14.88 -73.27 31.08
N PRO C 186 13.57 -73.01 31.08
CA PRO C 186 12.83 -72.97 32.34
C PRO C 186 12.89 -74.29 33.12
N GLU C 187 13.25 -75.39 32.47
CA GLU C 187 13.31 -76.67 33.17
C GLU C 187 14.61 -76.83 33.95
N GLN C 188 15.71 -76.24 33.47
CA GLN C 188 16.98 -76.37 34.17
C GLN C 188 17.15 -75.36 35.29
N TRP C 189 16.31 -74.32 35.33
CA TRP C 189 16.37 -73.37 36.43
C TRP C 189 15.76 -73.94 37.71
N LYS C 190 14.76 -74.80 37.58
CA LYS C 190 14.13 -75.44 38.73
C LYS C 190 14.69 -76.83 39.00
N SER C 191 15.65 -77.30 38.20
CA SER C 191 16.27 -78.60 38.40
C SER C 191 17.64 -78.51 39.04
N HIS C 192 18.35 -77.41 38.86
CA HIS C 192 19.66 -77.21 39.46
C HIS C 192 19.52 -76.43 40.75
N ARG C 193 20.35 -76.80 41.74
CA ARG C 193 20.30 -76.14 43.05
C ARG C 193 20.91 -74.76 43.04
N SER C 194 21.80 -74.46 42.10
CA SER C 194 22.44 -73.15 42.05
C SER C 194 23.19 -73.01 40.72
N TYR C 195 23.41 -71.75 40.33
CA TYR C 195 24.19 -71.42 39.15
C TYR C 195 25.25 -70.38 39.52
N SER C 196 26.38 -70.43 38.82
CA SER C 196 27.52 -69.58 39.13
C SER C 196 28.02 -68.90 37.87
N CYS C 197 28.76 -67.81 38.08
CA CYS C 197 29.40 -67.06 36.99
C CYS C 197 30.86 -66.82 37.38
N GLN C 198 31.77 -67.56 36.74
CA GLN C 198 33.18 -67.42 37.02
C GLN C 198 33.80 -66.37 36.11
N VAL C 199 34.71 -65.57 36.67
CA VAL C 199 35.40 -64.51 35.94
C VAL C 199 36.89 -64.62 36.27
N THR C 200 37.68 -64.97 35.27
CA THR C 200 39.13 -65.10 35.43
C THR C 200 39.81 -63.81 35.00
N HIS C 201 40.78 -63.37 35.80
CA HIS C 201 41.50 -62.12 35.53
C HIS C 201 42.89 -62.24 36.13
N GLU C 202 43.90 -62.46 35.28
CA GLU C 202 45.29 -62.52 35.71
C GLU C 202 45.49 -63.59 36.80
N GLY C 203 44.94 -64.76 36.55
CA GLY C 203 45.03 -65.87 37.50
C GLY C 203 43.99 -65.88 38.60
N SER C 204 43.79 -64.73 39.24
CA SER C 204 42.78 -64.63 40.29
C SER C 204 41.39 -64.70 39.69
N THR C 205 40.64 -65.74 40.05
CA THR C 205 39.31 -65.98 39.49
C THR C 205 38.26 -65.64 40.54
N VAL C 206 37.34 -64.75 40.19
CA VAL C 206 36.23 -64.41 41.05
C VAL C 206 34.98 -65.12 40.54
N GLU C 207 34.00 -65.29 41.43
CA GLU C 207 32.81 -66.06 41.09
C GLU C 207 31.67 -65.67 42.01
N LYS C 208 30.47 -65.56 41.45
CA LYS C 208 29.26 -65.30 42.21
C LYS C 208 28.23 -66.36 41.89
N THR C 209 27.42 -66.71 42.90
CA THR C 209 26.48 -67.81 42.77
C THR C 209 25.13 -67.41 43.36
N VAL C 210 24.06 -67.67 42.60
CA VAL C 210 22.70 -67.50 43.07
C VAL C 210 22.09 -68.86 43.33
N ALA C 211 20.97 -68.88 44.04
CA ALA C 211 20.31 -70.12 44.45
C ALA C 211 18.83 -70.04 44.14
N PRO C 212 18.33 -70.81 43.16
CA PRO C 212 16.87 -70.83 42.93
C PRO C 212 16.09 -71.44 44.07
N THR C 213 16.71 -72.32 44.86
CA THR C 213 16.03 -72.95 45.98
C THR C 213 15.75 -72.00 47.13
N GLU C 214 16.36 -70.82 47.13
CA GLU C 214 16.15 -69.86 48.21
C GLU C 214 15.69 -68.52 47.66
N ALA D 1 60.50 -14.59 16.88
CA ALA D 1 60.46 -16.04 16.88
C ALA D 1 59.19 -16.55 17.54
N GLU D 2 59.34 -17.33 18.62
CA GLU D 2 58.17 -17.86 19.31
C GLU D 2 57.42 -16.77 20.06
N ASN D 3 58.12 -15.72 20.49
CA ASN D 3 57.50 -14.59 21.16
C ASN D 3 57.09 -13.55 20.12
N LEU D 4 55.79 -13.28 20.03
CA LEU D 4 55.26 -12.37 19.04
C LEU D 4 55.43 -10.92 19.48
N TRP D 5 55.32 -10.01 18.52
CA TRP D 5 55.47 -8.58 18.76
C TRP D 5 54.28 -7.83 18.19
N VAL D 6 53.98 -6.68 18.78
CA VAL D 6 52.86 -5.86 18.34
C VAL D 6 53.25 -5.14 17.05
N THR D 7 52.35 -5.18 16.07
CA THR D 7 52.55 -4.52 14.78
C THR D 7 51.30 -3.74 14.43
N VAL D 8 51.46 -2.44 14.21
CA VAL D 8 50.32 -1.57 13.92
C VAL D 8 49.95 -1.68 12.46
N TYR D 9 48.66 -1.63 12.17
CA TYR D 9 48.12 -1.73 10.82
C TYR D 9 47.26 -0.51 10.51
N TYR D 10 47.44 0.04 9.31
CA TYR D 10 46.72 1.23 8.87
C TYR D 10 45.81 0.88 7.71
N GLY D 11 44.53 1.25 7.84
CA GLY D 11 43.56 0.98 6.78
C GLY D 11 42.88 -0.36 6.93
N VAL D 12 42.55 -0.73 8.17
CA VAL D 12 41.91 -2.02 8.45
C VAL D 12 40.40 -1.88 8.29
N PRO D 13 39.72 -2.87 7.73
CA PRO D 13 38.26 -2.81 7.63
C PRO D 13 37.57 -3.01 8.97
N VAL D 14 37.58 -1.98 9.82
CA VAL D 14 36.98 -2.02 11.14
C VAL D 14 36.10 -0.80 11.31
N TRP D 15 34.87 -1.01 11.80
CA TRP D 15 33.95 0.08 12.02
C TRP D 15 33.11 -0.20 13.26
N LYS D 16 32.61 0.86 13.89
CA LYS D 16 31.70 0.77 15.01
C LYS D 16 30.53 1.71 14.79
N ASP D 17 29.37 1.34 15.34
CA ASP D 17 28.18 2.16 15.19
C ASP D 17 28.37 3.50 15.90
N ALA D 18 28.04 4.57 15.20
CA ALA D 18 28.17 5.92 15.74
C ALA D 18 27.23 6.85 14.96
N GLU D 19 27.24 8.12 15.34
CA GLU D 19 26.41 9.13 14.72
C GLU D 19 27.25 10.35 14.36
N THR D 20 26.96 10.95 13.21
CA THR D 20 27.72 12.09 12.72
C THR D 20 26.77 13.02 11.97
N THR D 21 27.34 14.05 11.36
CA THR D 21 26.57 15.03 10.59
C THR D 21 26.59 14.60 9.13
N LEU D 22 25.42 14.24 8.61
CA LEU D 22 25.29 13.78 7.23
C LEU D 22 24.94 14.95 6.31
N PHE D 23 25.43 14.88 5.08
CA PHE D 23 25.10 15.86 4.06
C PHE D 23 24.28 15.20 2.96
N CYS D 24 24.04 15.94 1.89
CA CYS D 24 23.06 15.58 0.87
C CYS D 24 23.74 15.34 -0.48
N ALA D 25 22.91 15.00 -1.47
CA ALA D 25 23.31 14.85 -2.85
C ALA D 25 22.06 14.92 -3.72
N SER D 26 22.14 15.66 -4.82
CA SER D 26 20.95 15.99 -5.61
C SER D 26 21.26 16.01 -7.12
N ASP D 27 21.85 14.93 -7.61
CA ASP D 27 22.01 14.69 -9.04
C ASP D 27 22.67 15.91 -9.70
N ALA D 28 22.40 16.13 -10.98
CA ALA D 28 22.90 17.27 -11.72
C ALA D 28 21.78 17.91 -12.54
N LYS D 29 20.81 17.09 -12.96
CA LYS D 29 19.66 17.61 -13.70
C LYS D 29 18.75 18.41 -12.78
N ALA D 30 18.70 18.07 -11.50
CA ALA D 30 17.86 18.78 -10.54
C ALA D 30 18.43 20.16 -10.23
N GLU D 32 18.80 22.12 -12.67
CA GLU D 32 18.38 22.90 -13.83
C GLU D 32 16.91 23.27 -13.74
N THR D 33 16.29 22.96 -12.60
CA THR D 33 14.89 23.32 -12.39
C THR D 33 14.68 24.82 -12.27
N GLU D 34 15.74 25.57 -11.96
CA GLU D 34 15.66 27.02 -11.90
C GLU D 34 14.76 27.49 -10.75
N LYS D 35 14.48 28.79 -10.71
CA LYS D 35 13.80 29.37 -9.56
C LYS D 35 14.57 28.98 -8.30
N HIS D 36 13.92 28.28 -7.37
CA HIS D 36 14.65 27.66 -6.27
C HIS D 36 13.72 26.80 -5.43
N ASN D 37 13.79 25.48 -5.61
CA ASN D 37 13.01 24.57 -4.79
C ASN D 37 13.38 24.76 -3.31
N VAL D 38 12.42 24.43 -2.45
CA VAL D 38 12.59 24.66 -1.01
C VAL D 38 13.78 23.91 -0.43
N TRP D 39 14.35 22.95 -1.16
CA TRP D 39 15.43 22.15 -0.59
C TRP D 39 16.67 22.10 -1.48
N ALA D 40 16.69 21.15 -2.43
CA ALA D 40 17.93 20.68 -3.03
C ALA D 40 18.45 21.54 -4.17
N THR D 41 17.64 22.44 -4.74
CA THR D 41 18.09 23.23 -5.86
C THR D 41 19.31 24.06 -5.48
N HIS D 42 20.43 23.81 -6.16
CA HIS D 42 21.68 24.52 -5.91
C HIS D 42 22.30 24.14 -4.57
N ALA D 43 21.53 24.32 -3.48
CA ALA D 43 22.05 24.24 -2.12
C ALA D 43 22.73 22.91 -1.83
N CYS D 44 22.54 21.90 -2.67
CA CYS D 44 23.08 20.59 -2.41
C CYS D 44 24.24 20.28 -3.37
N VAL D 45 25.11 19.38 -2.92
CA VAL D 45 26.27 18.95 -3.68
C VAL D 45 25.83 17.99 -4.78
N PRO D 46 26.36 18.11 -5.99
CA PRO D 46 25.96 17.22 -7.07
C PRO D 46 26.31 15.77 -6.75
N THR D 47 25.59 14.86 -7.39
CA THR D 47 25.79 13.43 -7.18
C THR D 47 26.80 12.88 -8.16
N ASP D 48 27.54 11.87 -7.73
CA ASP D 48 28.55 11.26 -8.57
C ASP D 48 27.88 10.62 -9.79
N PRO D 49 28.32 10.96 -11.01
CA PRO D 49 27.69 10.36 -12.19
C PRO D 49 27.71 8.84 -12.20
N ASN D 50 28.75 8.23 -11.63
CA ASN D 50 28.89 6.78 -11.57
C ASN D 50 28.99 6.37 -10.10
N PRO D 51 27.88 6.17 -9.41
CA PRO D 51 27.94 5.77 -8.00
C PRO D 51 28.64 4.43 -7.84
N GLN D 52 29.16 4.21 -6.63
CA GLN D 52 29.89 2.99 -6.31
C GLN D 52 29.22 2.27 -5.15
N GLU D 53 29.09 0.95 -5.27
CA GLU D 53 28.52 0.12 -4.22
C GLU D 53 29.34 -1.16 -4.13
N ILE D 54 29.95 -1.39 -2.97
CA ILE D 54 30.77 -2.56 -2.72
C ILE D 54 29.98 -3.53 -1.85
N HIS D 55 29.80 -4.75 -2.33
CA HIS D 55 29.06 -5.78 -1.60
C HIS D 55 30.01 -6.42 -0.59
N LEU D 56 29.74 -6.21 0.70
CA LEU D 56 30.57 -6.76 1.76
C LEU D 56 30.33 -8.26 1.91
N GLU D 57 31.09 -9.07 1.18
CA GLU D 57 30.91 -10.51 1.24
C GLU D 57 31.26 -11.04 2.63
N ASN D 58 30.55 -12.08 3.05
CA ASN D 58 30.76 -12.77 4.32
C ASN D 58 30.42 -11.90 5.53
N VAL D 59 29.87 -10.71 5.33
CA VAL D 59 29.63 -9.76 6.40
C VAL D 59 28.16 -9.85 6.83
N THR D 60 27.94 -9.98 8.13
CA THR D 60 26.60 -9.98 8.72
C THR D 60 26.54 -8.89 9.77
N GLU D 61 25.62 -7.94 9.59
CA GLU D 61 25.49 -6.80 10.48
C GLU D 61 24.06 -6.68 10.96
N GLU D 62 23.89 -6.21 12.19
CA GLU D 62 22.59 -6.03 12.80
C GLU D 62 22.11 -4.60 12.58
N PHE D 63 21.03 -4.45 11.82
CA PHE D 63 20.45 -3.14 11.57
C PHE D 63 19.34 -2.84 12.59
N ASN D 64 18.87 -1.60 12.57
CA ASN D 64 17.80 -1.17 13.48
C ASN D 64 17.22 0.12 12.91
N MET D 65 16.06 0.01 12.26
CA MET D 65 15.43 1.17 11.63
C MET D 65 14.71 2.07 12.64
N TRP D 66 14.33 1.52 13.80
CA TRP D 66 13.61 2.30 14.80
C TRP D 66 14.51 3.10 15.72
N LYS D 67 15.80 2.77 15.78
CA LYS D 67 16.77 3.51 16.57
C LYS D 67 17.82 4.18 15.69
N ASN D 68 17.46 4.49 14.44
CA ASN D 68 18.38 5.09 13.50
C ASN D 68 18.46 6.60 13.73
N ASN D 69 19.66 7.15 13.53
CA ASN D 69 19.87 8.59 13.66
C ASN D 69 19.63 9.34 12.37
N MET D 70 19.67 8.67 11.22
CA MET D 70 19.39 9.32 9.95
C MET D 70 17.94 9.81 9.89
N VAL D 71 17.05 9.15 10.64
CA VAL D 71 15.66 9.59 10.68
C VAL D 71 15.54 10.90 11.47
N GLU D 72 16.21 10.98 12.61
CA GLU D 72 16.14 12.18 13.43
C GLU D 72 16.75 13.37 12.70
N GLN D 73 17.80 13.14 11.90
CA GLN D 73 18.40 14.24 11.14
C GLN D 73 17.46 14.73 10.05
N MET D 74 16.94 13.80 9.23
CA MET D 74 16.05 14.21 8.15
C MET D 74 14.78 14.86 8.69
N HIS D 75 14.25 14.33 9.79
CA HIS D 75 13.03 14.89 10.36
C HIS D 75 13.23 16.36 10.74
N THR D 76 14.38 16.68 11.32
CA THR D 76 14.66 18.06 11.73
C THR D 76 15.24 18.90 10.59
N ASP D 77 15.97 18.28 9.67
CA ASP D 77 16.49 19.01 8.52
C ASP D 77 15.36 19.57 7.66
N ILE D 78 14.32 18.76 7.43
CA ILE D 78 13.17 19.25 6.66
C ILE D 78 12.50 20.41 7.38
N ILE D 79 12.31 20.27 8.70
CA ILE D 79 11.66 21.33 9.47
C ILE D 79 12.43 22.63 9.33
N SER D 80 13.76 22.57 9.46
CA SER D 80 14.56 23.78 9.32
C SER D 80 14.57 24.29 7.89
N LEU D 81 14.35 23.40 6.91
CA LEU D 81 14.29 23.84 5.52
C LEU D 81 13.03 24.66 5.25
N TRP D 82 11.92 24.30 5.87
CA TRP D 82 10.70 25.09 5.73
C TRP D 82 10.85 26.45 6.41
N ASP D 83 11.43 26.47 7.62
CA ASP D 83 11.64 27.73 8.32
C ASP D 83 12.58 28.65 7.55
N GLN D 84 13.48 28.08 6.75
CA GLN D 84 14.44 28.89 6.01
C GLN D 84 13.80 29.50 4.76
N SER D 85 13.00 28.70 4.03
CA SER D 85 12.37 29.20 2.82
C SER D 85 11.24 30.17 3.10
N LEU D 86 10.70 30.17 4.32
CA LEU D 86 9.60 31.05 4.69
C LEU D 86 10.05 32.27 5.48
N LYS D 87 11.34 32.41 5.74
CA LYS D 87 11.80 33.59 6.48
C LYS D 87 11.64 34.88 5.69
N PRO D 88 12.09 34.97 4.44
CA PRO D 88 11.97 36.23 3.70
C PRO D 88 10.63 36.42 3.01
N CYS D 89 9.70 35.48 3.11
CA CYS D 89 8.45 35.59 2.39
C CYS D 89 7.48 36.53 3.14
N VAL D 90 6.37 36.84 2.48
CA VAL D 90 5.47 37.87 2.96
C VAL D 90 4.78 37.43 4.25
N LYS D 91 4.74 38.34 5.22
CA LYS D 91 4.04 38.11 6.48
C LYS D 91 2.62 38.64 6.38
N LEU D 92 1.65 37.82 6.81
CA LEU D 92 0.24 38.18 6.68
C LEU D 92 -0.38 38.49 8.04
N THR D 93 0.25 39.39 8.80
CA THR D 93 -0.34 39.79 10.08
C THR D 93 -1.58 40.67 9.88
N PRO D 94 -1.57 41.69 9.02
CA PRO D 94 -2.76 42.54 8.87
C PRO D 94 -3.95 41.85 8.21
N LEU D 95 -3.82 40.57 7.83
CA LEU D 95 -4.94 39.86 7.22
C LEU D 95 -5.93 39.34 8.26
N CYS D 96 -5.64 39.49 9.55
CA CYS D 96 -6.53 39.02 10.61
C CYS D 96 -7.54 40.12 10.96
N VAL D 97 -8.41 40.39 10.00
CA VAL D 97 -9.49 41.35 10.17
C VAL D 97 -10.81 40.61 10.11
N THR D 98 -11.84 41.22 10.68
CA THR D 98 -13.17 40.62 10.66
C THR D 98 -13.63 40.44 9.22
N LEU D 99 -13.98 39.20 8.87
CA LEU D 99 -14.34 38.84 7.51
C LEU D 99 -15.86 38.72 7.41
N GLN D 100 -16.47 39.62 6.65
CA GLN D 100 -17.91 39.54 6.36
C GLN D 100 -18.10 38.60 5.19
N CYS D 101 -18.38 37.33 5.48
CA CYS D 101 -18.41 36.29 4.47
C CYS D 101 -19.83 35.99 4.01
N THR D 102 -19.92 35.19 2.96
CA THR D 102 -21.20 34.73 2.42
C THR D 102 -20.93 33.48 1.59
N ASN D 103 -22.01 32.79 1.22
CA ASN D 103 -21.88 31.56 0.46
C ASN D 103 -21.33 31.85 -0.94
N VAL D 104 -20.69 30.84 -1.52
CA VAL D 104 -20.21 30.97 -2.90
C VAL D 104 -21.39 30.95 -3.86
N THR D 105 -21.18 31.54 -5.03
CA THR D 105 -22.24 31.68 -6.03
C THR D 105 -22.48 30.33 -6.69
N ASN D 106 -23.52 29.62 -6.25
CA ASN D 106 -23.89 28.35 -6.84
C ASN D 106 -25.35 28.06 -6.47
N ASN D 107 -25.83 26.89 -6.86
CA ASN D 107 -27.22 26.50 -6.62
C ASN D 107 -27.29 25.30 -5.67
N ARG D 113 -23.37 22.27 3.70
CA ARG D 113 -22.59 21.91 2.52
C ARG D 113 -22.25 23.15 1.70
N GLY D 114 -22.30 24.31 2.35
CA GLY D 114 -21.97 25.54 1.65
C GLY D 114 -20.51 25.62 1.24
N GLU D 115 -19.61 25.14 2.11
CA GLU D 115 -18.19 25.09 1.82
C GLU D 115 -17.61 26.48 1.60
N LEU D 116 -17.19 26.76 0.36
CA LEU D 116 -16.47 27.99 0.07
C LEU D 116 -17.24 29.21 0.55
N LYS D 117 -16.51 30.24 0.96
CA LYS D 117 -17.08 31.47 1.50
C LYS D 117 -16.49 32.66 0.75
N ASN D 118 -17.36 33.57 0.31
CA ASN D 118 -16.95 34.80 -0.37
C ASN D 118 -16.86 35.90 0.67
N CYS D 119 -15.65 36.14 1.19
CA CYS D 119 -15.43 37.04 2.30
C CYS D 119 -14.91 38.38 1.79
N SER D 120 -15.54 39.47 2.23
CA SER D 120 -15.08 40.82 1.97
C SER D 120 -14.55 41.43 3.26
N PHE D 121 -13.56 42.31 3.12
CA PHE D 121 -12.90 42.86 4.29
C PHE D 121 -12.18 44.14 3.92
N ASN D 122 -11.81 44.91 4.95
CA ASN D 122 -10.96 46.06 4.80
C ASN D 122 -9.50 45.63 4.84
N MET D 123 -8.65 46.40 4.16
CA MET D 123 -7.23 46.05 4.08
C MET D 123 -6.41 47.31 3.88
N THR D 124 -5.19 47.28 4.42
CA THR D 124 -4.28 48.41 4.27
C THR D 124 -3.73 48.46 2.84
N THR D 125 -3.68 49.67 2.29
CA THR D 125 -3.16 49.88 0.95
C THR D 125 -1.65 50.15 1.03
N GLU D 126 -1.06 50.60 -0.09
CA GLU D 126 0.35 50.97 -0.07
C GLU D 126 0.59 52.14 0.88
N LEU D 127 -0.37 53.05 1.00
CA LEU D 127 -0.28 54.14 1.95
C LEU D 127 -0.80 53.69 3.31
N ARG D 128 -0.52 54.50 4.33
CA ARG D 128 -0.88 54.19 5.71
C ARG D 128 -2.12 54.98 6.16
N ASP D 129 -3.02 55.28 5.23
CA ASP D 129 -4.22 56.05 5.54
C ASP D 129 -5.47 55.35 5.05
N LYS D 130 -5.79 55.51 3.77
CA LYS D 130 -7.00 54.93 3.21
C LYS D 130 -6.94 53.41 3.27
N LYS D 131 -8.11 52.79 3.46
CA LYS D 131 -8.23 51.34 3.54
C LYS D 131 -8.50 50.79 2.14
N GLN D 132 -8.96 49.54 2.07
CA GLN D 132 -9.22 48.89 0.79
C GLN D 132 -10.26 47.80 1.01
N LYS D 133 -11.41 47.94 0.35
CA LYS D 133 -12.51 46.99 0.52
C LYS D 133 -12.47 45.98 -0.63
N VAL D 134 -11.59 45.00 -0.48
CA VAL D 134 -11.38 43.95 -1.48
C VAL D 134 -11.90 42.63 -0.91
N TYR D 135 -12.49 41.82 -1.78
CA TYR D 135 -13.05 40.53 -1.40
C TYR D 135 -12.08 39.40 -1.72
N SER D 136 -12.37 38.24 -1.16
CA SER D 136 -11.58 37.03 -1.39
C SER D 136 -12.51 35.83 -1.37
N LEU D 137 -11.93 34.63 -1.41
CA LEU D 137 -12.73 33.40 -1.43
C LEU D 137 -11.91 32.32 -0.70
N PHE D 138 -12.17 32.18 0.60
CA PHE D 138 -11.47 31.22 1.44
C PHE D 138 -12.31 29.97 1.64
N TYR D 139 -11.65 28.82 1.70
CA TYR D 139 -12.33 27.59 2.04
C TYR D 139 -12.84 27.65 3.47
N ARG D 140 -13.93 26.94 3.74
CA ARG D 140 -14.54 27.00 5.07
C ARG D 140 -13.61 26.47 6.15
N LEU D 141 -12.67 25.59 5.77
CA LEU D 141 -11.74 25.04 6.75
C LEU D 141 -10.74 26.07 7.24
N ASP D 142 -10.55 27.17 6.50
CA ASP D 142 -9.60 28.20 6.88
C ASP D 142 -10.24 29.36 7.63
N VAL D 143 -11.56 29.37 7.77
CA VAL D 143 -12.26 30.47 8.41
C VAL D 143 -13.15 29.92 9.53
N VAL D 144 -13.41 30.76 10.53
CA VAL D 144 -14.25 30.40 11.66
C VAL D 144 -15.00 31.65 12.11
N GLN D 145 -16.30 31.50 12.35
CA GLN D 145 -17.14 32.64 12.69
C GLN D 145 -16.87 33.08 14.14
N ILE D 146 -17.40 34.26 14.46
CA ILE D 146 -17.29 34.84 15.79
C ILE D 146 -18.47 35.78 16.01
N ASN D 147 -19.19 35.58 17.11
CA ASN D 147 -20.36 36.40 17.41
C ASN D 147 -20.21 37.10 18.75
N GLU D 160 -20.30 37.29 10.12
CA GLU D 160 -18.89 37.67 10.14
C GLU D 160 -18.00 36.53 10.62
N TYR D 161 -16.83 36.41 10.01
CA TYR D 161 -15.91 35.31 10.31
C TYR D 161 -14.53 35.82 10.67
N ARG D 162 -13.56 34.90 10.75
CA ARG D 162 -12.17 35.24 11.00
C ARG D 162 -11.31 34.08 10.54
N LEU D 163 -10.05 34.38 10.25
CA LEU D 163 -9.10 33.32 9.92
C LEU D 163 -8.85 32.44 11.13
N ILE D 164 -8.66 31.15 10.89
CA ILE D 164 -8.61 30.18 11.98
C ILE D 164 -7.38 30.37 12.84
N ASN D 165 -6.28 30.87 12.26
CA ASN D 165 -5.02 30.98 12.98
C ASN D 165 -4.89 32.27 13.78
N CYS D 166 -5.81 33.22 13.62
CA CYS D 166 -5.64 34.51 14.26
C CYS D 166 -5.64 34.40 15.78
N ASN D 167 -6.33 33.41 16.34
CA ASN D 167 -6.37 33.25 17.78
C ASN D 167 -5.32 32.27 18.30
N THR D 168 -4.46 31.74 17.43
CA THR D 168 -3.44 30.79 17.86
C THR D 168 -2.05 31.20 17.39
N SER D 169 -1.87 31.32 16.07
CA SER D 169 -0.55 31.44 15.49
C SER D 169 -0.45 32.65 14.55
N ALA D 170 0.76 33.15 14.41
CA ALA D 170 1.05 34.11 13.36
C ALA D 170 1.14 33.39 12.02
N ILE D 171 0.77 34.09 10.95
CA ILE D 171 0.65 33.51 9.62
C ILE D 171 1.58 34.22 8.67
N THR D 172 2.27 33.43 7.83
CA THR D 172 3.17 33.96 6.82
C THR D 172 2.91 33.25 5.50
N GLN D 173 2.74 34.02 4.43
CA GLN D 173 2.46 33.45 3.12
C GLN D 173 3.74 32.93 2.48
N ALA D 174 3.65 31.76 1.87
CA ALA D 174 4.80 31.19 1.17
C ALA D 174 5.03 31.90 -0.16
N CYS D 175 6.29 32.21 -0.44
CA CYS D 175 6.62 32.84 -1.70
C CYS D 175 6.09 32.00 -2.86
N PRO D 176 5.58 32.61 -3.93
CA PRO D 176 5.13 31.85 -5.08
C PRO D 176 6.24 31.46 -6.04
N LYS D 177 7.48 31.91 -5.79
CA LYS D 177 8.61 31.50 -6.60
C LYS D 177 9.12 30.11 -6.24
N VAL D 178 8.84 29.65 -5.02
CA VAL D 178 9.28 28.33 -4.57
C VAL D 178 8.27 27.28 -5.02
N SER D 179 8.70 26.03 -4.99
CA SER D 179 7.86 24.91 -5.39
C SER D 179 7.80 23.89 -4.25
N PHE D 180 6.65 23.22 -4.14
CA PHE D 180 6.44 22.18 -3.15
C PHE D 180 6.70 20.78 -3.69
N GLU D 181 7.20 20.68 -4.91
CA GLU D 181 7.46 19.37 -5.50
C GLU D 181 8.65 18.71 -4.82
N PRO D 182 8.49 17.48 -4.31
CA PRO D 182 9.65 16.78 -3.71
C PRO D 182 10.55 16.22 -4.79
N ILE D 183 11.85 16.51 -4.68
CA ILE D 183 12.84 15.99 -5.62
C ILE D 183 13.79 15.06 -4.85
N PRO D 184 14.36 14.05 -5.50
CA PRO D 184 15.21 13.10 -4.77
C PRO D 184 16.37 13.79 -4.07
N ILE D 185 16.59 13.43 -2.81
CA ILE D 185 17.69 13.94 -2.02
C ILE D 185 18.44 12.75 -1.43
N HIS D 186 19.73 12.65 -1.75
CA HIS D 186 20.56 11.55 -1.28
C HIS D 186 21.34 12.00 -0.06
N TYR D 187 21.23 11.24 1.03
CA TYR D 187 21.99 11.51 2.24
C TYR D 187 23.33 10.79 2.16
N CYS D 188 24.41 11.54 2.38
CA CYS D 188 25.76 11.02 2.31
C CYS D 188 26.47 11.22 3.64
N ALA D 189 27.56 10.49 3.83
CA ALA D 189 28.38 10.61 5.03
C ALA D 189 29.75 11.18 4.68
N PRO D 190 30.30 12.04 5.53
CA PRO D 190 31.60 12.65 5.22
C PRO D 190 32.74 11.63 5.19
N ALA D 191 33.97 12.12 5.07
CA ALA D 191 35.12 11.24 5.03
C ALA D 191 35.29 10.50 6.36
N GLY D 192 35.74 9.26 6.29
CA GLY D 192 35.92 8.43 7.46
C GLY D 192 34.70 7.67 7.91
N PHE D 193 33.53 7.97 7.35
CA PHE D 193 32.28 7.30 7.69
C PHE D 193 31.78 6.52 6.48
N ALA D 194 30.80 5.65 6.73
CA ALA D 194 30.23 4.82 5.68
C ALA D 194 28.81 4.46 6.04
N ILE D 195 28.00 4.18 5.02
CA ILE D 195 26.60 3.80 5.16
C ILE D 195 26.43 2.40 4.62
N LEU D 196 25.77 1.54 5.40
CA LEU D 196 25.58 0.14 5.04
C LEU D 196 24.16 -0.08 4.55
N LYS D 197 24.03 -0.79 3.43
CA LYS D 197 22.74 -1.05 2.81
C LYS D 197 22.46 -2.55 2.85
N CYS D 198 21.42 -2.94 3.57
CA CYS D 198 21.01 -4.34 3.64
C CYS D 198 20.21 -4.68 2.39
N LYS D 199 20.75 -5.58 1.56
CA LYS D 199 20.19 -5.88 0.25
C LYS D 199 19.54 -7.27 0.20
N ASP D 200 18.85 -7.66 1.27
CA ASP D 200 18.08 -8.90 1.28
C ASP D 200 16.62 -8.58 0.96
N LYS D 201 15.99 -9.48 0.21
CA LYS D 201 14.65 -9.23 -0.31
C LYS D 201 13.56 -9.41 0.74
N LYS D 202 13.89 -9.89 1.93
CA LYS D 202 12.91 -10.07 3.01
C LYS D 202 13.59 -9.66 4.32
N PHE D 203 13.28 -8.46 4.79
CA PHE D 203 13.92 -7.90 5.98
C PHE D 203 12.97 -6.90 6.62
N ASN D 204 12.66 -7.10 7.90
CA ASN D 204 11.73 -6.25 8.62
C ASN D 204 12.41 -5.05 9.29
N GLY D 205 13.63 -4.71 8.86
CA GLY D 205 14.32 -3.54 9.35
C GLY D 205 15.14 -3.75 10.61
N THR D 206 14.92 -4.84 11.32
CA THR D 206 15.64 -5.11 12.56
C THR D 206 16.25 -6.51 12.51
N GLY D 207 17.38 -6.68 13.18
CA GLY D 207 18.05 -7.95 13.25
C GLY D 207 19.29 -7.99 12.38
N PRO D 208 20.01 -9.12 12.41
CA PRO D 208 21.22 -9.25 11.59
C PRO D 208 20.87 -9.32 10.10
N CYS D 209 21.74 -8.72 9.28
CA CYS D 209 21.52 -8.69 7.84
C CYS D 209 22.43 -9.70 7.15
N PRO D 210 21.87 -10.60 6.33
CA PRO D 210 22.72 -11.56 5.61
C PRO D 210 23.64 -10.90 4.61
N SER D 211 23.07 -10.39 3.51
CA SER D 211 23.84 -9.75 2.45
C SER D 211 23.88 -8.25 2.72
N VAL D 212 25.07 -7.74 3.01
CA VAL D 212 25.25 -6.33 3.34
C VAL D 212 26.22 -5.72 2.33
N SER D 213 26.00 -4.44 2.02
CA SER D 213 26.87 -3.68 1.13
C SER D 213 27.08 -2.29 1.70
N THR D 214 28.10 -1.61 1.18
CA THR D 214 28.47 -0.28 1.64
C THR D 214 28.26 0.73 0.51
N VAL D 215 27.84 1.94 0.89
CA VAL D 215 27.61 3.01 -0.07
C VAL D 215 27.93 4.34 0.60
N GLN D 216 28.42 5.29 -0.19
CA GLN D 216 28.69 6.62 0.32
C GLN D 216 27.42 7.47 0.42
N CYS D 217 26.47 7.26 -0.49
CA CYS D 217 25.22 8.00 -0.51
C CYS D 217 24.06 7.04 -0.70
N THR D 218 22.92 7.37 -0.10
CA THR D 218 21.71 6.58 -0.29
C THR D 218 21.10 6.87 -1.65
N HIS D 219 20.07 6.09 -1.99
CA HIS D 219 19.39 6.28 -3.26
C HIS D 219 18.50 7.52 -3.21
N GLY D 220 17.86 7.82 -4.34
CA GLY D 220 17.02 9.01 -4.43
C GLY D 220 15.81 8.96 -3.53
N ILE D 221 15.86 9.70 -2.43
CA ILE D 221 14.77 9.80 -1.46
C ILE D 221 14.11 11.14 -1.63
N LYS D 222 12.82 11.14 -2.00
CA LYS D 222 12.06 12.38 -2.14
C LYS D 222 11.34 12.70 -0.85
N PRO D 223 11.54 13.87 -0.25
CA PRO D 223 10.89 14.17 1.04
C PRO D 223 9.39 14.39 0.91
N VAL D 224 8.63 13.32 0.72
CA VAL D 224 7.19 13.40 0.63
C VAL D 224 6.61 13.33 2.03
N VAL D 225 5.69 14.23 2.34
CA VAL D 225 5.05 14.29 3.65
C VAL D 225 3.57 13.96 3.44
N SER D 226 3.20 12.71 3.69
CA SER D 226 1.82 12.26 3.60
C SER D 226 1.48 11.46 4.85
N THR D 227 0.18 11.29 5.08
CA THR D 227 -0.32 10.54 6.22
C THR D 227 -1.15 9.37 5.73
N GLN D 228 -1.30 8.37 6.60
CA GLN D 228 -2.09 7.18 6.29
C GLN D 228 -1.54 6.44 5.09
N LEU D 229 -1.52 7.08 3.92
CA LEU D 229 -1.05 6.46 2.69
C LEU D 229 0.34 6.98 2.34
N LEU D 230 1.28 6.06 2.14
CA LEU D 230 2.63 6.40 1.73
C LEU D 230 2.70 6.47 0.22
N LEU D 231 3.19 7.60 -0.30
CA LEU D 231 3.13 7.89 -1.73
C LEU D 231 4.54 8.05 -2.30
N ASN D 232 4.71 7.59 -3.55
CA ASN D 232 5.94 7.76 -4.30
C ASN D 232 7.16 7.19 -3.59
N GLY D 233 6.96 6.21 -2.71
CA GLY D 233 8.07 5.62 -1.98
C GLY D 233 8.75 4.51 -2.75
N SER D 234 9.53 3.73 -2.01
CA SER D 234 10.24 2.59 -2.57
C SER D 234 9.38 1.33 -2.46
N LEU D 235 9.46 0.48 -3.47
CA LEU D 235 8.69 -0.75 -3.52
C LEU D 235 9.44 -1.90 -2.83
N ALA D 236 8.68 -2.77 -2.19
CA ALA D 236 9.27 -3.94 -1.56
C ALA D 236 9.57 -5.02 -2.60
N GLU D 237 10.45 -5.95 -2.23
CA GLU D 237 10.87 -7.02 -3.10
C GLU D 237 10.07 -8.29 -2.82
N GLU D 238 9.76 -9.03 -3.88
CA GLU D 238 8.98 -10.26 -3.75
C GLU D 238 7.65 -10.00 -3.08
N GLU D 239 7.52 -10.38 -1.81
CA GLU D 239 6.29 -10.18 -1.07
C GLU D 239 6.27 -8.82 -0.39
N VAL D 240 5.06 -8.31 -0.16
CA VAL D 240 4.92 -7.03 0.52
C VAL D 240 5.49 -7.14 1.93
N MET D 241 6.21 -6.11 2.35
CA MET D 241 6.95 -6.13 3.61
C MET D 241 6.14 -5.46 4.71
N ILE D 242 6.20 -6.03 5.91
CA ILE D 242 5.54 -5.49 7.10
C ILE D 242 6.60 -5.19 8.13
N ARG D 243 6.54 -4.00 8.72
CA ARG D 243 7.53 -3.57 9.70
C ARG D 243 6.82 -2.89 10.87
N SER D 244 7.24 -3.24 12.08
CA SER D 244 6.65 -2.68 13.29
C SER D 244 7.69 -2.71 14.41
N GLU D 245 7.69 -1.68 15.25
CA GLU D 245 8.64 -1.62 16.35
C GLU D 245 8.31 -2.66 17.42
N ASN D 246 7.03 -2.87 17.69
CA ASN D 246 6.60 -3.85 18.68
C ASN D 246 5.18 -4.29 18.30
N ILE D 247 5.08 -5.45 17.65
CA ILE D 247 3.78 -5.92 17.16
C ILE D 247 2.83 -6.17 18.32
N THR D 248 3.35 -6.67 19.44
CA THR D 248 2.50 -6.95 20.59
C THR D 248 2.01 -5.69 21.31
N ASN D 249 2.54 -4.53 20.95
CA ASN D 249 2.13 -3.26 21.55
C ASN D 249 1.31 -2.48 20.54
N ASN D 250 0.04 -2.27 20.86
CA ASN D 250 -0.87 -1.54 19.98
C ASN D 250 -0.65 -0.03 19.99
N ALA D 251 0.30 0.46 20.79
CA ALA D 251 0.63 1.88 20.84
C ALA D 251 1.74 2.26 19.87
N LYS D 252 2.17 1.34 19.01
CA LYS D 252 3.22 1.60 18.04
C LYS D 252 2.68 1.35 16.63
N ASN D 253 3.02 2.24 15.71
CA ASN D 253 2.52 2.13 14.35
C ASN D 253 3.14 0.93 13.63
N ILE D 254 2.50 0.53 12.54
CA ILE D 254 2.93 -0.60 11.73
C ILE D 254 3.12 -0.09 10.30
N LEU D 255 4.39 0.05 9.89
CA LEU D 255 4.69 0.53 8.55
C LEU D 255 4.57 -0.61 7.54
N VAL D 256 3.89 -0.34 6.43
CA VAL D 256 3.69 -1.33 5.37
C VAL D 256 4.38 -0.83 4.12
N GLN D 257 4.81 -1.78 3.29
CA GLN D 257 5.46 -1.46 2.02
C GLN D 257 4.93 -2.41 0.95
N PHE D 258 4.52 -1.85 -0.18
CA PHE D 258 3.93 -2.62 -1.25
C PHE D 258 4.98 -3.07 -2.26
N ASN D 259 4.77 -4.25 -2.83
CA ASN D 259 5.58 -4.73 -3.94
C ASN D 259 5.09 -4.18 -5.27
N THR D 260 3.78 -4.26 -5.51
CA THR D 260 3.18 -3.68 -6.70
C THR D 260 2.47 -2.39 -6.31
N PRO D 261 2.86 -1.24 -6.84
CA PRO D 261 2.22 0.01 -6.42
C PRO D 261 0.82 0.13 -6.97
N VAL D 262 -0.05 0.77 -6.18
CA VAL D 262 -1.44 1.02 -6.58
C VAL D 262 -1.50 2.39 -7.23
N GLN D 263 -2.36 2.51 -8.24
CA GLN D 263 -2.50 3.74 -9.00
C GLN D 263 -3.54 4.65 -8.35
N ILE D 264 -3.17 5.92 -8.16
CA ILE D 264 -4.05 6.91 -7.56
C ILE D 264 -4.00 8.18 -8.41
N ASN D 265 -5.17 8.78 -8.64
CA ASN D 265 -5.30 10.00 -9.42
C ASN D 265 -6.09 11.02 -8.62
N CYS D 266 -5.53 12.21 -8.44
CA CYS D 266 -6.18 13.29 -7.71
C CYS D 266 -6.34 14.50 -8.63
N THR D 267 -7.46 15.20 -8.47
CA THR D 267 -7.74 16.39 -9.26
C THR D 267 -8.57 17.36 -8.44
N ARG D 268 -8.33 18.65 -8.64
CA ARG D 268 -9.12 19.72 -8.05
C ARG D 268 -9.85 20.45 -9.17
N PRO D 269 -11.03 19.99 -9.58
CA PRO D 269 -11.72 20.62 -10.72
C PRO D 269 -12.28 21.99 -10.38
N ASN D 270 -11.40 22.96 -10.14
CA ASN D 270 -11.81 24.33 -9.85
C ASN D 270 -10.77 25.27 -10.46
N ASN D 271 -11.13 25.90 -11.57
CA ASN D 271 -10.23 26.86 -12.24
C ASN D 271 -10.27 28.16 -11.45
N ASN D 272 -9.40 28.25 -10.44
CA ASN D 272 -9.38 29.39 -9.54
C ASN D 272 -8.72 30.59 -10.20
N THR D 273 -8.79 31.72 -9.50
CA THR D 273 -8.20 32.97 -9.96
C THR D 273 -7.29 33.52 -8.87
N ARG D 274 -6.23 34.21 -9.30
CA ARG D 274 -5.24 34.78 -8.39
C ARG D 274 -5.35 36.29 -8.42
N LYS D 275 -5.94 36.86 -7.37
CA LYS D 275 -6.03 38.31 -7.21
C LYS D 275 -4.82 38.79 -6.42
N SER D 276 -4.00 39.62 -7.06
CA SER D 276 -2.78 40.14 -6.43
C SER D 276 -3.13 41.44 -5.71
N ILE D 277 -3.37 41.34 -4.41
CA ILE D 277 -3.67 42.50 -3.59
C ILE D 277 -2.38 43.06 -3.02
N ARG D 278 -2.29 44.38 -2.92
CA ARG D 278 -1.13 45.07 -2.39
C ARG D 278 -1.48 45.61 -1.01
N ILE D 279 -0.77 45.13 0.01
CA ILE D 279 -1.12 45.42 1.40
C ILE D 279 -0.02 46.24 2.05
N GLY D 280 0.59 47.15 1.28
CA GLY D 280 1.61 48.02 1.82
C GLY D 280 2.85 48.09 0.96
N PRO D 281 3.93 48.66 1.51
CA PRO D 281 5.18 48.78 0.74
C PRO D 281 5.89 47.44 0.60
N GLY D 282 5.89 46.89 -0.60
CA GLY D 282 6.57 45.64 -0.91
C GLY D 282 5.75 44.39 -0.71
N GLN D 283 4.87 44.38 0.29
CA GLN D 283 4.05 43.22 0.56
C GLN D 283 2.94 43.08 -0.48
N ALA D 284 2.61 41.84 -0.81
CA ALA D 284 1.57 41.57 -1.81
C ALA D 284 0.90 40.26 -1.44
N PHE D 285 -0.39 40.33 -1.10
CA PHE D 285 -1.16 39.16 -0.70
C PHE D 285 -1.91 38.59 -1.91
N TYR D 286 -1.75 37.30 -2.14
CA TYR D 286 -2.41 36.61 -3.25
C TYR D 286 -3.71 36.00 -2.74
N ALA D 287 -4.83 36.58 -3.16
CA ALA D 287 -6.15 36.10 -2.77
C ALA D 287 -6.76 35.24 -3.87
N THR D 288 -7.91 34.65 -3.57
CA THR D 288 -8.65 33.83 -4.51
C THR D 288 -9.77 34.66 -5.14
N GLY D 289 -9.76 34.74 -6.45
CA GLY D 289 -10.77 35.48 -7.19
C GLY D 289 -12.00 34.64 -7.49
N ASP D 290 -12.71 35.04 -8.55
CA ASP D 290 -13.90 34.31 -8.97
C ASP D 290 -13.50 33.02 -9.68
N ILE D 291 -14.24 31.95 -9.37
CA ILE D 291 -13.95 30.64 -9.96
C ILE D 291 -14.55 30.59 -11.36
N ILE D 292 -13.76 30.08 -12.31
CA ILE D 292 -14.21 29.88 -13.68
C ILE D 292 -14.62 28.42 -13.82
N GLY D 293 -15.91 28.20 -14.11
CA GLY D 293 -16.43 26.87 -14.30
C GLY D 293 -17.42 26.49 -13.22
N ASP D 294 -17.59 25.18 -13.05
CA ASP D 294 -18.52 24.63 -12.08
C ASP D 294 -17.88 24.53 -10.70
N ILE D 295 -18.72 24.45 -9.67
CA ILE D 295 -18.28 24.32 -8.29
C ILE D 295 -18.18 22.82 -8.00
N ARG D 296 -16.99 22.26 -8.20
CA ARG D 296 -16.73 20.85 -8.01
C ARG D 296 -15.64 20.66 -6.96
N GLN D 297 -15.86 19.70 -6.06
CA GLN D 297 -14.91 19.45 -4.98
C GLN D 297 -13.80 18.52 -5.45
N ALA D 298 -12.64 18.63 -4.80
CA ALA D 298 -11.50 17.81 -5.15
C ALA D 298 -11.76 16.35 -4.80
N HIS D 299 -11.13 15.45 -5.55
CA HIS D 299 -11.32 14.02 -5.35
C HIS D 299 -10.07 13.27 -5.80
N CYS D 300 -9.97 12.03 -5.35
CA CYS D 300 -8.88 11.13 -5.73
C CYS D 300 -9.46 9.77 -6.09
N ASN D 301 -8.97 9.18 -7.18
CA ASN D 301 -9.48 7.91 -7.68
C ASN D 301 -8.46 6.81 -7.44
N VAL D 302 -8.97 5.63 -7.09
CA VAL D 302 -8.16 4.42 -6.91
C VAL D 302 -8.86 3.28 -7.61
N SER D 303 -8.14 2.61 -8.51
CA SER D 303 -8.74 1.51 -9.27
C SER D 303 -9.20 0.40 -8.32
N LYS D 304 -10.47 0.02 -8.45
CA LYS D 304 -11.04 -1.00 -7.57
C LYS D 304 -10.40 -2.36 -7.80
N ALA D 305 -9.96 -2.65 -9.03
CA ALA D 305 -9.37 -3.94 -9.32
C ALA D 305 -8.01 -4.11 -8.65
N THR D 306 -7.19 -3.05 -8.67
CA THR D 306 -5.85 -3.13 -8.09
C THR D 306 -5.90 -3.09 -6.57
N TRP D 307 -6.74 -2.22 -5.99
CA TRP D 307 -6.81 -2.13 -4.53
C TRP D 307 -7.39 -3.40 -3.92
N ASN D 308 -8.26 -4.10 -4.65
CA ASN D 308 -8.80 -5.35 -4.13
C ASN D 308 -7.73 -6.44 -4.05
N GLU D 309 -6.74 -6.38 -4.93
CA GLU D 309 -5.67 -7.37 -4.91
C GLU D 309 -4.57 -7.00 -3.92
N THR D 310 -4.35 -5.71 -3.68
CA THR D 310 -3.31 -5.30 -2.74
C THR D 310 -3.74 -5.49 -1.30
N LEU D 311 -4.99 -5.14 -0.97
CA LEU D 311 -5.48 -5.37 0.39
C LEU D 311 -5.50 -6.86 0.71
N GLY D 312 -5.89 -7.70 -0.26
CA GLY D 312 -5.83 -9.13 -0.06
C GLY D 312 -4.42 -9.67 0.01
N LYS D 313 -3.44 -8.94 -0.53
CA LYS D 313 -2.05 -9.36 -0.45
C LYS D 313 -1.39 -8.95 0.85
N VAL D 314 -1.89 -7.90 1.50
CA VAL D 314 -1.34 -7.48 2.79
C VAL D 314 -1.90 -8.35 3.91
N VAL D 315 -3.19 -8.69 3.83
CA VAL D 315 -3.80 -9.49 4.90
C VAL D 315 -3.18 -10.88 4.94
N LYS D 316 -2.72 -11.40 3.79
CA LYS D 316 -2.04 -12.69 3.80
C LYS D 316 -0.74 -12.63 4.58
N GLN D 317 -0.09 -11.47 4.62
CA GLN D 317 1.11 -11.29 5.42
C GLN D 317 0.79 -10.97 6.88
N LEU D 318 -0.44 -10.54 7.16
CA LEU D 318 -0.84 -10.27 8.54
C LEU D 318 -1.18 -11.54 9.31
N ARG D 319 -1.63 -12.58 8.60
CA ARG D 319 -1.95 -13.84 9.26
C ARG D 319 -0.71 -14.58 9.73
N LYS D 320 0.47 -14.22 9.22
CA LYS D 320 1.72 -14.81 9.68
C LYS D 320 2.16 -14.25 11.02
N HIS D 321 1.38 -13.36 11.64
CA HIS D 321 1.70 -12.79 12.93
C HIS D 321 0.58 -12.87 13.95
N PHE D 322 -0.63 -13.25 13.55
CA PHE D 322 -1.77 -13.34 14.45
C PHE D 322 -2.54 -14.64 14.23
N GLY D 323 -1.81 -15.75 14.10
CA GLY D 323 -2.44 -17.04 13.87
C GLY D 323 -2.83 -17.26 12.43
N ASN D 324 -2.77 -18.52 11.98
CA ASN D 324 -3.07 -18.82 10.59
C ASN D 324 -4.56 -18.63 10.28
N ASN D 325 -5.42 -19.01 11.21
CA ASN D 325 -6.87 -18.91 11.04
C ASN D 325 -7.39 -17.81 11.95
N THR D 326 -7.51 -16.61 11.39
CA THR D 326 -8.01 -15.46 12.13
C THR D 326 -8.72 -14.52 11.16
N ILE D 327 -9.48 -13.59 11.72
CA ILE D 327 -10.26 -12.62 10.94
C ILE D 327 -9.63 -11.24 11.11
N ILE D 328 -9.44 -10.53 10.01
CA ILE D 328 -8.85 -9.20 9.99
C ILE D 328 -9.86 -8.23 9.41
N ARG D 329 -10.14 -7.15 10.14
CA ARG D 329 -11.10 -6.15 9.73
C ARG D 329 -10.42 -4.79 9.58
N PHE D 330 -10.91 -4.00 8.63
CA PHE D 330 -10.39 -2.67 8.37
C PHE D 330 -11.48 -1.63 8.61
N ALA D 331 -11.10 -0.53 9.27
CA ALA D 331 -12.02 0.56 9.56
C ALA D 331 -11.28 1.88 9.45
N ASN D 332 -12.06 2.96 9.38
CA ASN D 332 -11.48 4.29 9.27
C ASN D 332 -10.94 4.75 10.62
N SER D 333 -10.45 5.99 10.66
CA SER D 333 -9.86 6.53 11.87
C SER D 333 -10.90 6.68 12.98
N SER D 334 -10.43 6.58 14.22
CA SER D 334 -11.32 6.73 15.36
C SER D 334 -11.62 8.20 15.66
N GLY D 335 -10.62 9.06 15.52
CA GLY D 335 -10.80 10.47 15.78
C GLY D 335 -9.46 11.17 15.92
N GLY D 336 -9.50 12.36 16.52
CA GLY D 336 -8.30 13.15 16.72
C GLY D 336 -8.23 14.38 15.84
N ASP D 337 -7.03 14.72 15.39
CA ASP D 337 -6.85 15.90 14.55
C ASP D 337 -7.26 15.59 13.11
N LEU D 338 -7.34 16.65 12.30
CA LEU D 338 -7.74 16.49 10.90
C LEU D 338 -6.64 15.90 10.04
N GLU D 339 -5.39 16.28 10.31
CA GLU D 339 -4.27 15.84 9.48
C GLU D 339 -4.06 14.32 9.53
N VAL D 340 -4.56 13.66 10.58
CA VAL D 340 -4.37 12.22 10.75
C VAL D 340 -5.59 11.43 10.34
N THR D 341 -6.79 11.96 10.60
CA THR D 341 -8.01 11.25 10.25
C THR D 341 -8.28 11.22 8.76
N THR D 342 -7.58 12.03 7.97
CA THR D 342 -7.77 12.08 6.53
C THR D 342 -6.43 11.98 5.83
N HIS D 343 -6.41 11.29 4.69
CA HIS D 343 -5.21 11.18 3.87
C HIS D 343 -4.79 12.55 3.34
N SER D 344 -3.98 13.26 4.11
CA SER D 344 -3.55 14.61 3.76
C SER D 344 -2.17 14.57 3.11
N PHE D 345 -1.96 15.49 2.16
CA PHE D 345 -0.72 15.56 1.42
C PHE D 345 -0.68 16.84 0.59
N ASN D 346 0.19 16.88 -0.43
CA ASN D 346 0.26 18.00 -1.35
C ASN D 346 0.09 17.48 -2.78
N CYS D 347 -0.58 18.28 -3.61
CA CYS D 347 -0.88 17.89 -4.99
C CYS D 347 -0.89 19.17 -5.84
N GLY D 348 0.28 19.53 -6.35
CA GLY D 348 0.42 20.68 -7.21
C GLY D 348 0.47 22.03 -6.52
N GLY D 349 0.50 22.05 -5.19
CA GLY D 349 0.54 23.31 -4.46
C GLY D 349 -0.49 23.38 -3.36
N GLU D 350 -1.70 22.91 -3.64
CA GLU D 350 -2.76 22.87 -2.64
C GLU D 350 -2.61 21.63 -1.77
N PHE D 351 -2.98 21.77 -0.50
CA PHE D 351 -2.90 20.69 0.48
C PHE D 351 -4.26 20.02 0.59
N PHE D 352 -4.28 18.70 0.44
CA PHE D 352 -5.50 17.91 0.42
C PHE D 352 -5.78 17.29 1.79
N TYR D 353 -7.02 16.82 1.96
CA TYR D 353 -7.47 16.13 3.17
C TYR D 353 -8.59 15.18 2.74
N CYS D 354 -8.19 14.02 2.23
CA CYS D 354 -9.13 13.09 1.59
C CYS D 354 -9.74 12.16 2.62
N ASN D 355 -11.07 12.00 2.55
CA ASN D 355 -11.79 11.06 3.39
C ASN D 355 -11.39 9.65 3.02
N THR D 356 -10.89 8.89 4.00
CA THR D 356 -10.38 7.54 3.77
C THR D 356 -11.32 6.47 4.32
N SER D 357 -12.63 6.72 4.28
CA SER D 357 -13.61 5.75 4.73
C SER D 357 -14.05 4.79 3.64
N GLY D 358 -13.59 4.98 2.41
CA GLY D 358 -13.94 4.09 1.31
C GLY D 358 -12.85 3.10 1.00
N LEU D 359 -11.64 3.36 1.50
CA LEU D 359 -10.51 2.47 1.28
C LEU D 359 -10.35 1.44 2.39
N PHE D 360 -10.80 1.75 3.60
CA PHE D 360 -10.70 0.81 4.71
C PHE D 360 -12.09 0.39 5.15
N ASN D 361 -12.89 -0.12 4.21
CA ASN D 361 -14.24 -0.60 4.49
C ASN D 361 -14.33 -2.08 4.14
N SER D 362 -13.50 -2.91 4.78
CA SER D 362 -13.38 -4.32 4.42
C SER D 362 -13.38 -5.17 5.68
N THR D 363 -13.54 -6.48 5.49
CA THR D 363 -13.50 -7.45 6.58
C THR D 363 -13.09 -8.79 5.97
N TRP D 364 -11.84 -9.17 6.16
CA TRP D 364 -11.29 -10.38 5.56
C TRP D 364 -11.30 -11.51 6.57
N ILE D 365 -11.68 -12.71 6.10
CA ILE D 365 -11.70 -13.90 6.94
C ILE D 365 -10.42 -14.69 6.70
N SER D 366 -10.39 -15.94 7.16
CA SER D 366 -9.21 -16.76 6.99
C SER D 366 -8.96 -17.11 5.52
N ASN D 367 -10.02 -17.23 4.73
CA ASN D 367 -9.89 -17.54 3.31
C ASN D 367 -11.14 -17.12 2.54
N ASN D 379 -16.93 -1.70 -12.31
CA ASN D 379 -15.52 -2.02 -12.45
C ASN D 379 -14.74 -0.80 -12.91
N ASP D 380 -14.84 0.30 -12.16
CA ASP D 380 -14.14 1.53 -12.51
C ASP D 380 -13.08 1.87 -11.47
N SER D 381 -13.34 2.89 -10.65
CA SER D 381 -12.39 3.35 -9.65
C SER D 381 -13.11 3.65 -8.35
N ILE D 382 -12.33 3.93 -7.31
CA ILE D 382 -12.84 4.27 -5.99
C ILE D 382 -12.51 5.74 -5.74
N THR D 383 -13.55 6.58 -5.64
CA THR D 383 -13.36 8.00 -5.49
C THR D 383 -13.36 8.39 -4.02
N LEU D 384 -12.57 9.41 -3.69
CA LEU D 384 -12.42 9.90 -2.34
C LEU D 384 -12.87 11.35 -2.24
N PRO D 385 -13.75 11.70 -1.31
CA PRO D 385 -14.13 13.11 -1.14
C PRO D 385 -13.06 13.91 -0.40
N CYS D 386 -12.25 14.66 -1.15
CA CYS D 386 -11.14 15.40 -0.58
C CYS D 386 -11.53 16.85 -0.33
N ARG D 387 -10.87 17.47 0.65
CA ARG D 387 -11.05 18.87 0.98
C ARG D 387 -9.71 19.58 0.91
N ILE D 388 -9.75 20.91 0.90
CA ILE D 388 -8.56 21.73 0.71
C ILE D 388 -8.49 22.79 1.79
N LYS D 389 -7.31 22.93 2.40
CA LYS D 389 -7.01 24.02 3.32
C LYS D 389 -5.89 24.87 2.75
N GLN D 390 -5.94 26.17 3.04
CA GLN D 390 -4.86 27.07 2.67
C GLN D 390 -4.00 27.50 3.85
N ILE D 391 -4.54 27.45 5.07
CA ILE D 391 -3.76 27.71 6.28
C ILE D 391 -3.35 26.37 6.88
N ILE D 392 -2.06 26.21 7.14
CA ILE D 392 -1.51 24.99 7.72
C ILE D 392 -0.58 25.38 8.85
N ASN D 393 -0.72 24.69 9.99
CA ASN D 393 0.02 25.04 11.20
C ASN D 393 1.21 24.10 11.38
N MET D 394 2.30 24.64 11.90
CA MET D 394 3.50 23.86 12.17
C MET D 394 3.16 22.66 13.05
N TRP D 395 3.59 21.47 12.61
CA TRP D 395 3.34 20.26 13.39
C TRP D 395 4.09 20.25 14.72
N GLN D 396 5.01 21.20 14.93
CA GLN D 396 5.65 21.35 16.23
C GLN D 396 4.68 21.74 17.33
N ARG D 397 3.45 22.11 16.98
CA ARG D 397 2.38 22.52 17.89
C ARG D 397 2.57 23.96 18.36
N ILE D 398 3.71 24.59 18.12
CA ILE D 398 3.87 26.01 18.42
C ILE D 398 3.08 26.82 17.41
N GLY D 399 2.90 28.11 17.67
CA GLY D 399 2.05 28.95 16.86
C GLY D 399 2.70 29.59 15.66
N GLN D 400 3.10 28.78 14.67
CA GLN D 400 3.62 29.28 13.40
C GLN D 400 2.93 28.54 12.27
N ALA D 401 2.10 29.25 11.52
CA ALA D 401 1.33 28.69 10.42
C ALA D 401 1.71 29.38 9.11
N MET D 402 1.36 28.73 8.00
CA MET D 402 1.69 29.20 6.67
C MET D 402 0.41 29.30 5.83
N TYR D 403 0.37 30.31 4.96
CA TYR D 403 -0.72 30.47 4.00
C TYR D 403 -0.22 30.02 2.64
N ALA D 404 -0.81 28.96 2.12
CA ALA D 404 -0.43 28.46 0.80
C ALA D 404 -1.11 29.28 -0.28
N PRO D 405 -0.38 29.99 -1.13
CA PRO D 405 -1.01 30.76 -2.19
C PRO D 405 -1.79 29.87 -3.13
N PRO D 406 -2.94 30.33 -3.62
CA PRO D 406 -3.77 29.47 -4.47
C PRO D 406 -3.15 29.21 -5.82
N ILE D 407 -3.50 28.07 -6.41
CA ILE D 407 -3.00 27.67 -7.71
C ILE D 407 -4.10 27.92 -8.74
N GLN D 408 -3.68 28.31 -9.95
CA GLN D 408 -4.62 28.60 -11.03
C GLN D 408 -4.71 27.41 -11.97
N GLY D 409 -5.92 27.06 -12.37
CA GLY D 409 -6.17 25.98 -13.30
C GLY D 409 -6.53 24.68 -12.59
N VAL D 410 -7.24 23.82 -13.32
CA VAL D 410 -7.63 22.51 -12.81
C VAL D 410 -6.37 21.69 -12.55
N ILE D 411 -6.03 21.49 -11.28
CA ILE D 411 -4.81 20.79 -10.91
C ILE D 411 -5.03 19.29 -11.05
N ARG D 412 -3.96 18.57 -11.38
CA ARG D 412 -4.03 17.13 -11.58
C ARG D 412 -2.66 16.52 -11.30
N CYS D 413 -2.59 15.64 -10.32
CA CYS D 413 -1.37 14.95 -9.94
C CYS D 413 -1.59 13.45 -10.01
N VAL D 414 -0.60 12.73 -10.56
CA VAL D 414 -0.61 11.28 -10.63
C VAL D 414 0.52 10.77 -9.74
N SER D 415 0.18 9.96 -8.75
CA SER D 415 1.15 9.48 -7.77
C SER D 415 0.99 7.99 -7.54
N ASN D 416 2.05 7.39 -7.00
CA ASN D 416 2.02 6.01 -6.52
C ASN D 416 1.67 5.98 -5.04
N ILE D 417 1.20 4.82 -4.59
CA ILE D 417 0.97 4.54 -3.18
C ILE D 417 1.71 3.24 -2.87
N THR D 418 2.83 3.35 -2.16
CA THR D 418 3.72 2.21 -1.96
C THR D 418 3.65 1.62 -0.56
N GLY D 419 2.88 2.20 0.35
CA GLY D 419 2.83 1.66 1.69
C GLY D 419 1.66 2.23 2.47
N LEU D 420 1.56 1.78 3.72
CA LEU D 420 0.51 2.22 4.63
C LEU D 420 1.11 2.48 6.00
N ILE D 421 0.39 3.25 6.80
CA ILE D 421 0.75 3.50 8.20
C ILE D 421 -0.47 3.09 9.02
N LEU D 422 -0.46 1.85 9.50
CA LEU D 422 -1.62 1.27 10.16
C LEU D 422 -1.42 1.22 11.67
N THR D 423 -2.53 1.29 12.39
CA THR D 423 -2.57 1.11 13.83
C THR D 423 -3.53 -0.02 14.18
N ARG D 424 -3.55 -0.40 15.46
CA ARG D 424 -4.36 -1.51 15.92
C ARG D 424 -5.06 -1.12 17.21
N ASP D 425 -6.38 -1.28 17.23
CA ASP D 425 -7.16 -0.94 18.42
C ASP D 425 -6.95 -2.02 19.48
N GLY D 426 -6.41 -1.62 20.62
CA GLY D 426 -6.12 -2.55 21.70
C GLY D 426 -7.34 -3.11 22.37
N GLY D 427 -8.04 -4.03 21.70
CA GLY D 427 -9.22 -4.64 22.28
C GLY D 427 -8.85 -5.57 23.43
N SER D 428 -9.65 -5.51 24.49
CA SER D 428 -9.39 -6.35 25.65
C SER D 428 -9.65 -7.82 25.36
N THR D 429 -10.55 -8.12 24.43
CA THR D 429 -10.83 -9.49 24.01
C THR D 429 -9.90 -9.80 22.84
N ASN D 430 -8.70 -10.28 23.15
CA ASN D 430 -7.67 -10.49 22.16
C ASN D 430 -7.78 -11.89 21.56
N SER D 431 -7.05 -12.09 20.46
CA SER D 431 -6.95 -13.34 19.73
C SER D 431 -8.27 -13.76 19.09
N THR D 432 -9.26 -12.88 19.06
CA THR D 432 -10.52 -13.18 18.40
C THR D 432 -10.49 -12.66 16.96
N THR D 433 -10.68 -11.35 16.79
CA THR D 433 -10.57 -10.70 15.49
C THR D 433 -9.91 -9.35 15.67
N GLU D 434 -8.89 -9.09 14.86
CA GLU D 434 -8.09 -7.87 14.99
C GLU D 434 -8.54 -6.84 13.96
N THR D 435 -8.72 -5.60 14.41
CA THR D 435 -9.12 -4.49 13.55
C THR D 435 -7.94 -3.56 13.35
N PHE D 436 -7.72 -3.14 12.11
CA PHE D 436 -6.63 -2.25 11.75
C PHE D 436 -7.19 -0.92 11.29
N ARG D 437 -6.74 0.17 11.92
CA ARG D 437 -7.15 1.51 11.58
C ARG D 437 -5.94 2.37 11.21
N PRO D 438 -6.03 3.16 10.16
CA PRO D 438 -4.88 3.97 9.74
C PRO D 438 -4.62 5.11 10.71
N GLY D 439 -3.53 5.82 10.44
CA GLY D 439 -3.14 6.92 11.29
C GLY D 439 -1.94 7.64 10.74
N GLY D 440 -1.28 8.39 11.63
CA GLY D 440 -0.10 9.16 11.28
C GLY D 440 0.21 10.28 12.26
N GLY D 441 0.56 11.45 11.75
CA GLY D 441 0.82 12.62 12.55
C GLY D 441 2.30 12.91 12.78
N ASP D 442 3.14 11.88 12.74
CA ASP D 442 4.58 12.03 12.94
C ASP D 442 5.29 11.67 11.63
N MET D 443 5.90 12.66 10.98
CA MET D 443 6.55 12.41 9.70
C MET D 443 7.86 11.65 9.84
N ARG D 444 8.27 11.27 11.05
CA ARG D 444 9.44 10.41 11.19
C ARG D 444 9.19 9.06 10.53
N ASP D 445 7.95 8.57 10.61
CA ASP D 445 7.61 7.31 9.93
C ASP D 445 7.74 7.45 8.42
N ASN D 446 7.51 8.66 7.89
CA ASN D 446 7.71 8.87 6.46
C ASN D 446 9.17 8.69 6.07
N TRP D 447 10.09 9.13 6.94
CA TRP D 447 11.51 8.93 6.67
C TRP D 447 11.96 7.53 7.04
N ARG D 448 11.30 6.90 8.00
CA ARG D 448 11.63 5.52 8.35
C ARG D 448 11.28 4.56 7.22
N SER D 449 10.27 4.90 6.42
CA SER D 449 9.87 4.03 5.31
C SER D 449 10.95 3.94 4.24
N GLU D 450 11.88 4.89 4.20
CA GLU D 450 12.95 4.89 3.21
C GLU D 450 14.33 4.73 3.82
N LEU D 451 14.48 4.92 5.13
CA LEU D 451 15.77 4.78 5.81
C LEU D 451 15.86 3.48 6.61
N TYR D 452 15.03 2.48 6.29
CA TYR D 452 15.10 1.21 6.98
C TYR D 452 16.32 0.39 6.59
N LYS D 453 16.91 0.68 5.44
CA LYS D 453 18.04 -0.08 4.91
C LYS D 453 19.36 0.68 5.02
N TYR D 454 19.47 1.58 5.98
CA TYR D 454 20.68 2.38 6.12
C TYR D 454 20.97 2.64 7.60
N LYS D 455 22.26 2.70 7.92
CA LYS D 455 22.71 3.09 9.25
C LYS D 455 24.11 3.66 9.14
N VAL D 456 24.49 4.45 10.14
CA VAL D 456 25.74 5.19 10.14
C VAL D 456 26.78 4.44 10.96
N VAL D 457 28.00 4.35 10.43
CA VAL D 457 29.13 3.76 11.12
C VAL D 457 30.37 4.61 10.85
N LYS D 458 31.34 4.51 11.75
CA LYS D 458 32.59 5.23 11.65
C LYS D 458 33.74 4.26 11.45
N ILE D 459 34.65 4.60 10.54
CA ILE D 459 35.79 3.75 10.21
C ILE D 459 36.96 4.12 11.10
N GLU D 460 37.51 3.13 11.80
CA GLU D 460 38.69 3.30 12.64
C GLU D 460 39.85 2.50 12.05
N PRO D 461 40.75 3.14 11.30
CA PRO D 461 41.79 2.38 10.59
C PRO D 461 42.98 1.96 11.44
N LEU D 462 42.96 2.22 12.75
CA LEU D 462 44.06 1.85 13.63
C LEU D 462 43.74 0.51 14.30
N GLY D 463 44.50 -0.52 13.93
CA GLY D 463 44.33 -1.83 14.51
C GLY D 463 45.64 -2.57 14.69
N VAL D 464 45.94 -2.97 15.92
CA VAL D 464 47.18 -3.67 16.24
C VAL D 464 46.96 -5.17 16.11
N ALA D 465 48.03 -5.89 15.79
CA ALA D 465 47.96 -7.34 15.62
C ALA D 465 49.35 -7.91 15.86
N PRO D 466 49.43 -9.13 16.42
CA PRO D 466 50.75 -9.72 16.69
C PRO D 466 51.28 -10.56 15.55
N THR D 467 52.61 -10.51 15.40
CA THR D 467 53.31 -11.34 14.43
C THR D 467 54.79 -11.33 14.77
N ARG D 468 55.49 -12.38 14.33
CA ARG D 468 56.90 -12.54 14.64
C ARG D 468 57.75 -11.55 13.84
N CYS D 469 57.51 -10.25 14.04
CA CYS D 469 58.25 -9.20 13.35
C CYS D 469 58.70 -8.17 14.37
N LYS D 470 60.00 -7.92 14.43
CA LYS D 470 60.58 -6.95 15.34
C LYS D 470 61.46 -5.99 14.55
N ARG D 471 61.49 -4.72 14.99
CA ARG D 471 62.24 -3.70 14.27
C ARG D 471 63.73 -3.80 14.55
N ARG D 472 64.44 -2.70 14.35
CA ARG D 472 65.89 -2.65 14.47
C ARG D 472 66.31 -2.16 15.86
N VAL D 473 67.61 -2.22 16.12
CA VAL D 473 68.16 -1.78 17.39
C VAL D 473 68.50 -0.31 17.34
N GLN E 1 -50.30 10.62 -32.83
CA GLN E 1 -50.22 12.06 -32.61
C GLN E 1 -50.70 12.43 -31.21
N VAL E 2 -50.37 13.64 -30.77
CA VAL E 2 -50.78 14.15 -29.47
C VAL E 2 -51.44 15.50 -29.68
N HIS E 3 -52.72 15.59 -29.29
CA HIS E 3 -53.50 16.82 -29.43
C HIS E 3 -53.92 17.29 -28.05
N LEU E 4 -53.41 18.44 -27.64
CA LEU E 4 -53.74 19.03 -26.35
C LEU E 4 -54.62 20.25 -26.56
N GLN E 5 -55.68 20.37 -25.77
CA GLN E 5 -56.64 21.45 -25.88
C GLN E 5 -56.94 22.01 -24.51
N GLU E 6 -56.81 23.34 -24.36
CA GLU E 6 -57.17 24.03 -23.14
C GLU E 6 -58.56 24.62 -23.26
N SER E 7 -59.26 24.69 -22.13
CA SER E 7 -60.62 25.23 -22.10
C SER E 7 -60.92 25.70 -20.69
N GLY E 8 -61.23 26.99 -20.55
CA GLY E 8 -61.54 27.55 -19.26
C GLY E 8 -62.60 28.63 -19.33
N PRO E 9 -62.73 29.42 -18.27
CA PRO E 9 -63.75 30.48 -18.29
C PRO E 9 -63.40 31.64 -19.20
N GLY E 10 -62.13 32.07 -19.20
CA GLY E 10 -61.70 33.19 -20.00
C GLY E 10 -61.94 34.55 -19.38
N LEU E 11 -62.63 34.63 -18.25
CA LEU E 11 -62.90 35.89 -17.57
C LEU E 11 -63.11 35.61 -16.09
N VAL E 12 -62.23 36.15 -15.25
CA VAL E 12 -62.29 35.93 -13.81
C VAL E 12 -62.19 37.28 -13.11
N LYS E 13 -63.08 37.50 -12.13
CA LYS E 13 -63.06 38.76 -11.39
C LYS E 13 -61.78 38.86 -10.56
N PRO E 14 -61.35 40.08 -10.25
CA PRO E 14 -60.16 40.24 -9.40
C PRO E 14 -60.36 39.61 -8.04
N SER E 15 -59.27 39.08 -7.49
CA SER E 15 -59.28 38.44 -6.17
C SER E 15 -60.29 37.30 -6.13
N GLU E 16 -60.16 36.35 -7.06
CA GLU E 16 -61.04 35.20 -7.12
C GLU E 16 -60.22 33.91 -7.26
N THR E 17 -60.67 33.00 -8.12
CA THR E 17 -59.97 31.74 -8.32
C THR E 17 -60.16 31.30 -9.76
N LEU E 18 -59.04 31.07 -10.47
CA LEU E 18 -59.07 30.62 -11.85
C LEU E 18 -59.02 29.10 -11.90
N SER E 19 -59.83 28.52 -12.78
CA SER E 19 -59.92 27.07 -12.94
C SER E 19 -59.83 26.75 -14.43
N LEU E 20 -58.73 26.13 -14.84
CA LEU E 20 -58.52 25.75 -16.23
C LEU E 20 -58.43 24.24 -16.34
N THR E 21 -58.60 23.74 -17.57
CA THR E 21 -58.58 22.31 -17.84
C THR E 21 -57.94 22.07 -19.20
N CYS E 22 -57.04 21.10 -19.26
CA CYS E 22 -56.32 20.74 -20.48
C CYS E 22 -56.80 19.34 -20.89
N ASN E 23 -57.71 19.30 -21.85
CA ASN E 23 -58.23 18.02 -22.35
C ASN E 23 -57.16 17.33 -23.17
N VAL E 24 -56.67 16.19 -22.68
CA VAL E 24 -55.57 15.47 -23.30
C VAL E 24 -56.11 14.46 -24.31
N SER E 25 -55.47 14.40 -25.47
CA SER E 25 -55.83 13.44 -26.51
C SER E 25 -54.57 13.02 -27.24
N GLY E 26 -54.23 11.73 -27.15
CA GLY E 26 -53.04 11.22 -27.80
C GLY E 26 -52.21 10.32 -26.92
N THR E 27 -52.25 10.55 -25.61
CA THR E 27 -51.48 9.74 -24.67
C THR E 27 -52.13 9.87 -23.30
N LEU E 28 -51.65 9.05 -22.37
CA LEU E 28 -52.17 9.07 -21.01
C LEU E 28 -51.54 10.20 -20.21
N VAL E 29 -52.32 10.74 -19.27
CA VAL E 29 -51.83 11.80 -18.39
C VAL E 29 -50.90 11.28 -17.31
N ARG E 30 -50.73 9.97 -17.19
CA ARG E 30 -49.90 9.37 -16.16
C ARG E 30 -48.52 8.99 -16.66
N ASP E 31 -48.38 8.64 -17.93
CA ASP E 31 -47.10 8.23 -18.50
C ASP E 31 -46.28 9.38 -19.05
N ASN E 32 -46.66 10.62 -18.73
CA ASN E 32 -45.93 11.79 -19.23
C ASN E 32 -45.98 12.89 -18.20
N TYR E 33 -45.05 13.84 -18.32
CA TYR E 33 -45.05 15.04 -17.51
C TYR E 33 -45.87 16.13 -18.16
N TRP E 34 -46.31 17.10 -17.35
CA TRP E 34 -47.15 18.18 -17.82
C TRP E 34 -46.71 19.49 -17.20
N SER E 35 -46.83 20.57 -17.96
CA SER E 35 -46.41 21.88 -17.50
C SER E 35 -47.31 22.95 -18.13
N TRP E 36 -47.54 24.02 -17.39
CA TRP E 36 -48.36 25.14 -17.83
C TRP E 36 -47.49 26.38 -17.96
N ILE E 37 -47.72 27.12 -19.05
CA ILE E 37 -46.96 28.35 -19.33
C ILE E 37 -47.94 29.46 -19.66
N ARG E 38 -47.74 30.63 -19.07
CA ARG E 38 -48.53 31.81 -19.36
C ARG E 38 -47.64 32.88 -19.96
N GLN E 39 -48.24 33.78 -20.73
CA GLN E 39 -47.48 34.82 -21.41
C GLN E 39 -48.31 36.09 -21.59
N PRO E 40 -47.95 37.18 -20.90
CA PRO E 40 -48.66 38.44 -21.12
C PRO E 40 -48.39 38.98 -22.51
N LEU E 41 -49.21 39.96 -22.90
CA LEU E 41 -49.09 40.55 -24.22
C LEU E 41 -47.84 41.42 -24.29
N GLY E 42 -46.96 41.13 -25.25
CA GLY E 42 -45.75 41.91 -25.42
C GLY E 42 -44.67 41.65 -24.40
N LYS E 43 -44.71 40.49 -23.74
CA LYS E 43 -43.72 40.12 -22.73
C LYS E 43 -43.15 38.75 -23.06
N GLN E 44 -42.23 38.27 -22.18
CA GLN E 44 -41.65 36.96 -22.39
C GLN E 44 -42.40 35.90 -21.60
N PRO E 45 -42.48 34.68 -22.12
CA PRO E 45 -43.21 33.62 -21.42
C PRO E 45 -42.65 33.38 -20.03
N GLU E 46 -43.53 32.97 -19.11
CA GLU E 46 -43.16 32.72 -17.73
C GLU E 46 -43.63 31.33 -17.34
N TRP E 47 -42.71 30.53 -16.81
CA TRP E 47 -43.06 29.19 -16.35
C TRP E 47 -43.88 29.27 -15.07
N ILE E 48 -44.85 28.37 -14.94
CA ILE E 48 -45.74 28.32 -13.79
C ILE E 48 -45.43 27.14 -12.89
N GLY E 49 -45.21 25.97 -13.45
CA GLY E 49 -44.90 24.78 -12.69
C GLY E 49 -45.31 23.53 -13.44
N TYR E 50 -44.64 22.44 -13.11
CA TYR E 50 -44.88 21.15 -13.72
C TYR E 50 -45.62 20.24 -12.75
N VAL E 51 -46.30 19.24 -13.32
CA VAL E 51 -47.10 18.29 -12.55
C VAL E 51 -46.93 16.90 -13.15
N HIS E 52 -46.79 15.91 -12.28
CA HIS E 52 -46.63 14.53 -12.70
C HIS E 52 -47.16 13.61 -11.61
N ASP E 53 -47.37 12.35 -11.97
CA ASP E 53 -47.88 11.37 -11.03
C ASP E 53 -46.85 11.11 -9.92
N SER E 54 -47.29 10.34 -8.92
CA SER E 54 -46.44 9.99 -7.78
C SER E 54 -46.03 11.22 -6.98
N GLY E 55 -46.88 12.24 -6.98
CA GLY E 55 -46.62 13.44 -6.19
C GLY E 55 -45.49 14.31 -6.69
N ASP E 56 -45.10 14.17 -7.96
CA ASP E 56 -44.03 14.98 -8.53
C ASP E 56 -44.65 16.26 -9.10
N THR E 57 -44.66 17.30 -8.27
CA THR E 57 -45.23 18.58 -8.67
C THR E 57 -44.53 19.70 -7.93
N ASN E 58 -44.01 20.66 -8.68
CA ASN E 58 -43.34 21.83 -8.11
C ASN E 58 -43.97 23.09 -8.67
N TYR E 59 -43.95 24.15 -7.87
CA TYR E 59 -44.58 25.41 -8.21
C TYR E 59 -43.53 26.49 -8.46
N ASN E 60 -43.98 27.59 -9.05
CA ASN E 60 -43.11 28.72 -9.31
C ASN E 60 -42.84 29.48 -8.02
N PRO E 61 -41.58 29.73 -7.66
CA PRO E 61 -41.30 30.44 -6.41
C PRO E 61 -42.00 31.79 -6.30
N SER E 62 -42.40 32.39 -7.43
CA SER E 62 -43.13 33.66 -7.39
C SER E 62 -44.64 33.46 -7.30
N LEU E 63 -45.16 32.29 -7.66
CA LEU E 63 -46.58 31.98 -7.58
C LEU E 63 -46.82 30.73 -6.75
N LYS E 64 -45.99 30.52 -5.73
CA LYS E 64 -46.02 29.26 -4.98
C LYS E 64 -47.30 29.13 -4.16
N SER E 65 -47.62 30.15 -3.36
CA SER E 65 -48.69 30.07 -2.39
C SER E 65 -50.08 30.31 -2.99
N ARG E 66 -50.25 30.16 -4.31
CA ARG E 66 -51.54 30.42 -4.92
C ARG E 66 -51.95 29.34 -5.91
N VAL E 67 -50.98 28.71 -6.56
CA VAL E 67 -51.25 27.74 -7.61
C VAL E 67 -51.40 26.36 -6.98
N HIS E 68 -52.29 25.55 -7.56
CA HIS E 68 -52.50 24.18 -7.12
C HIS E 68 -52.85 23.34 -8.34
N LEU E 69 -51.94 22.46 -8.75
CA LEU E 69 -52.13 21.63 -9.92
C LEU E 69 -52.66 20.26 -9.54
N SER E 70 -53.15 19.52 -10.54
CA SER E 70 -53.70 18.19 -10.32
C SER E 70 -53.83 17.49 -11.66
N LEU E 71 -53.89 16.17 -11.61
CA LEU E 71 -54.06 15.32 -12.79
C LEU E 71 -55.24 14.40 -12.57
N ASP E 72 -56.19 14.39 -13.50
CA ASP E 72 -57.38 13.56 -13.43
C ASP E 72 -57.14 12.32 -14.29
N LYS E 73 -56.72 11.23 -13.66
CA LYS E 73 -56.42 10.01 -14.41
C LYS E 73 -57.70 9.33 -14.92
N SER E 74 -58.80 9.43 -14.16
CA SER E 74 -60.04 8.80 -14.58
C SER E 74 -60.67 9.52 -15.76
N LYS E 75 -60.31 10.77 -16.00
CA LYS E 75 -60.84 11.54 -17.13
C LYS E 75 -59.78 11.89 -18.17
N ASN E 76 -58.51 11.65 -17.88
CA ASN E 76 -57.41 11.88 -18.82
C ASN E 76 -57.38 13.35 -19.28
N LEU E 77 -57.05 14.21 -18.33
CA LEU E 77 -56.95 15.64 -18.58
C LEU E 77 -56.16 16.29 -17.47
N VAL E 78 -55.63 17.47 -17.76
CA VAL E 78 -54.81 18.23 -16.81
C VAL E 78 -55.61 19.42 -16.32
N SER E 79 -55.50 19.70 -15.02
CA SER E 79 -56.23 20.77 -14.37
C SER E 79 -55.25 21.81 -13.84
N LEU E 80 -55.79 22.96 -13.45
CA LEU E 80 -54.98 24.05 -12.92
C LEU E 80 -55.86 24.97 -12.09
N ARG E 81 -55.32 25.46 -10.98
CA ARG E 81 -56.00 26.39 -10.10
C ARG E 81 -55.07 27.54 -9.74
N LEU E 82 -55.67 28.69 -9.47
CA LEU E 82 -54.90 29.89 -9.11
C LEU E 82 -55.81 30.79 -8.28
N THR E 83 -55.59 30.80 -6.97
CA THR E 83 -56.40 31.59 -6.06
C THR E 83 -55.81 32.99 -5.89
N GLY E 84 -56.69 33.96 -5.66
CA GLY E 84 -56.27 35.34 -5.49
C GLY E 84 -55.60 35.91 -6.73
N VAL E 85 -56.39 36.13 -7.78
CA VAL E 85 -55.89 36.62 -9.05
C VAL E 85 -55.92 38.14 -9.04
N THR E 86 -55.03 38.74 -9.84
CA THR E 86 -54.98 40.19 -9.97
C THR E 86 -54.91 40.59 -11.45
N ALA E 87 -54.62 41.86 -11.72
CA ALA E 87 -54.53 42.32 -13.10
C ALA E 87 -53.27 41.84 -13.79
N ALA E 88 -52.26 41.41 -13.04
CA ALA E 88 -51.01 40.94 -13.62
C ALA E 88 -51.08 39.50 -14.11
N ASP E 89 -52.13 38.76 -13.77
CA ASP E 89 -52.28 37.38 -14.19
C ASP E 89 -52.96 37.23 -15.54
N SER E 90 -53.26 38.33 -16.21
CA SER E 90 -53.87 38.28 -17.54
C SER E 90 -52.81 37.88 -18.56
N ALA E 91 -52.94 36.66 -19.09
CA ALA E 91 -51.96 36.13 -20.03
C ALA E 91 -52.63 35.02 -20.84
N ILE E 92 -51.84 34.34 -21.66
CA ILE E 92 -52.30 33.22 -22.48
C ILE E 92 -51.69 31.96 -21.90
N TYR E 93 -52.52 31.14 -21.28
CA TYR E 93 -52.05 29.93 -20.60
C TYR E 93 -52.02 28.76 -21.59
N TYR E 94 -50.88 28.08 -21.64
CA TYR E 94 -50.67 26.95 -22.54
C TYR E 94 -50.58 25.65 -21.75
N CYS E 95 -50.68 24.55 -22.49
CA CYS E 95 -50.59 23.20 -21.94
C CYS E 95 -49.67 22.39 -22.84
N ALA E 96 -48.56 21.90 -22.27
CA ALA E 96 -47.55 21.20 -23.06
C ALA E 96 -46.98 20.05 -22.26
N THR E 97 -46.67 18.95 -22.96
CA THR E 97 -45.99 17.83 -22.35
C THR E 97 -44.53 18.20 -22.04
N THR E 98 -43.96 17.50 -21.06
CA THR E 98 -42.61 17.78 -20.61
C THR E 98 -41.79 16.50 -20.63
N LYS E 99 -40.60 16.57 -21.22
CA LYS E 99 -39.65 15.47 -21.23
C LYS E 99 -38.41 15.90 -20.45
N HIS E 100 -38.09 15.15 -19.41
CA HIS E 100 -37.00 15.53 -18.51
C HIS E 100 -35.63 15.20 -19.12
N GLY E 101 -34.60 15.78 -18.54
CA GLY E 101 -33.24 15.55 -18.97
C GLY E 101 -32.29 15.64 -17.80
N ARG E 102 -31.10 15.07 -17.99
CA ARG E 102 -30.07 15.03 -16.96
C ARG E 102 -28.77 15.54 -17.54
N ARG E 103 -28.35 16.73 -17.12
CA ARG E 103 -27.10 17.34 -17.57
C ARG E 103 -26.02 17.08 -16.53
N ILE E 104 -24.98 16.35 -16.93
CA ILE E 104 -23.89 15.96 -16.05
C ILE E 104 -22.65 16.77 -16.41
N TYR E 105 -21.99 17.33 -15.39
CA TYR E 105 -20.81 18.14 -15.61
C TYR E 105 -19.67 17.70 -14.70
N GLY E 106 -20.02 17.14 -13.54
CA GLY E 106 -19.01 16.77 -12.57
C GLY E 106 -18.65 15.29 -12.58
N VAL E 107 -18.80 14.63 -11.44
CA VAL E 107 -18.46 13.23 -11.28
C VAL E 107 -19.67 12.37 -10.95
N VAL E 108 -20.88 12.90 -11.13
CA VAL E 108 -22.12 12.13 -10.97
C VAL E 108 -22.35 11.76 -9.51
N ALA E 109 -21.40 11.03 -8.92
CA ALA E 109 -21.58 10.51 -7.57
C ALA E 109 -21.83 11.62 -6.56
N PHE E 110 -21.10 12.74 -6.69
CA PHE E 110 -21.22 13.87 -5.77
C PHE E 110 -22.39 14.80 -6.12
N LYS E 111 -23.41 14.29 -6.80
CA LYS E 111 -24.59 15.09 -7.15
C LYS E 111 -24.18 16.35 -7.91
N GLU E 112 -23.10 16.26 -8.68
CA GLU E 112 -22.62 17.40 -9.47
C GLU E 112 -23.31 17.41 -10.83
N TRP E 113 -24.64 17.42 -10.79
CA TRP E 113 -25.46 17.47 -11.99
C TRP E 113 -26.76 18.18 -11.65
N PHE E 114 -27.57 18.42 -12.69
CA PHE E 114 -28.86 19.06 -12.51
C PHE E 114 -29.82 18.56 -13.58
N THR E 115 -31.10 18.53 -13.22
CA THR E 115 -32.15 18.04 -14.10
C THR E 115 -32.80 19.22 -14.81
N TYR E 116 -32.78 19.21 -16.14
CA TYR E 116 -33.41 20.24 -16.94
C TYR E 116 -34.63 19.68 -17.66
N PHE E 117 -35.59 20.54 -17.95
CA PHE E 117 -36.83 20.16 -18.59
C PHE E 117 -37.02 20.95 -19.87
N TYR E 118 -37.86 20.41 -20.76
CA TYR E 118 -38.16 21.06 -22.03
C TYR E 118 -39.50 20.52 -22.55
N MET E 119 -40.36 21.42 -22.99
CA MET E 119 -41.65 21.06 -23.55
C MET E 119 -41.54 20.92 -25.06
N ASP E 120 -42.04 19.83 -25.61
CA ASP E 120 -41.96 19.54 -27.03
C ASP E 120 -43.32 19.58 -27.73
N VAL E 121 -44.38 19.12 -27.07
CA VAL E 121 -45.72 19.07 -27.66
C VAL E 121 -46.57 20.08 -26.91
N TRP E 122 -46.72 21.27 -27.48
CA TRP E 122 -47.53 22.32 -26.87
C TRP E 122 -49.00 22.11 -27.18
N GLY E 123 -49.83 23.04 -26.71
CA GLY E 123 -51.25 23.03 -26.98
C GLY E 123 -51.67 24.28 -27.75
N LYS E 124 -52.94 24.30 -28.15
CA LYS E 124 -53.46 25.44 -28.88
C LYS E 124 -53.50 26.70 -28.02
N GLY E 125 -53.68 26.55 -26.71
CA GLY E 125 -53.68 27.68 -25.80
C GLY E 125 -55.03 28.32 -25.62
N THR E 126 -55.31 28.80 -24.41
CA THR E 126 -56.56 29.48 -24.09
C THR E 126 -56.27 30.90 -23.64
N SER E 127 -57.25 31.78 -23.85
CA SER E 127 -57.14 33.19 -23.49
C SER E 127 -57.91 33.45 -22.20
N VAL E 128 -57.23 34.03 -21.21
CA VAL E 128 -57.82 34.35 -19.92
C VAL E 128 -57.57 35.82 -19.65
N THR E 129 -58.65 36.58 -19.49
CA THR E 129 -58.59 38.01 -19.20
C THR E 129 -59.18 38.26 -17.83
N VAL E 130 -58.47 39.04 -17.02
CA VAL E 130 -58.89 39.35 -15.65
C VAL E 130 -59.50 40.75 -15.64
N SER E 131 -60.77 40.83 -15.25
CA SER E 131 -61.46 42.11 -15.18
C SER E 131 -62.72 41.94 -14.36
N SER E 132 -63.16 43.04 -13.75
CA SER E 132 -64.37 43.05 -12.93
C SER E 132 -65.61 43.44 -13.72
N ALA E 133 -65.55 43.37 -15.05
CA ALA E 133 -66.67 43.70 -15.91
C ALA E 133 -67.45 42.45 -16.30
N SER E 134 -68.71 42.66 -16.66
CA SER E 134 -69.58 41.56 -17.04
C SER E 134 -69.36 41.19 -18.50
N THR E 135 -69.90 40.02 -18.88
CA THR E 135 -69.80 39.53 -20.26
C THR E 135 -71.00 40.03 -21.05
N LYS E 136 -70.74 40.56 -22.25
CA LYS E 136 -71.78 41.07 -23.12
C LYS E 136 -71.87 40.21 -24.38
N GLY E 137 -73.11 39.93 -24.80
CA GLY E 137 -73.34 39.16 -25.99
C GLY E 137 -73.13 39.98 -27.26
N PRO E 138 -72.39 39.43 -28.21
CA PRO E 138 -72.12 40.17 -29.44
C PRO E 138 -73.35 40.23 -30.35
N SER E 139 -73.36 41.24 -31.21
CA SER E 139 -74.43 41.46 -32.18
C SER E 139 -73.84 41.32 -33.57
N VAL E 140 -74.30 40.32 -34.32
CA VAL E 140 -73.77 40.04 -35.65
C VAL E 140 -74.62 40.75 -36.69
N PHE E 141 -73.96 41.36 -37.68
CA PHE E 141 -74.62 42.05 -38.76
C PHE E 141 -73.95 41.65 -40.08
N PRO E 142 -74.71 41.22 -41.07
CA PRO E 142 -74.11 40.75 -42.33
C PRO E 142 -73.68 41.90 -43.22
N LEU E 143 -72.59 41.68 -43.95
CA LEU E 143 -72.05 42.65 -44.91
C LEU E 143 -72.39 42.17 -46.31
N ALA E 144 -73.10 43.00 -47.07
CA ALA E 144 -73.53 42.61 -48.40
C ALA E 144 -72.37 42.63 -49.38
N PRO E 145 -72.39 41.78 -50.40
CA PRO E 145 -71.32 41.78 -51.40
C PRO E 145 -71.40 43.01 -52.30
N SER E 146 -70.24 43.43 -52.79
CA SER E 146 -70.16 44.58 -53.69
C SER E 146 -68.82 44.53 -54.41
N SER E 147 -68.84 44.09 -55.66
CA SER E 147 -67.63 44.03 -56.48
C SER E 147 -66.51 43.28 -55.78
N GLY E 152 -65.19 43.18 -62.12
CA GLY E 152 -63.83 42.76 -62.39
C GLY E 152 -63.65 41.26 -62.32
N GLY E 153 -64.75 40.53 -62.30
CA GLY E 153 -64.73 39.08 -62.24
C GLY E 153 -64.68 38.50 -60.85
N THR E 154 -64.40 39.31 -59.82
CA THR E 154 -64.34 38.85 -58.45
C THR E 154 -65.25 39.70 -57.59
N ALA E 155 -65.66 39.14 -56.44
CA ALA E 155 -66.55 39.81 -55.52
C ALA E 155 -66.15 39.49 -54.09
N ALA E 156 -66.46 40.40 -53.18
CA ALA E 156 -66.17 40.26 -51.77
C ALA E 156 -67.45 39.96 -50.98
N LEU E 157 -67.26 39.39 -49.79
CA LEU E 157 -68.39 39.03 -48.94
C LEU E 157 -67.89 38.73 -47.53
N GLY E 158 -68.55 39.28 -46.52
CA GLY E 158 -68.09 39.08 -45.17
C GLY E 158 -69.19 39.32 -44.15
N CYS E 159 -68.83 39.15 -42.88
CA CYS E 159 -69.72 39.33 -41.76
C CYS E 159 -69.13 40.37 -40.80
N LEU E 160 -69.76 40.53 -39.64
CA LEU E 160 -69.32 41.52 -38.67
C LEU E 160 -69.78 41.12 -37.28
N VAL E 161 -68.92 41.34 -36.30
CA VAL E 161 -69.21 41.08 -34.89
C VAL E 161 -68.87 42.35 -34.12
N LYS E 162 -69.86 42.92 -33.46
CA LYS E 162 -69.71 44.24 -32.85
C LYS E 162 -70.12 44.20 -31.38
N ASP E 163 -69.33 44.89 -30.55
CA ASP E 163 -69.65 45.09 -29.14
C ASP E 163 -69.72 43.78 -28.36
N TYR E 164 -68.56 43.24 -27.99
CA TYR E 164 -68.49 42.05 -27.17
C TYR E 164 -67.30 42.17 -26.22
N PHE E 165 -67.24 41.26 -25.25
CA PHE E 165 -66.17 41.24 -24.26
C PHE E 165 -66.21 39.93 -23.49
N PRO E 166 -65.05 39.29 -23.26
CA PRO E 166 -63.76 39.74 -23.77
C PRO E 166 -63.30 38.95 -25.01
N GLU E 167 -62.02 39.04 -25.32
CA GLU E 167 -61.46 38.25 -26.40
C GLU E 167 -61.37 36.78 -25.97
N PRO E 168 -61.36 35.85 -26.94
CA PRO E 168 -61.55 36.12 -28.37
C PRO E 168 -62.92 35.70 -28.87
N VAL E 169 -63.07 35.56 -30.20
CA VAL E 169 -64.30 35.09 -30.82
C VAL E 169 -63.93 34.23 -32.02
N THR E 170 -64.40 32.99 -32.03
CA THR E 170 -64.10 32.06 -33.11
C THR E 170 -65.11 32.24 -34.24
N VAL E 171 -64.61 32.45 -35.46
CA VAL E 171 -65.44 32.67 -36.63
C VAL E 171 -65.08 31.62 -37.67
N SER E 172 -66.09 30.90 -38.16
CA SER E 172 -65.91 29.89 -39.19
C SER E 172 -66.94 30.11 -40.29
N TRP E 173 -66.58 29.68 -41.50
CA TRP E 173 -67.43 29.85 -42.68
C TRP E 173 -67.92 28.49 -43.16
N ASN E 174 -69.23 28.37 -43.32
CA ASN E 174 -69.85 27.12 -43.79
C ASN E 174 -69.51 25.96 -42.87
N SER E 175 -69.43 26.24 -41.57
CA SER E 175 -69.12 25.22 -40.56
C SER E 175 -67.77 24.56 -40.82
N GLY E 176 -66.83 25.31 -41.42
CA GLY E 176 -65.51 24.80 -41.70
C GLY E 176 -65.29 24.32 -43.12
N ALA E 177 -66.28 24.48 -44.00
CA ALA E 177 -66.18 24.04 -45.39
C ALA E 177 -65.68 25.13 -46.32
N LEU E 178 -64.95 26.11 -45.80
CA LEU E 178 -64.43 27.21 -46.62
C LEU E 178 -63.15 27.70 -45.97
N THR E 179 -62.01 27.22 -46.47
CA THR E 179 -60.70 27.59 -45.94
C THR E 179 -59.82 28.26 -46.99
N SER E 180 -60.38 28.68 -48.11
CA SER E 180 -59.63 29.32 -49.18
C SER E 180 -60.17 30.73 -49.38
N GLY E 181 -59.35 31.73 -49.05
CA GLY E 181 -59.73 33.12 -49.23
C GLY E 181 -60.24 33.80 -47.98
N VAL E 182 -60.24 33.14 -46.83
CA VAL E 182 -60.72 33.71 -45.59
C VAL E 182 -59.61 34.51 -44.94
N HIS E 183 -59.92 35.75 -44.52
CA HIS E 183 -58.95 36.64 -43.87
C HIS E 183 -59.66 37.32 -42.70
N THR E 184 -59.66 36.65 -41.55
CA THR E 184 -60.27 37.21 -40.35
C THR E 184 -59.36 38.29 -39.77
N PHE E 185 -59.93 39.45 -39.42
CA PHE E 185 -59.13 40.55 -38.92
C PHE E 185 -59.21 40.64 -37.40
N PRO E 186 -58.18 41.22 -36.78
CA PRO E 186 -58.22 41.39 -35.32
C PRO E 186 -59.24 42.43 -34.91
N ALA E 187 -59.64 42.35 -33.65
CA ALA E 187 -60.65 43.25 -33.12
C ALA E 187 -60.03 44.59 -32.73
N VAL E 188 -60.90 45.57 -32.47
CA VAL E 188 -60.50 46.91 -32.06
C VAL E 188 -61.17 47.22 -30.72
N LEU E 189 -60.36 47.63 -29.75
CA LEU E 189 -60.87 47.98 -28.42
C LEU E 189 -61.34 49.43 -28.44
N GLN E 190 -62.66 49.62 -28.46
CA GLN E 190 -63.25 50.95 -28.51
C GLN E 190 -63.13 51.63 -27.15
N SER E 191 -63.56 52.89 -27.10
CA SER E 191 -63.52 53.64 -25.84
C SER E 191 -64.54 53.12 -24.83
N SER E 192 -65.58 52.43 -25.29
CA SER E 192 -66.59 51.89 -24.39
C SER E 192 -66.13 50.60 -23.71
N GLY E 193 -65.10 49.94 -24.24
CA GLY E 193 -64.60 48.72 -23.64
C GLY E 193 -65.18 47.47 -24.26
N LEU E 194 -65.34 47.47 -25.58
CA LEU E 194 -65.91 46.34 -26.30
C LEU E 194 -65.14 46.13 -27.59
N TYR E 195 -64.69 44.90 -27.82
CA TYR E 195 -63.97 44.57 -29.03
C TYR E 195 -64.93 44.42 -30.21
N SER E 196 -64.37 44.47 -31.41
CA SER E 196 -65.16 44.35 -32.64
C SER E 196 -64.24 43.97 -33.78
N LEU E 197 -64.44 42.80 -34.35
CA LEU E 197 -63.64 42.31 -35.47
C LEU E 197 -64.53 42.03 -36.67
N SER E 198 -63.90 41.65 -37.78
CA SER E 198 -64.61 41.35 -39.01
C SER E 198 -63.95 40.15 -39.68
N SER E 199 -64.59 39.66 -40.73
CA SER E 199 -64.07 38.52 -41.48
C SER E 199 -64.68 38.53 -42.87
N VAL E 200 -63.81 38.48 -43.90
CA VAL E 200 -64.25 38.51 -45.28
C VAL E 200 -63.68 37.30 -46.01
N VAL E 201 -64.29 36.98 -47.15
CA VAL E 201 -63.89 35.86 -47.98
C VAL E 201 -63.89 36.30 -49.44
N THR E 202 -62.83 35.96 -50.16
CA THR E 202 -62.72 36.29 -51.58
C THR E 202 -63.32 35.15 -52.40
N VAL E 203 -64.50 35.38 -52.96
CA VAL E 203 -65.19 34.36 -53.75
C VAL E 203 -65.38 34.91 -55.16
N PRO E 204 -65.52 34.03 -56.15
CA PRO E 204 -65.72 34.50 -57.53
C PRO E 204 -67.04 35.24 -57.68
N SER E 205 -67.15 35.96 -58.80
CA SER E 205 -68.33 36.76 -59.07
C SER E 205 -69.57 35.92 -59.35
N SER E 206 -69.39 34.66 -59.73
CA SER E 206 -70.53 33.77 -59.97
C SER E 206 -71.04 33.23 -58.63
N SER E 207 -71.36 34.13 -57.70
CA SER E 207 -71.75 33.72 -56.36
C SER E 207 -73.22 33.34 -56.26
N LEU E 208 -74.08 33.95 -57.08
CA LEU E 208 -75.51 33.72 -56.96
C LEU E 208 -75.83 32.24 -57.15
N GLY E 209 -76.67 31.71 -56.29
CA GLY E 209 -77.04 30.30 -56.33
C GLY E 209 -78.51 30.03 -56.11
N THR E 210 -78.99 30.23 -54.90
CA THR E 210 -78.16 30.73 -53.81
C THR E 210 -77.27 29.64 -53.22
N GLN E 211 -75.97 29.89 -53.19
CA GLN E 211 -75.05 28.97 -52.52
C GLN E 211 -75.31 28.90 -51.02
N THR E 212 -75.98 29.90 -50.46
CA THR E 212 -76.30 29.92 -49.04
C THR E 212 -75.04 30.03 -48.20
N TYR E 213 -74.23 31.06 -48.46
CA TYR E 213 -73.06 31.31 -47.65
C TYR E 213 -73.48 31.87 -46.28
N ILE E 214 -72.93 31.30 -45.21
CA ILE E 214 -73.29 31.70 -43.86
C ILE E 214 -72.06 31.59 -42.98
N CYS E 215 -71.92 32.54 -42.05
CA CYS E 215 -70.77 32.62 -41.16
C CYS E 215 -71.19 32.19 -39.76
N ASN E 216 -70.40 31.30 -39.16
CA ASN E 216 -70.68 30.79 -37.82
C ASN E 216 -69.83 31.55 -36.80
N VAL E 217 -70.48 32.19 -35.85
CA VAL E 217 -69.83 32.97 -34.81
C VAL E 217 -70.09 32.33 -33.46
N ASN E 218 -69.04 32.24 -32.64
CA ASN E 218 -69.14 31.66 -31.31
C ASN E 218 -68.38 32.53 -30.31
N HIS E 219 -68.97 32.70 -29.14
CA HIS E 219 -68.37 33.48 -28.05
C HIS E 219 -68.48 32.66 -26.77
N LYS E 220 -67.36 32.12 -26.31
CA LYS E 220 -67.39 31.23 -25.15
C LYS E 220 -67.79 31.96 -23.88
N PRO E 221 -67.24 33.13 -23.55
CA PRO E 221 -67.61 33.79 -22.29
C PRO E 221 -69.11 34.04 -22.14
N SER E 222 -69.85 34.14 -23.24
CA SER E 222 -71.29 34.36 -23.18
C SER E 222 -72.10 33.19 -23.70
N ASN E 223 -71.46 32.13 -24.18
CA ASN E 223 -72.15 30.96 -24.71
C ASN E 223 -73.14 31.37 -25.82
N THR E 224 -72.74 32.36 -26.60
CA THR E 224 -73.60 32.91 -27.66
C THR E 224 -73.19 32.30 -29.00
N LYS E 225 -74.14 31.65 -29.66
CA LYS E 225 -73.94 31.09 -30.99
C LYS E 225 -75.00 31.67 -31.91
N VAL E 226 -74.59 32.52 -32.84
CA VAL E 226 -75.49 33.23 -33.75
C VAL E 226 -75.12 32.87 -35.17
N ASP E 227 -76.12 32.55 -35.98
CA ASP E 227 -75.94 32.25 -37.40
C ASP E 227 -76.70 33.29 -38.21
N LYS E 228 -75.98 34.01 -39.07
CA LYS E 228 -76.57 35.06 -39.90
C LYS E 228 -76.27 34.78 -41.36
N ARG E 229 -77.32 34.62 -42.16
CA ARG E 229 -77.16 34.36 -43.58
C ARG E 229 -76.95 35.66 -44.34
N VAL E 230 -75.93 35.70 -45.20
CA VAL E 230 -75.58 36.88 -45.98
C VAL E 230 -76.19 36.74 -47.37
N GLU E 231 -76.90 37.76 -47.82
CA GLU E 231 -77.55 37.77 -49.11
C GLU E 231 -77.41 39.14 -49.75
N PRO E 232 -77.05 39.21 -51.04
CA PRO E 232 -76.90 40.48 -51.76
C PRO E 232 -78.15 41.33 -51.72
N THR F 3 -35.36 43.49 -28.97
CA THR F 3 -34.12 43.30 -29.72
C THR F 3 -34.41 42.76 -31.11
N PHE F 4 -33.86 43.41 -32.13
CA PHE F 4 -34.09 43.04 -33.52
C PHE F 4 -32.76 42.91 -34.25
N VAL F 5 -32.66 41.87 -35.09
CA VAL F 5 -31.46 41.64 -35.90
C VAL F 5 -31.95 41.21 -37.29
N SER F 6 -31.71 42.05 -38.29
CA SER F 6 -32.15 41.77 -39.65
C SER F 6 -31.06 41.02 -40.40
N VAL F 7 -31.44 39.96 -41.10
CA VAL F 7 -30.52 39.13 -41.87
C VAL F 7 -31.08 38.95 -43.27
N ALA F 8 -30.21 39.02 -44.27
CA ALA F 8 -30.63 38.82 -45.64
C ALA F 8 -30.99 37.36 -45.87
N PRO F 9 -31.99 37.09 -46.71
CA PRO F 9 -32.38 35.69 -46.96
C PRO F 9 -31.24 34.89 -47.56
N GLY F 10 -31.13 33.64 -47.13
CA GLY F 10 -30.10 32.75 -47.62
C GLY F 10 -28.78 32.81 -46.88
N GLN F 11 -28.58 33.82 -46.04
CA GLN F 11 -27.34 33.96 -45.28
C GLN F 11 -27.45 33.18 -43.97
N THR F 12 -26.63 33.51 -42.99
CA THR F 12 -26.65 32.88 -41.68
C THR F 12 -27.08 33.91 -40.64
N ALA F 13 -27.90 33.46 -39.68
CA ALA F 13 -28.47 34.34 -38.67
C ALA F 13 -27.83 34.08 -37.31
N ARG F 14 -27.77 35.14 -36.50
CA ARG F 14 -27.25 35.07 -35.14
C ARG F 14 -28.27 35.69 -34.20
N ILE F 15 -28.47 35.05 -33.04
CA ILE F 15 -29.41 35.52 -32.04
C ILE F 15 -28.80 35.33 -30.66
N THR F 16 -28.84 36.38 -29.85
CA THR F 16 -28.33 36.35 -28.49
C THR F 16 -29.48 36.43 -27.51
N CYS F 17 -29.45 35.58 -26.48
CA CYS F 17 -30.51 35.52 -25.49
C CYS F 17 -29.93 35.05 -24.17
N GLY F 18 -30.36 35.69 -23.08
CA GLY F 18 -29.89 35.36 -21.76
C GLY F 18 -28.62 36.10 -21.38
N GLU F 19 -28.27 36.00 -20.10
CA GLU F 19 -27.08 36.66 -19.58
C GLU F 19 -25.84 35.87 -20.01
N GLU F 20 -24.70 36.19 -19.41
CA GLU F 20 -23.46 35.47 -19.69
C GLU F 20 -23.38 34.21 -18.84
N SER F 21 -22.78 33.17 -19.41
CA SER F 21 -22.71 31.88 -18.73
C SER F 21 -21.79 31.97 -17.51
N LEU F 22 -22.24 31.36 -16.42
CA LEU F 22 -21.44 31.25 -15.20
C LEU F 22 -20.97 29.84 -14.92
N GLY F 23 -21.52 28.85 -15.61
CA GLY F 23 -21.08 27.48 -15.47
C GLY F 23 -21.54 26.66 -16.66
N SER F 24 -21.56 25.35 -16.48
CA SER F 24 -22.07 24.46 -17.51
C SER F 24 -23.56 24.67 -17.67
N ARG F 25 -24.01 24.87 -18.90
CA ARG F 25 -25.39 25.19 -19.20
C ARG F 25 -26.03 24.14 -20.09
N SER F 26 -27.36 24.22 -20.19
CA SER F 26 -28.17 23.39 -21.08
C SER F 26 -29.29 24.29 -21.61
N VAL F 27 -28.96 25.14 -22.57
CA VAL F 27 -29.89 26.15 -23.05
C VAL F 27 -30.96 25.50 -23.93
N ILE F 28 -32.21 25.91 -23.73
CA ILE F 28 -33.34 25.43 -24.50
C ILE F 28 -33.86 26.58 -25.33
N TRP F 29 -33.93 26.39 -26.65
CA TRP F 29 -34.38 27.42 -27.57
C TRP F 29 -35.81 27.15 -28.03
N TYR F 30 -36.56 28.22 -28.28
CA TYR F 30 -37.93 28.12 -28.73
C TYR F 30 -38.18 29.13 -29.84
N GLN F 31 -39.27 28.90 -30.58
CA GLN F 31 -39.68 29.78 -31.67
C GLN F 31 -41.17 30.02 -31.57
N GLN F 32 -41.57 31.28 -31.52
CA GLN F 32 -42.96 31.68 -31.38
C GLN F 32 -43.41 32.37 -32.66
N ARG F 33 -44.25 31.69 -33.43
CA ARG F 33 -44.79 32.30 -34.63
C ARG F 33 -45.78 33.39 -34.26
N PRO F 34 -45.82 34.51 -35.00
CA PRO F 34 -46.74 35.59 -34.67
C PRO F 34 -48.18 35.12 -34.69
N GLY F 35 -48.85 35.20 -33.54
CA GLY F 35 -50.21 34.75 -33.43
C GLY F 35 -50.39 33.27 -33.18
N GLN F 36 -49.32 32.56 -32.86
CA GLN F 36 -49.39 31.12 -32.63
C GLN F 36 -48.75 30.74 -31.30
N ALA F 37 -48.54 29.43 -31.10
CA ALA F 37 -47.94 28.94 -29.87
C ALA F 37 -46.45 28.65 -30.06
N PRO F 38 -45.64 28.89 -29.03
CA PRO F 38 -44.21 28.60 -29.15
C PRO F 38 -43.95 27.11 -29.34
N SER F 39 -42.91 26.81 -30.12
CA SER F 39 -42.52 25.45 -30.41
C SER F 39 -41.07 25.22 -29.99
N LEU F 40 -40.74 23.96 -29.73
CA LEU F 40 -39.39 23.60 -29.32
C LEU F 40 -38.48 23.48 -30.55
N ILE F 41 -37.35 24.17 -30.50
CA ILE F 41 -36.38 24.19 -31.60
C ILE F 41 -35.15 23.35 -31.25
N ILE F 42 -34.42 23.74 -30.21
CA ILE F 42 -33.18 23.07 -29.82
C ILE F 42 -33.16 22.93 -28.30
N TYR F 43 -33.04 21.70 -27.82
CA TYR F 43 -32.91 21.41 -26.41
C TYR F 43 -31.50 20.92 -26.12
N ASN F 44 -31.04 21.16 -24.88
CA ASN F 44 -29.69 20.78 -24.46
C ASN F 44 -28.63 21.45 -25.32
N ASN F 45 -28.66 22.78 -25.32
CA ASN F 45 -27.64 23.58 -25.99
C ASN F 45 -27.69 23.41 -27.50
N ASN F 46 -27.31 22.23 -28.00
CA ASN F 46 -27.24 21.99 -29.44
C ASN F 46 -27.67 20.55 -29.76
N ASP F 47 -28.93 20.24 -29.46
CA ASP F 47 -29.52 18.96 -29.80
C ASP F 47 -30.91 19.20 -30.36
N ARG F 48 -31.13 18.79 -31.60
CA ARG F 48 -32.41 19.05 -32.25
C ARG F 48 -33.31 17.82 -32.22
N PRO F 49 -34.59 17.99 -31.89
CA PRO F 49 -35.51 16.84 -31.93
C PRO F 49 -35.94 16.51 -33.34
N SER F 50 -36.92 15.62 -33.48
CA SER F 50 -37.41 15.23 -34.79
C SER F 50 -38.34 16.32 -35.34
N GLY F 51 -38.05 16.77 -36.56
CA GLY F 51 -38.84 17.80 -37.22
C GLY F 51 -38.12 19.11 -37.43
N ILE F 52 -36.93 19.28 -36.85
CA ILE F 52 -36.14 20.50 -36.98
C ILE F 52 -34.94 20.20 -37.85
N PRO F 53 -34.72 20.95 -38.93
CA PRO F 53 -33.57 20.68 -39.81
C PRO F 53 -32.26 21.01 -39.11
N ASP F 54 -31.17 20.58 -39.75
CA ASP F 54 -29.83 20.82 -39.23
C ASP F 54 -29.36 22.26 -39.44
N ARG F 55 -30.23 23.13 -39.95
CA ARG F 55 -29.85 24.52 -40.17
C ARG F 55 -29.75 25.30 -38.86
N PHE F 56 -30.35 24.79 -37.78
CA PHE F 56 -30.33 25.46 -36.48
C PHE F 56 -29.27 24.82 -35.59
N SER F 57 -28.44 25.66 -34.98
CA SER F 57 -27.39 25.17 -34.09
C SER F 57 -27.16 26.20 -32.99
N GLY F 58 -27.09 25.74 -31.75
CA GLY F 58 -26.85 26.61 -30.62
C GLY F 58 -25.45 26.47 -30.06
N SER F 59 -25.01 27.48 -29.31
CA SER F 59 -23.67 27.42 -28.73
C SER F 59 -23.60 26.31 -27.69
N PRO F 60 -22.49 25.58 -27.61
CA PRO F 60 -22.40 24.50 -26.62
C PRO F 60 -22.35 25.06 -25.20
N GLY F 61 -23.03 24.36 -24.29
CA GLY F 61 -23.04 24.69 -22.89
C GLY F 61 -21.75 24.40 -22.14
N SER F 62 -20.67 24.05 -22.84
CA SER F 62 -19.38 23.77 -22.22
C SER F 62 -18.48 25.00 -22.10
N THR F 63 -18.90 26.13 -22.66
CA THR F 63 -18.12 27.36 -22.60
C THR F 63 -18.53 28.18 -21.38
N PHE F 64 -17.53 28.70 -20.67
CA PHE F 64 -17.74 29.46 -19.44
C PHE F 64 -17.40 30.92 -19.72
N GLY F 65 -18.43 31.76 -19.84
CA GLY F 65 -18.22 33.18 -20.01
C GLY F 65 -18.95 33.78 -21.20
N THR F 66 -19.46 32.94 -22.09
CA THR F 66 -20.15 33.40 -23.28
C THR F 66 -21.65 33.24 -23.13
N THR F 67 -22.39 34.07 -23.86
CA THR F 67 -23.85 34.03 -23.82
C THR F 67 -24.37 32.94 -24.77
N ALA F 68 -25.63 32.56 -24.55
CA ALA F 68 -26.27 31.57 -25.41
C ALA F 68 -26.51 32.18 -26.78
N THR F 69 -25.92 31.59 -27.81
CA THR F 69 -26.02 32.08 -29.18
C THR F 69 -26.73 31.05 -30.05
N LEU F 70 -27.72 31.50 -30.80
CA LEU F 70 -28.49 30.65 -31.70
C LEU F 70 -28.11 30.99 -33.13
N THR F 71 -27.55 30.03 -33.84
CA THR F 71 -27.11 30.21 -35.22
C THR F 71 -28.10 29.55 -36.17
N ILE F 72 -28.56 30.30 -37.16
CA ILE F 72 -29.54 29.83 -38.13
C ILE F 72 -28.92 29.99 -39.51
N THR F 73 -28.54 28.88 -40.13
CA THR F 73 -27.98 28.88 -41.47
C THR F 73 -29.10 28.83 -42.49
N SER F 74 -28.85 29.46 -43.65
CA SER F 74 -29.85 29.53 -44.70
C SER F 74 -31.12 30.19 -44.19
N VAL F 75 -31.13 31.52 -44.15
CA VAL F 75 -32.27 32.26 -43.62
C VAL F 75 -33.39 32.27 -44.66
N GLU F 76 -34.61 32.00 -44.20
CA GLU F 76 -35.78 32.00 -45.07
C GLU F 76 -36.86 32.88 -44.45
N ALA F 77 -37.83 33.26 -45.28
CA ALA F 77 -38.91 34.11 -44.82
C ALA F 77 -39.79 33.44 -43.78
N GLY F 78 -39.80 32.11 -43.73
CA GLY F 78 -40.60 31.40 -42.75
C GLY F 78 -40.07 31.48 -41.34
N ASP F 79 -38.76 31.70 -41.18
CA ASP F 79 -38.16 31.80 -39.86
C ASP F 79 -38.39 33.15 -39.19
N GLU F 80 -39.08 34.07 -39.84
CA GLU F 80 -39.36 35.38 -39.27
C GLU F 80 -40.35 35.22 -38.13
N ALA F 81 -39.84 35.16 -36.90
CA ALA F 81 -40.67 34.99 -35.72
C ALA F 81 -39.84 35.37 -34.49
N ASP F 82 -40.38 35.09 -33.31
CA ASP F 82 -39.70 35.38 -32.06
C ASP F 82 -38.91 34.16 -31.59
N TYR F 83 -37.79 34.42 -30.93
CA TYR F 83 -36.89 33.37 -30.46
C TYR F 83 -36.55 33.64 -28.99
N TYR F 84 -37.05 32.80 -28.10
CA TYR F 84 -36.76 32.87 -26.68
C TYR F 84 -35.86 31.70 -26.28
N CYS F 85 -35.17 31.87 -25.15
CA CYS F 85 -34.27 30.85 -24.63
C CYS F 85 -34.58 30.60 -23.17
N HIS F 86 -34.24 29.38 -22.71
CA HIS F 86 -34.42 28.98 -21.32
C HIS F 86 -33.06 28.56 -20.78
N ILE F 87 -32.54 29.31 -19.82
CA ILE F 87 -31.19 29.11 -19.31
C ILE F 87 -31.24 28.14 -18.14
N TRP F 88 -30.46 27.07 -18.24
CA TRP F 88 -30.27 26.09 -17.17
C TRP F 88 -28.80 26.15 -16.75
N ASP F 89 -28.51 26.96 -15.74
CA ASP F 89 -27.16 27.19 -15.28
C ASP F 89 -26.91 26.48 -13.95
N SER F 90 -25.73 25.88 -13.82
CA SER F 90 -25.39 25.18 -12.58
C SER F 90 -25.06 26.14 -11.46
N ARG F 91 -24.65 27.36 -11.77
CA ARG F 91 -24.34 28.36 -10.76
C ARG F 91 -25.55 29.23 -10.40
N ARG F 92 -26.56 29.28 -11.26
CA ARG F 92 -27.75 30.10 -11.07
C ARG F 92 -28.95 29.24 -10.74
N PRO F 93 -29.91 29.76 -9.98
CA PRO F 93 -31.13 29.02 -9.70
C PRO F 93 -31.95 28.78 -10.96
N THR F 94 -33.00 27.98 -10.82
CA THR F 94 -33.88 27.68 -11.95
C THR F 94 -34.61 28.94 -12.40
N ASN F 95 -34.54 29.22 -13.69
CA ASN F 95 -35.17 30.40 -14.27
C ASN F 95 -36.58 30.05 -14.71
N TRP F 96 -37.57 30.50 -13.94
CA TRP F 96 -38.97 30.30 -14.28
C TRP F 96 -39.51 31.34 -15.25
N VAL F 97 -38.67 32.28 -15.69
CA VAL F 97 -39.04 33.28 -16.67
C VAL F 97 -38.05 33.19 -17.82
N PHE F 98 -38.56 32.90 -19.02
CA PHE F 98 -37.70 32.79 -20.18
C PHE F 98 -36.96 34.09 -20.43
N GLY F 99 -35.78 33.98 -21.05
CA GLY F 99 -35.03 35.17 -21.41
C GLY F 99 -35.75 35.99 -22.46
N GLU F 100 -35.55 37.30 -22.39
CA GLU F 100 -36.18 38.21 -23.34
C GLU F 100 -35.76 37.84 -24.77
N GLY F 101 -36.74 37.55 -25.61
CA GLY F 101 -36.48 37.01 -26.93
C GLY F 101 -35.90 38.03 -27.89
N THR F 102 -35.69 37.57 -29.13
CA THR F 102 -35.16 38.39 -30.20
C THR F 102 -35.90 38.05 -31.48
N THR F 103 -36.50 39.06 -32.11
CA THR F 103 -37.28 38.84 -33.32
C THR F 103 -36.38 38.83 -34.55
N LEU F 104 -36.52 37.81 -35.37
CA LEU F 104 -35.75 37.67 -36.60
C LEU F 104 -36.46 38.41 -37.73
N ILE F 105 -35.76 39.34 -38.38
CA ILE F 105 -36.32 40.15 -39.45
C ILE F 105 -35.73 39.67 -40.77
N VAL F 106 -36.59 39.13 -41.63
CA VAL F 106 -36.18 38.68 -42.96
C VAL F 106 -36.29 39.86 -43.92
N LEU F 107 -35.15 40.27 -44.48
CA LEU F 107 -35.12 41.40 -45.40
C LEU F 107 -35.49 40.99 -46.81
N SER F 108 -35.09 41.80 -47.79
CA SER F 108 -35.35 41.53 -49.21
C SER F 108 -36.83 41.54 -49.54
N GLN F 109 -37.66 42.09 -48.66
CA GLN F 109 -39.10 42.25 -48.91
C GLN F 109 -39.37 43.74 -49.12
N PRO F 110 -39.27 44.24 -50.36
CA PRO F 110 -39.35 45.69 -50.58
C PRO F 110 -40.71 46.29 -50.26
N LYS F 111 -41.75 45.86 -50.96
CA LYS F 111 -43.05 46.50 -50.82
C LYS F 111 -44.15 45.52 -51.20
N ALA F 112 -45.31 45.71 -50.58
CA ALA F 112 -46.50 44.92 -50.87
C ALA F 112 -47.70 45.85 -50.99
N ALA F 113 -48.61 45.53 -51.91
CA ALA F 113 -49.76 46.37 -52.18
C ALA F 113 -50.91 46.00 -51.26
N PRO F 114 -51.47 46.93 -50.48
CA PRO F 114 -52.58 46.59 -49.59
C PRO F 114 -53.87 46.35 -50.38
N SER F 115 -54.60 45.31 -49.98
CA SER F 115 -55.88 44.96 -50.60
C SER F 115 -56.99 45.48 -49.71
N VAL F 116 -57.30 46.77 -49.88
CA VAL F 116 -58.31 47.42 -49.06
C VAL F 116 -59.70 47.00 -49.52
N THR F 117 -60.67 47.13 -48.60
CA THR F 117 -62.06 46.80 -48.91
C THR F 117 -62.96 47.59 -47.97
N LEU F 118 -63.89 48.34 -48.53
CA LEU F 118 -64.81 49.17 -47.75
C LEU F 118 -66.19 48.55 -47.75
N PHE F 119 -66.84 48.56 -46.58
CA PHE F 119 -68.16 48.00 -46.41
C PHE F 119 -69.08 49.04 -45.77
N PRO F 120 -70.26 49.27 -46.33
CA PRO F 120 -71.22 50.18 -45.69
C PRO F 120 -71.95 49.48 -44.56
N PRO F 121 -72.66 50.22 -43.71
CA PRO F 121 -73.40 49.58 -42.63
C PRO F 121 -74.51 48.69 -43.17
N SER F 122 -74.84 47.65 -42.41
CA SER F 122 -75.83 46.68 -42.83
C SER F 122 -77.24 47.24 -42.68
N SER F 123 -78.20 46.60 -43.36
CA SER F 123 -79.59 47.01 -43.26
C SER F 123 -80.20 46.60 -41.93
N GLU F 124 -79.69 45.53 -41.31
CA GLU F 124 -80.15 45.11 -39.99
C GLU F 124 -79.64 46.03 -38.87
N GLU F 125 -78.53 46.72 -39.09
CA GLU F 125 -77.99 47.62 -38.08
C GLU F 125 -78.66 48.99 -38.10
N LEU F 126 -79.10 49.46 -39.28
CA LEU F 126 -79.76 50.75 -39.35
C LEU F 126 -81.06 50.74 -38.55
N GLN F 127 -81.78 49.61 -38.54
CA GLN F 127 -82.99 49.51 -37.73
C GLN F 127 -82.69 49.54 -36.25
N ALA F 128 -81.45 49.23 -35.84
CA ALA F 128 -81.03 49.34 -34.46
C ALA F 128 -80.58 50.75 -34.10
N ASN F 129 -80.81 51.73 -34.97
CA ASN F 129 -80.45 53.13 -34.71
C ASN F 129 -78.94 53.28 -34.54
N LYS F 130 -78.18 52.52 -35.33
CA LYS F 130 -76.72 52.58 -35.30
C LYS F 130 -76.18 52.38 -36.71
N ALA F 131 -75.01 52.97 -36.96
CA ALA F 131 -74.35 52.86 -38.26
C ALA F 131 -72.85 52.93 -38.05
N THR F 132 -72.11 52.12 -38.81
CA THR F 132 -70.67 52.07 -38.69
C THR F 132 -70.06 51.60 -40.00
N LEU F 133 -69.06 52.33 -40.48
CA LEU F 133 -68.36 51.96 -41.70
C LEU F 133 -67.17 51.08 -41.35
N VAL F 134 -66.89 50.09 -42.21
CA VAL F 134 -65.83 49.13 -42.01
C VAL F 134 -64.89 49.18 -43.21
N CYS F 135 -63.60 49.35 -42.95
CA CYS F 135 -62.59 49.40 -44.00
C CYS F 135 -61.50 48.39 -43.66
N LEU F 136 -61.44 47.30 -44.41
CA LEU F 136 -60.52 46.20 -44.14
C LEU F 136 -59.27 46.36 -44.99
N ILE F 137 -58.11 46.19 -44.38
CA ILE F 137 -56.82 46.31 -45.04
C ILE F 137 -56.00 45.07 -44.72
N SER F 138 -55.51 44.40 -45.76
CA SER F 138 -54.74 43.17 -45.58
C SER F 138 -53.72 43.04 -46.72
N ASP F 139 -52.79 42.12 -46.53
CA ASP F 139 -51.77 41.81 -47.54
C ASP F 139 -50.96 43.06 -47.90
N PHE F 140 -50.37 43.68 -46.89
CA PHE F 140 -49.52 44.86 -47.09
C PHE F 140 -48.28 44.74 -46.23
N TYR F 141 -47.14 45.16 -46.78
CA TYR F 141 -45.86 45.08 -46.10
C TYR F 141 -45.04 46.30 -46.53
N PRO F 142 -44.43 47.03 -45.58
CA PRO F 142 -44.50 46.73 -44.14
C PRO F 142 -45.76 47.29 -43.49
N GLY F 143 -46.11 46.76 -42.32
CA GLY F 143 -47.29 47.21 -41.61
C GLY F 143 -47.19 48.62 -41.06
N ALA F 144 -47.41 49.61 -41.93
CA ALA F 144 -47.35 51.02 -41.52
C ALA F 144 -48.32 51.79 -42.42
N VAL F 145 -49.55 51.93 -41.95
CA VAL F 145 -50.60 52.62 -42.70
C VAL F 145 -51.32 53.59 -41.76
N THR F 146 -51.91 54.63 -42.36
CA THR F 146 -52.67 55.63 -41.62
C THR F 146 -53.96 55.89 -42.38
N VAL F 147 -55.09 55.67 -41.71
CA VAL F 147 -56.41 55.81 -42.32
C VAL F 147 -56.91 57.24 -42.11
N ALA F 148 -57.63 57.75 -43.10
CA ALA F 148 -58.20 59.10 -43.04
C ALA F 148 -59.56 59.06 -43.73
N TRP F 149 -60.63 58.97 -42.93
CA TRP F 149 -61.97 58.93 -43.48
C TRP F 149 -62.33 60.28 -44.09
N LYS F 150 -63.27 60.24 -45.05
CA LYS F 150 -63.69 61.42 -45.78
C LYS F 150 -65.21 61.45 -45.87
N ALA F 151 -65.81 62.52 -45.36
CA ALA F 151 -67.24 62.79 -45.56
C ALA F 151 -67.35 63.72 -46.75
N ASP F 152 -67.72 63.16 -47.90
CA ASP F 152 -67.66 63.88 -49.18
C ASP F 152 -66.21 64.25 -49.41
N SER F 153 -65.83 65.53 -49.46
CA SER F 153 -64.45 65.93 -49.59
C SER F 153 -63.86 66.44 -48.29
N SER F 154 -64.58 66.29 -47.18
CA SER F 154 -64.14 66.77 -45.87
C SER F 154 -63.85 65.60 -44.95
N PRO F 155 -62.73 65.62 -44.24
CA PRO F 155 -62.41 64.50 -43.35
C PRO F 155 -63.30 64.47 -42.13
N VAL F 156 -63.38 63.29 -41.51
CA VAL F 156 -64.18 63.07 -40.31
C VAL F 156 -63.23 62.96 -39.12
N LYS F 157 -63.52 63.73 -38.07
CA LYS F 157 -62.65 63.77 -36.89
C LYS F 157 -62.93 62.60 -35.96
N ALA F 158 -63.85 62.79 -35.02
CA ALA F 158 -64.13 61.77 -34.02
C ALA F 158 -64.91 60.62 -34.64
N GLY F 159 -65.05 59.54 -33.87
CA GLY F 159 -65.74 58.36 -34.32
C GLY F 159 -64.89 57.39 -35.12
N VAL F 160 -63.59 57.65 -35.26
CA VAL F 160 -62.71 56.81 -36.05
C VAL F 160 -62.04 55.81 -35.12
N GLU F 161 -62.22 54.52 -35.40
CA GLU F 161 -61.59 53.44 -34.65
C GLU F 161 -60.75 52.61 -35.62
N THR F 162 -59.46 52.48 -35.32
CA THR F 162 -58.53 51.78 -36.20
C THR F 162 -57.66 50.83 -35.39
N THR F 163 -57.41 49.65 -35.94
CA THR F 163 -56.56 48.66 -35.31
C THR F 163 -55.09 48.91 -35.68
N THR F 164 -54.21 48.25 -34.93
CA THR F 164 -52.80 48.36 -35.25
C THR F 164 -52.35 47.20 -36.13
N PRO F 165 -51.41 47.44 -37.05
CA PRO F 165 -50.98 46.38 -37.96
C PRO F 165 -50.45 45.18 -37.19
N SER F 166 -50.64 44.00 -37.77
CA SER F 166 -50.17 42.75 -37.18
C SER F 166 -50.06 41.70 -38.27
N LYS F 167 -48.89 41.06 -38.36
CA LYS F 167 -48.65 40.07 -39.39
C LYS F 167 -49.28 38.73 -39.01
N GLN F 168 -49.52 37.90 -40.03
CA GLN F 168 -50.21 36.62 -39.88
C GLN F 168 -49.37 35.52 -40.55
N SER F 169 -48.22 35.21 -39.95
CA SER F 169 -47.37 34.12 -40.40
C SER F 169 -47.00 34.27 -41.88
N ASN F 170 -46.76 35.50 -42.31
CA ASN F 170 -46.42 35.80 -43.69
C ASN F 170 -46.08 37.29 -43.76
N ASN F 171 -45.84 37.79 -44.97
CA ASN F 171 -45.68 39.22 -45.16
C ASN F 171 -47.00 39.98 -45.11
N LYS F 172 -48.10 39.27 -44.88
CA LYS F 172 -49.42 39.90 -44.83
C LYS F 172 -49.68 40.47 -43.45
N TYR F 173 -49.99 41.76 -43.38
CA TYR F 173 -50.39 42.42 -42.15
C TYR F 173 -51.90 42.66 -42.17
N ALA F 174 -52.44 43.03 -41.02
CA ALA F 174 -53.87 43.23 -40.86
C ALA F 174 -54.13 44.58 -40.18
N ALA F 175 -55.08 45.33 -40.72
CA ALA F 175 -55.48 46.61 -40.15
C ALA F 175 -56.95 46.85 -40.49
N SER F 176 -57.75 47.19 -39.49
CA SER F 176 -59.17 47.42 -39.66
C SER F 176 -59.53 48.80 -39.11
N SER F 177 -60.18 49.59 -39.94
CA SER F 177 -60.62 50.94 -39.58
C SER F 177 -62.14 50.98 -39.49
N TYR F 178 -62.65 51.64 -38.46
CA TYR F 178 -64.09 51.76 -38.24
C TYR F 178 -64.45 53.22 -38.04
N LEU F 179 -65.61 53.61 -38.56
CA LEU F 179 -66.13 54.97 -38.43
C LEU F 179 -67.55 54.88 -37.87
N SER F 180 -67.73 55.30 -36.63
CA SER F 180 -69.04 55.25 -35.98
C SER F 180 -69.85 56.47 -36.37
N LEU F 181 -70.96 56.25 -37.08
CA LEU F 181 -71.84 57.33 -37.47
C LEU F 181 -73.26 57.06 -37.02
N THR F 182 -74.20 57.91 -37.42
CA THR F 182 -75.60 57.74 -37.07
C THR F 182 -76.42 57.44 -38.32
N PRO F 183 -77.57 56.76 -38.16
CA PRO F 183 -78.43 56.51 -39.34
C PRO F 183 -78.80 57.77 -40.08
N GLU F 184 -78.84 58.93 -39.40
CA GLU F 184 -79.12 60.19 -40.06
C GLU F 184 -77.88 60.80 -40.69
N GLN F 185 -76.69 60.45 -40.20
CA GLN F 185 -75.45 60.96 -40.81
C GLN F 185 -75.16 60.26 -42.13
N TRP F 186 -75.56 59.01 -42.28
CA TRP F 186 -75.25 58.25 -43.49
C TRP F 186 -76.01 58.80 -44.69
N LYS F 187 -77.33 58.98 -44.54
CA LYS F 187 -78.14 59.51 -45.63
C LYS F 187 -77.90 60.99 -45.88
N SER F 188 -77.12 61.66 -45.04
CA SER F 188 -76.87 63.09 -45.21
C SER F 188 -75.89 63.33 -46.37
N HIS F 189 -74.63 62.94 -46.17
CA HIS F 189 -73.62 63.14 -47.19
C HIS F 189 -73.86 62.22 -48.39
N LYS F 190 -73.22 62.56 -49.51
CA LYS F 190 -73.42 61.80 -50.74
C LYS F 190 -72.54 60.56 -50.80
N SER F 191 -71.32 60.64 -50.27
CA SER F 191 -70.39 59.54 -50.34
C SER F 191 -69.37 59.65 -49.21
N TYR F 192 -68.82 58.51 -48.83
CA TYR F 192 -67.78 58.43 -47.81
C TYR F 192 -66.60 57.63 -48.36
N SER F 193 -65.39 58.08 -48.01
CA SER F 193 -64.17 57.49 -48.53
C SER F 193 -63.30 56.98 -47.39
N CYS F 194 -62.49 55.97 -47.70
CA CYS F 194 -61.52 55.40 -46.76
C CYS F 194 -60.14 55.55 -47.39
N GLN F 195 -59.46 56.64 -47.08
CA GLN F 195 -58.11 56.91 -47.59
C GLN F 195 -57.09 56.25 -46.67
N VAL F 196 -56.38 55.24 -47.19
CA VAL F 196 -55.36 54.52 -46.44
C VAL F 196 -54.04 54.68 -47.19
N THR F 197 -53.09 55.35 -46.56
CA THR F 197 -51.77 55.54 -47.14
C THR F 197 -50.85 54.38 -46.77
N HIS F 198 -50.03 53.96 -47.73
CA HIS F 198 -49.09 52.87 -47.53
C HIS F 198 -47.68 53.47 -47.39
N GLU F 199 -46.65 52.98 -48.09
CA GLU F 199 -45.32 53.57 -47.96
C GLU F 199 -45.23 54.89 -48.70
N GLY F 200 -45.80 54.98 -49.90
CA GLY F 200 -45.78 56.21 -50.66
C GLY F 200 -47.02 56.39 -51.51
N SER F 201 -47.94 55.43 -51.45
CA SER F 201 -49.16 55.45 -52.21
C SER F 201 -50.36 55.75 -51.30
N THR F 202 -51.46 56.12 -51.92
CA THR F 202 -52.70 56.46 -51.19
C THR F 202 -53.87 55.84 -51.95
N VAL F 203 -54.37 54.72 -51.44
CA VAL F 203 -55.51 54.03 -52.03
C VAL F 203 -56.79 54.51 -51.36
N GLU F 204 -57.82 54.75 -52.16
CA GLU F 204 -59.08 55.28 -51.65
C GLU F 204 -60.25 54.55 -52.29
N LYS F 205 -61.19 54.12 -51.46
CA LYS F 205 -62.43 53.50 -51.92
C LYS F 205 -63.62 54.26 -51.36
N THR F 206 -64.64 54.46 -52.19
CA THR F 206 -65.82 55.21 -51.83
C THR F 206 -67.04 54.30 -51.78
N VAL F 207 -68.11 54.83 -51.20
CA VAL F 207 -69.38 54.11 -51.08
C VAL F 207 -70.50 55.12 -51.03
N ALA F 208 -71.62 54.80 -51.68
CA ALA F 208 -72.76 55.69 -51.73
C ALA F 208 -74.04 54.95 -51.33
N PRO F 209 -74.94 55.62 -50.61
CA PRO F 209 -76.19 54.97 -50.21
C PRO F 209 -77.07 54.69 -51.42
N THR F 210 -78.14 53.94 -51.16
CA THR F 210 -79.10 53.60 -52.21
C THR F 210 -80.49 54.12 -51.86
C1 NAG G . 34.12 -15.82 2.44
C2 NAG G . 35.46 -15.61 1.73
C3 NAG G . 35.85 -16.86 0.95
C4 NAG G . 35.83 -18.08 1.85
C5 NAG G . 34.47 -18.20 2.54
C6 NAG G . 34.41 -19.33 3.55
C7 NAG G . 35.60 -13.20 1.27
C8 NAG G . 35.51 -12.13 0.21
N2 NAG G . 35.39 -14.46 0.84
O3 NAG G . 37.16 -16.69 0.41
O4 NAG G . 36.04 -19.26 1.08
O5 NAG G . 34.20 -16.99 3.27
O6 NAG G . 34.85 -18.91 4.84
O7 NAG G . 35.86 -12.94 2.43
C1 NAG G . 37.30 -19.86 1.46
C2 NAG G . 37.30 -21.32 0.99
C3 NAG G . 38.63 -21.99 1.32
C4 NAG G . 39.79 -21.18 0.75
C5 NAG G . 39.70 -19.73 1.25
C6 NAG G . 40.76 -18.84 0.64
C7 NAG G . 35.99 -22.29 2.85
C8 NAG G . 37.00 -21.70 3.78
N2 NAG G . 36.19 -22.07 1.54
O3 NAG G . 38.65 -23.31 0.78
O4 NAG G . 41.03 -21.75 1.14
O5 NAG G . 38.43 -19.17 0.89
O6 NAG G . 40.69 -17.53 1.17
O7 NAG G . 35.02 -22.92 3.26
C1 BMA G . 41.73 -22.18 -0.05
C2 BMA G . 43.12 -22.70 0.33
C3 BMA G . 43.85 -23.17 -0.94
C4 BMA G . 42.96 -24.12 -1.79
C5 BMA G . 41.62 -23.43 -2.09
C6 BMA G . 40.66 -24.28 -2.93
O2 BMA G . 43.02 -23.83 1.18
O3 BMA G . 45.10 -23.78 -0.64
O4 BMA G . 43.62 -24.44 -3.00
O5 BMA G . 40.99 -23.11 -0.82
O6 BMA G . 41.08 -25.64 -2.94
C1 MAN G . 41.28 -26.06 -4.31
C2 MAN G . 40.45 -25.20 -5.30
C3 MAN G . 39.03 -25.76 -5.46
C4 MAN G . 39.07 -27.26 -5.73
C5 MAN G . 39.78 -27.96 -4.56
C6 MAN G . 39.82 -29.47 -4.71
O2 MAN G . 41.02 -25.21 -6.61
O3 MAN G . 38.32 -25.10 -6.52
O4 MAN G . 37.75 -27.78 -5.86
O5 MAN G . 41.13 -27.47 -4.48
O6 MAN G . 40.14 -29.79 -6.05
C1 MAN G . 37.63 -23.96 -5.97
C2 MAN G . 36.22 -23.85 -6.59
C3 MAN G . 36.28 -23.24 -7.99
C4 MAN G . 37.12 -21.96 -7.98
C5 MAN G . 38.52 -22.26 -7.44
C6 MAN G . 39.43 -21.05 -7.38
O2 MAN G . 35.38 -23.00 -5.82
O3 MAN G . 34.98 -22.97 -8.50
O4 MAN G . 37.23 -21.44 -9.30
O5 MAN G . 38.39 -22.78 -6.10
O6 MAN G . 40.76 -21.50 -7.20
C1 MAN G . 40.38 -31.21 -6.15
C2 MAN G . 41.46 -31.49 -7.23
C3 MAN G . 40.84 -31.46 -8.63
C4 MAN G . 39.58 -32.35 -8.68
C5 MAN G . 38.58 -31.87 -7.63
C6 MAN G . 37.31 -32.70 -7.60
O2 MAN G . 42.01 -32.80 -7.08
O3 MAN G . 41.77 -31.88 -9.63
O4 MAN G . 38.99 -32.27 -9.97
O5 MAN G . 39.20 -31.96 -6.33
O6 MAN G . 36.37 -32.05 -6.76
C1 MAN G . 46.15 -23.02 -1.29
C2 MAN G . 47.50 -23.76 -1.14
C3 MAN G . 48.11 -23.51 0.25
C4 MAN G . 48.13 -22.02 0.57
C5 MAN G . 46.70 -21.47 0.48
C6 MAN G . 46.63 -19.98 0.77
O2 MAN G . 48.47 -23.27 -2.07
O3 MAN G . 49.43 -24.05 0.34
O4 MAN G . 48.64 -21.82 1.88
O5 MAN G . 46.20 -21.68 -0.85
O6 MAN G . 45.26 -19.59 0.80
C1 NAG H . -31.06 24.06 -7.86
C2 NAG H . -31.42 23.01 -8.89
C3 NAG H . -32.88 22.59 -8.74
C4 NAG H . -33.18 22.18 -7.30
C5 NAG H . -32.71 23.26 -6.33
C6 NAG H . -32.85 22.86 -4.88
C7 NAG H . -29.98 23.43 -10.84
C8 NAG H . -29.91 24.00 -12.22
N2 NAG H . -31.18 23.50 -10.24
O3 NAG H . -33.16 21.51 -9.62
O4 NAG H . -34.58 21.99 -7.14
O5 NAG H . -31.33 23.55 -6.55
O6 NAG H . -33.92 23.55 -4.24
O7 NAG H . -28.99 22.95 -10.28
C1 NAG H . -34.85 20.70 -6.57
C2 NAG H . -36.23 20.70 -5.93
C3 NAG H . -36.52 19.34 -5.29
C4 NAG H . -36.31 18.22 -6.30
C5 NAG H . -34.93 18.33 -6.96
C6 NAG H . -34.72 17.34 -8.08
C7 NAG H . -37.29 22.72 -5.02
C8 NAG H . -37.27 23.73 -3.92
N2 NAG H . -36.36 21.76 -4.96
O3 NAG H . -37.85 19.32 -4.82
O4 NAG H . -36.39 16.97 -5.64
O5 NAG H . -34.76 19.65 -7.53
O6 NAG H . -34.50 18.00 -9.32
O7 NAG H . -38.11 22.76 -5.93
C1 BMA H . -37.58 16.26 -6.05
C2 BMA H . -37.15 15.02 -6.87
C3 BMA H . -38.37 14.16 -7.21
C4 BMA H . -39.23 13.90 -5.96
C5 BMA H . -39.62 15.23 -5.30
C6 BMA H . -40.44 15.05 -4.05
O2 BMA H . -36.27 14.19 -6.11
O3 BMA H . -37.99 12.93 -7.81
O4 BMA H . -40.39 13.18 -6.31
O5 BMA H . -38.40 15.92 -4.95
O6 BMA H . -40.98 16.31 -3.69
C1 MAN H . -38.14 13.05 -9.25
C2 MAN H . -38.23 11.62 -9.85
C3 MAN H . -36.84 10.95 -9.86
C4 MAN H . -35.79 11.89 -10.47
C5 MAN H . -35.78 13.20 -9.69
C6 MAN H . -34.76 14.20 -10.23
O2 MAN H . -38.65 11.64 -11.22
O3 MAN H . -36.87 9.71 -10.56
O4 MAN H . -34.51 11.28 -10.40
O5 MAN H . -37.07 13.81 -9.79
O6 MAN H . -33.48 13.57 -10.24
C1 NAG I . -17.98 37.89 -4.08
C2 NAG I . -18.27 37.50 -5.53
C3 NAG I . -17.86 38.64 -6.47
C4 NAG I . -18.51 39.95 -6.04
C5 NAG I . -18.21 40.23 -4.57
C6 NAG I . -18.93 41.45 -4.04
C7 NAG I . -18.13 35.07 -5.68
C8 NAG I . -17.30 33.90 -6.11
N2 NAG I . -17.61 36.27 -5.89
O3 NAG I . -18.24 38.32 -7.80
O4 NAG I . -18.02 41.02 -6.83
O5 NAG I . -18.65 39.12 -3.76
O6 NAG I . -18.16 42.12 -3.05
O7 NAG I . -19.24 34.92 -5.17
C1 NAG I . -19.12 41.61 -7.55
C2 NAG I . -18.79 43.05 -7.92
C3 NAG I . -19.96 43.69 -8.66
C4 NAG I . -20.40 42.83 -9.84
C5 NAG I . -20.63 41.39 -9.41
C6 NAG I . -20.90 40.45 -10.56
C7 NAG I . -17.17 43.96 -6.31
C8 NAG I . -16.99 44.79 -5.09
N2 NAG I . -18.43 43.83 -6.75
O3 NAG I . -19.60 44.98 -9.10
O4 NAG I . -21.60 43.35 -10.39
O5 NAG I . -19.46 40.88 -8.72
O6 NAG I . -22.19 39.88 -10.47
O7 NAG I . -16.23 43.41 -6.88
C1 BMA I . -21.41 43.66 -11.78
C2 BMA I . -22.79 43.77 -12.45
C3 BMA I . -22.62 44.19 -13.92
C4 BMA I . -21.69 45.40 -14.06
C5 BMA I . -20.35 45.12 -13.35
C6 BMA I . -19.39 46.29 -13.42
O2 BMA I . -23.58 44.78 -11.84
O3 BMA I . -23.89 44.47 -14.52
O4 BMA I . -21.45 45.67 -15.43
O5 BMA I . -20.64 44.82 -11.98
O6 BMA I . -20.13 47.50 -13.30
C1 MAN I . -24.31 43.31 -15.27
C2 MAN I . -24.99 43.76 -16.59
C3 MAN I . -26.44 44.16 -16.35
C4 MAN I . -27.18 43.09 -15.53
C5 MAN I . -26.44 42.88 -14.20
C6 MAN I . -27.09 41.84 -13.32
O2 MAN I . -25.03 42.70 -17.54
O3 MAN I . -27.14 44.40 -17.56
O4 MAN I . -28.51 43.50 -15.26
O5 MAN I . -25.10 42.43 -14.50
O6 MAN I . -28.48 42.13 -13.23
C1 MAN I . -19.35 48.55 -13.91
C2 MAN I . -18.81 49.51 -12.81
C3 MAN I . -19.86 50.54 -12.40
C4 MAN I . -20.50 51.19 -13.64
C5 MAN I . -21.09 50.10 -14.53
C6 MAN I . -21.74 50.67 -15.79
O2 MAN I . -17.69 50.26 -13.29
O3 MAN I . -19.32 51.53 -11.54
O4 MAN I . -21.52 52.10 -13.24
O5 MAN I . -20.04 49.22 -14.95
O6 MAN I . -22.50 49.62 -16.39
C1 NAG J . -14.49 48.84 6.66
C2 NAG J . -15.63 48.16 7.40
C3 NAG J . -16.90 49.01 7.33
C4 NAG J . -16.62 50.43 7.79
C5 NAG J . -15.45 51.01 7.01
C6 NAG J . -15.05 52.39 7.48
C7 NAG J . -15.82 45.72 7.61
C8 NAG J . -15.47 45.92 9.06
N2 NAG J . -15.87 46.83 6.87
O3 NAG J . -17.91 48.43 8.14
O4 NAG J . -17.77 51.25 7.60
O5 NAG J . -14.30 50.16 7.16
O6 NAG J . -14.55 53.18 6.39
O7 NAG J . -16.03 44.61 7.13
C1 NAG J . -18.29 51.61 8.89
C2 NAG J . -19.25 52.79 8.75
C3 NAG J . -19.81 53.19 10.11
C4 NAG J . -20.43 51.97 10.79
C5 NAG J . -19.43 50.83 10.85
C6 NAG J . -20.01 49.56 11.41
C7 NAG J . -17.55 54.60 8.60
C8 NAG J . -17.00 54.11 9.90
N2 NAG J . -18.61 53.94 8.11
O3 NAG J . -20.80 54.20 9.94
O4 NAG J . -20.82 52.32 12.12
O5 NAG J . -18.96 50.53 9.53
O6 NAG J . -19.22 48.43 11.08
O7 NAG J . -17.06 55.56 8.01
C1 NAG K . -9.08 29.25 18.72
C2 NAG K . -9.38 28.64 20.09
C3 NAG K . -9.73 27.17 19.95
C4 NAG K . -10.86 26.99 18.94
C5 NAG K . -10.50 27.64 17.62
C6 NAG K . -11.62 27.61 16.61
C7 NAG K . -8.29 29.65 22.04
C8 NAG K . -9.56 30.43 22.23
N2 NAG K . -8.26 28.82 21.00
O3 NAG K . -10.12 26.65 21.22
O4 NAG K . -11.10 25.60 18.72
O5 NAG K . -10.18 29.03 17.84
O6 NAG K . -12.51 28.71 16.79
O7 NAG K . -7.33 29.79 22.80
C1 NAG K . -12.27 25.20 19.47
C2 NAG K . -13.08 24.19 18.65
C3 NAG K . -14.31 23.74 19.43
C4 NAG K . -13.92 23.24 20.81
C5 NAG K . -13.08 24.30 21.54
C6 NAG K . -12.56 23.82 22.87
C7 NAG K . -13.17 24.14 16.21
C8 NAG K . -13.63 24.85 14.97
N2 NAG K . -13.45 24.74 17.36
O3 NAG K . -14.97 22.71 18.71
O4 NAG K . -15.09 22.97 21.58
O5 NAG K . -11.94 24.64 20.75
O6 NAG K . -13.61 23.36 23.71
O7 NAG K . -12.56 23.07 16.15
C1 NAG L . 12.10 -9.57 12.26
C2 NAG L . 11.45 -9.72 13.62
C3 NAG L . 12.35 -10.55 14.55
C4 NAG L . 12.73 -11.86 13.89
C5 NAG L . 13.33 -11.61 12.50
C6 NAG L . 13.60 -12.88 11.74
C7 NAG L . 9.91 -7.95 14.35
C8 NAG L . 9.79 -6.61 14.98
N2 NAG L . 11.15 -8.44 14.21
O3 NAG L . 11.67 -10.79 15.77
O4 NAG L . 13.71 -12.54 14.68
O5 NAG L . 12.40 -10.85 11.71
O6 NAG L . 13.57 -12.66 10.33
O7 NAG L . 8.93 -8.59 13.97
C1 NAG L . 13.13 -13.75 15.20
C2 NAG L . 14.14 -14.41 16.14
C3 NAG L . 13.55 -15.68 16.74
C4 NAG L . 12.21 -15.38 17.41
C5 NAG L . 11.28 -14.69 16.42
C6 NAG L . 9.97 -14.25 17.05
C7 NAG L . 16.58 -14.31 15.88
C8 NAG L . 17.76 -14.70 15.03
N2 NAG L . 15.38 -14.70 15.43
O3 NAG L . 14.47 -16.21 17.71
O4 NAG L . 11.62 -16.59 17.85
O5 NAG L . 11.91 -13.50 15.90
O6 NAG L . 9.43 -13.11 16.39
O7 NAG L . 16.72 -13.66 16.92
C1 NAG M . 4.56 11.59 -7.14
C2 NAG M . 4.05 13.00 -6.82
C3 NAG M . 3.35 13.61 -8.03
C4 NAG M . 4.27 13.56 -9.25
C5 NAG M . 4.74 12.13 -9.49
C6 NAG M . 5.72 12.02 -10.62
C7 NAG M . 3.26 13.82 -4.64
C8 NAG M . 2.26 13.65 -3.55
N2 NAG M . 3.15 12.97 -5.67
O3 NAG M . 3.00 14.95 -7.74
O4 NAG M . 3.59 14.06 -10.40
O5 NAG M . 5.38 11.63 -8.31
O6 NAG M . 6.68 13.06 -10.59
O7 NAG M . 4.14 14.68 -4.59
C1 NAG M . 3.97 15.43 -10.59
C2 NAG M . 4.36 15.68 -12.04
C3 NAG M . 4.83 17.13 -12.22
C4 NAG M . 3.81 18.11 -11.66
C5 NAG M . 3.40 17.71 -10.24
C6 NAG M . 2.25 18.55 -9.71
C7 NAG M . 5.55 14.39 -13.76
C8 NAG M . 6.66 13.42 -14.03
N2 NAG M . 5.39 14.76 -12.48
O3 NAG M . 5.05 17.39 -13.60
O4 NAG M . 4.38 19.41 -11.62
O5 NAG M . 2.97 16.35 -10.20
O6 NAG M . 1.63 17.91 -8.59
O7 NAG M . 4.84 14.84 -14.66
C1 BMA M . 3.66 20.34 -12.46
C2 BMA M . 4.47 21.64 -12.53
C3 BMA M . 3.79 22.65 -13.46
C4 BMA M . 3.38 22.01 -14.78
C5 BMA M . 2.58 20.71 -14.55
C6 BMA M . 2.24 19.99 -15.84
O2 BMA M . 5.77 21.41 -13.06
O3 BMA M . 4.63 23.77 -13.71
O4 BMA M . 2.58 22.91 -15.54
O5 BMA M . 3.37 19.82 -13.74
O6 BMA M . 3.46 19.50 -16.39
C1 MAN M . 4.55 24.72 -12.64
C2 MAN M . 5.02 26.10 -13.13
C3 MAN M . 6.52 26.04 -13.39
C4 MAN M . 7.26 25.58 -12.13
C5 MAN M . 6.71 24.21 -11.68
C6 MAN M . 7.29 23.75 -10.35
O2 MAN M . 4.86 27.10 -12.12
O3 MAN M . 7.02 27.30 -13.83
O4 MAN M . 8.64 25.47 -12.40
O5 MAN M . 5.27 24.29 -11.51
O6 MAN M . 6.48 24.27 -9.31
C1 MAN M . 4.13 28.22 -12.64
C2 MAN M . 2.84 28.41 -11.81
C3 MAN M . 1.76 29.04 -12.68
C4 MAN M . 2.37 30.03 -13.65
C5 MAN M . 3.29 29.30 -14.66
C6 MAN M . 4.41 30.18 -15.19
O2 MAN M . 3.05 29.34 -10.74
O3 MAN M . 0.74 29.65 -11.90
O4 MAN M . 1.35 30.72 -14.35
O5 MAN M . 3.89 28.14 -14.03
O6 MAN M . 5.00 29.51 -16.31
C1 MAN M . 3.38 19.55 -17.83
C2 MAN M . 3.25 18.13 -18.40
C3 MAN M . 4.61 17.42 -18.39
C4 MAN M . 5.68 18.31 -19.03
C5 MAN M . 5.74 19.66 -18.30
C6 MAN M . 6.75 20.62 -18.90
O2 MAN M . 2.83 18.15 -19.76
O3 MAN M . 4.56 16.16 -19.03
O4 MAN M . 6.95 17.68 -18.94
O5 MAN M . 4.44 20.29 -18.40
O6 MAN M . 6.97 21.68 -17.97
C1 NAG N . -5.05 7.46 -13.65
C2 NAG N . -5.94 6.31 -14.14
C3 NAG N . -5.23 5.54 -15.26
C4 NAG N . -4.79 6.49 -16.36
C5 NAG N . -3.93 7.60 -15.78
C6 NAG N . -3.54 8.64 -16.80
C7 NAG N . -7.36 5.61 -12.27
C8 NAG N . -7.58 4.59 -11.20
N2 NAG N . -6.29 5.42 -13.05
O3 NAG N . -6.12 4.55 -15.78
O4 NAG N . -4.06 5.78 -17.35
O5 NAG N . -4.67 8.29 -14.75
O6 NAG N . -4.29 9.83 -16.65
O7 NAG N . -8.13 6.56 -12.44
C1 NAG N . -4.81 5.80 -18.58
C2 NAG N . -3.85 5.85 -19.77
C3 NAG N . -4.64 5.87 -21.09
C4 NAG N . -5.62 4.72 -21.13
C5 NAG N . -6.51 4.72 -19.88
C6 NAG N . -7.44 3.53 -19.81
C7 NAG N . -1.64 6.91 -19.88
C8 NAG N . -0.87 8.18 -19.75
N2 NAG N . -2.96 6.99 -19.69
O3 NAG N . -3.74 5.79 -22.18
O4 NAG N . -6.46 4.83 -22.28
O5 NAG N . -5.68 4.69 -18.71
O6 NAG N . -8.67 3.87 -19.20
O7 NAG N . -1.09 5.84 -20.14
C1 NAG O . -9.15 29.08 -16.51
C2 NAG O . -8.89 28.39 -17.85
C3 NAG O . -7.92 29.22 -18.68
C4 NAG O . -8.42 30.65 -18.81
C5 NAG O . -8.73 31.25 -17.43
C6 NAG O . -9.35 32.61 -17.51
C7 NAG O . -9.09 25.95 -17.92
C8 NAG O . -8.40 24.64 -17.67
N2 NAG O . -8.37 27.04 -17.66
O3 NAG O . -7.77 28.63 -19.97
O4 NAG O . -7.44 31.46 -19.47
O5 NAG O . -9.65 30.40 -16.74
O6 NAG O . -10.70 32.58 -17.07
O7 NAG O . -10.24 26.00 -18.34
C1 NAG O . -7.82 31.65 -20.83
C2 NAG O . -7.40 33.05 -21.29
C3 NAG O . -7.78 33.27 -22.75
C4 NAG O . -7.22 32.15 -23.61
C5 NAG O . -7.64 30.79 -23.07
C6 NAG O . -7.02 29.64 -23.81
C7 NAG O . -7.35 35.19 -20.08
C8 NAG O . -8.13 36.14 -19.21
N2 NAG O . -8.00 34.08 -20.44
O3 NAG O . -7.27 34.53 -23.18
O4 NAG O . -7.69 32.30 -24.95
O5 NAG O . -7.24 30.67 -21.70
O6 NAG O . -6.81 28.52 -22.95
O7 NAG O . -6.21 35.43 -20.44
C1 NAG P . -12.73 9.54 -11.00
C2 NAG P . -12.42 10.46 -12.17
C3 NAG P . -13.63 11.33 -12.49
C4 NAG P . -14.87 10.47 -12.70
C5 NAG P . -15.07 9.52 -11.51
C6 NAG P . -16.19 8.53 -11.72
C7 NAG P . -10.04 11.03 -12.38
C8 NAG P . -8.96 11.99 -11.99
N2 NAG P . -11.26 11.30 -11.89
O3 NAG P . -13.38 12.10 -13.66
O4 NAG P . -16.02 11.29 -12.83
O5 NAG P . -13.87 8.74 -11.30
O6 NAG P . -15.81 7.51 -12.63
O7 NAG P . -9.82 10.05 -13.09
C1 NAG P . -16.32 11.47 -14.23
C2 NAG P . -17.82 11.61 -14.44
C3 NAG P . -18.13 11.79 -15.92
C4 NAG P . -17.32 12.93 -16.50
C5 NAG P . -15.85 12.76 -16.19
C6 NAG P . -15.00 13.94 -16.61
C7 NAG P . -18.38 9.22 -14.36
C8 NAG P . -19.20 8.17 -13.68
N2 NAG P . -18.54 10.47 -13.89
O3 NAG P . -19.53 12.04 -16.08
O4 NAG P . -17.48 12.97 -17.91
O5 NAG P . -15.65 12.60 -14.77
O6 NAG P . -14.63 14.74 -15.50
O7 NAG P . -17.63 8.96 -15.29
C1 BMA P . -18.61 13.78 -18.28
C2 BMA P . -18.17 14.74 -19.40
C3 BMA P . -19.37 15.47 -20.04
C4 BMA P . -20.56 14.51 -20.29
C5 BMA P . -20.88 13.71 -19.01
C6 BMA P . -21.99 12.70 -19.24
O2 BMA P . -17.53 14.02 -20.44
O3 BMA P . -18.99 16.08 -21.26
O4 BMA P . -21.70 15.25 -20.69
O5 BMA P . -19.72 12.98 -18.64
O6 BMA P . -21.54 11.82 -20.27
C1 MAN P . -19.65 17.35 -21.41
C2 MAN P . -19.32 17.94 -22.80
C3 MAN P . -17.92 18.57 -22.78
C4 MAN P . -17.77 19.53 -21.59
C5 MAN P . -18.05 18.77 -20.30
C6 MAN P . -17.96 19.64 -19.06
O2 MAN P . -20.21 18.98 -23.17
O3 MAN P . -17.65 19.26 -24.01
O4 MAN P . -16.46 20.05 -21.56
O5 MAN P . -19.39 18.23 -20.34
O6 MAN P . -19.08 20.50 -19.05
C1 MAN P . -21.06 18.49 -24.23
C2 MAN P . -21.67 19.66 -25.00
C3 MAN P . -22.76 20.32 -24.15
C4 MAN P . -23.78 19.27 -23.68
C5 MAN P . -23.04 18.15 -22.91
C6 MAN P . -23.97 17.03 -22.49
O2 MAN P . -22.35 19.17 -26.16
O3 MAN P . -23.41 21.36 -24.85
O4 MAN P . -24.74 19.87 -22.82
O5 MAN P . -22.03 17.59 -23.76
O6 MAN P . -24.52 16.44 -23.66
C1 MAN P . -22.08 20.01 -27.31
C2 MAN P . -22.59 19.30 -28.57
C3 MAN P . -21.61 18.22 -29.00
C4 MAN P . -20.20 18.80 -29.14
C5 MAN P . -19.77 19.40 -27.79
C6 MAN P . -18.40 20.06 -27.84
O2 MAN P . -22.66 20.21 -29.68
O3 MAN P . -22.00 17.59 -30.21
O4 MAN P . -19.29 17.79 -29.53
O5 MAN P . -20.73 20.41 -27.39
O6 MAN P . -17.46 19.10 -28.35
C1 MAN P . -22.26 10.57 -20.18
C2 MAN P . -21.36 9.47 -20.78
C3 MAN P . -21.30 9.66 -22.30
C4 MAN P . -22.71 9.74 -22.89
C5 MAN P . -23.48 10.88 -22.21
C6 MAN P . -24.92 10.99 -22.68
O2 MAN P . -21.92 8.18 -20.57
O3 MAN P . -20.54 8.64 -22.93
O4 MAN P . -22.64 10.00 -24.29
O5 MAN P . -23.51 10.64 -20.79
O6 MAN P . -25.69 10.03 -21.98
C1 MAN P . -19.18 9.11 -23.06
C2 MAN P . -18.84 9.37 -24.55
C3 MAN P . -18.42 8.08 -25.26
C4 MAN P . -17.39 7.30 -24.42
C5 MAN P . -17.97 7.03 -23.03
C6 MAN P . -17.01 6.27 -22.13
O2 MAN P . -17.75 10.28 -24.69
O3 MAN P . -17.89 8.33 -26.56
O4 MAN P . -17.07 6.08 -25.05
O5 MAN P . -18.25 8.29 -22.40
O6 MAN P . -17.69 5.98 -20.91
C1 MAN P . -18.15 11.36 -25.54
C2 MAN P . -19.23 12.20 -24.83
C3 MAN P . -20.11 12.89 -25.86
C4 MAN P . -19.29 13.26 -27.10
C5 MAN P . -18.81 11.97 -27.80
C6 MAN P . -17.56 12.16 -28.64
O2 MAN P . -18.65 13.26 -24.06
O3 MAN P . -20.75 14.05 -25.34
O4 MAN P . -20.09 14.01 -28.00
O5 MAN P . -18.54 10.93 -26.82
O6 MAN P . -17.20 10.92 -29.22
C1 MAN P . -27.09 10.33 -22.16
C2 MAN P . -27.92 9.48 -21.18
C3 MAN P . -28.03 8.03 -21.70
C4 MAN P . -28.45 8.01 -23.17
C5 MAN P . -27.47 8.85 -24.00
C6 MAN P . -27.84 8.90 -25.47
O2 MAN P . -29.26 9.96 -21.08
O3 MAN P . -28.93 7.26 -20.91
O4 MAN P . -28.45 6.67 -23.65
O5 MAN P . -27.49 10.20 -23.49
O6 MAN P . -26.79 9.58 -26.16
C1 NAG Q . -15.77 6.50 10.16
C2 NAG Q . -16.11 7.94 10.54
C3 NAG Q . -17.41 7.98 11.35
C4 NAG Q . -18.52 7.26 10.59
C5 NAG Q . -18.08 5.86 10.19
C6 NAG Q . -19.08 5.15 9.32
C7 NAG Q . -14.01 9.20 10.72
C8 NAG Q . -12.98 9.77 11.64
N2 NAG Q . -15.03 8.55 11.29
O3 NAG Q . -17.78 9.33 11.59
O4 NAG Q . -19.67 7.16 11.42
O5 NAG Q . -16.86 5.92 9.44
O6 NAG Q . -18.76 3.77 9.17
O7 NAG Q . -13.93 9.33 9.50
C1 NAG Q . -20.65 8.16 11.06
C2 NAG Q . -22.01 7.72 11.58
C3 NAG Q . -23.07 8.78 11.24
C4 NAG Q . -22.63 10.15 11.76
C5 NAG Q . -21.24 10.48 11.23
C6 NAG Q . -20.68 11.77 11.79
C7 NAG Q . -22.71 5.38 11.78
C8 NAG Q . -23.08 4.13 11.06
N2 NAG Q . -22.39 6.44 11.03
O3 NAG Q . -24.31 8.41 11.83
O4 NAG Q . -23.55 11.14 11.34
O5 NAG Q . -20.31 9.44 11.60
O6 NAG Q . -20.64 12.79 10.81
O7 NAG Q . -22.70 5.43 13.01
C1 NAG R . -16.28 10.52 5.39
C2 NAG R . -17.15 11.62 6.01
C3 NAG R . -18.20 11.03 6.94
C4 NAG R . -19.01 9.97 6.21
C5 NAG R . -18.08 8.92 5.61
C6 NAG R . -18.81 7.89 4.78
C7 NAG R . -15.59 12.28 7.79
C8 NAG R . -14.81 13.41 8.39
N2 NAG R . -16.33 12.59 6.72
O3 NAG R . -19.05 12.06 7.41
O4 NAG R . -19.93 9.35 7.09
O5 NAG R . -17.13 9.55 4.75
O6 NAG R . -18.69 8.18 3.39
O7 NAG R . -15.55 11.14 8.25
C1 NAG R . -21.24 9.87 6.81
C2 NAG R . -22.27 8.74 6.80
C3 NAG R . -23.66 9.28 6.49
C4 NAG R . -24.01 10.42 7.46
C5 NAG R . -22.91 11.48 7.44
C6 NAG R . -23.13 12.57 8.46
C7 NAG R . -21.86 6.41 6.13
C8 NAG R . -21.46 5.49 5.02
N2 NAG R . -21.90 7.72 5.84
O3 NAG R . -24.61 8.23 6.61
O4 NAG R . -25.24 11.02 7.07
O5 NAG R . -21.64 10.87 7.75
O6 NAG R . -22.27 13.68 8.23
O7 NAG R . -22.15 5.99 7.25
C1 NAG S . -18.98 -0.25 3.18
C2 NAG S . -19.88 0.93 3.51
C3 NAG S . -21.32 0.47 3.73
C4 NAG S . -21.80 -0.36 2.54
C5 NAG S . -20.79 -1.47 2.21
C6 NAG S . -21.13 -2.22 0.94
C7 NAG S . -18.89 2.89 4.61
C8 NAG S . -18.44 3.48 5.91
N2 NAG S . -19.40 1.65 4.68
O3 NAG S . -22.16 1.60 3.90
O4 NAG S . -23.05 -0.99 2.85
O5 NAG S . -19.48 -0.92 2.03
O6 NAG S . -19.96 -2.58 0.22
O7 NAG S . -18.79 3.50 3.55
C1 NAG S . -24.16 -0.13 2.56
C2 NAG S . -24.81 -0.59 1.25
C3 NAG S . -26.06 0.24 0.96
C4 NAG S . -27.01 0.21 2.15
C5 NAG S . -26.28 0.65 3.41
C6 NAG S . -27.12 0.53 4.66
C7 NAG S . -23.97 -1.26 -0.96
C8 NAG S . -22.91 -1.04 -2.00
N2 NAG S . -23.87 -0.51 0.14
O3 NAG S . -26.71 -0.29 -0.20
O4 NAG S . -28.12 1.06 1.92
O5 NAG S . -25.12 -0.18 3.62
O6 NAG S . -27.22 1.77 5.35
O7 NAG S . -24.87 -2.07 -1.11
C1 NAG T . 5.30 4.27 -9.83
C2 NAG T . 6.54 5.07 -10.23
C3 NAG T . 6.99 4.67 -11.64
C4 NAG T . 7.21 3.17 -11.73
C5 NAG T . 5.94 2.44 -11.27
C6 NAG T . 6.10 0.94 -11.21
C7 NAG T . 6.76 7.28 -9.19
C8 NAG T . 7.59 6.60 -8.14
N2 NAG T . 6.29 6.50 -10.16
O3 NAG T . 8.21 5.34 -11.95
O4 NAG T . 7.51 2.79 -13.05
O5 NAG T . 5.58 2.87 -9.94
O6 NAG T . 5.59 0.31 -12.38
O7 NAG T . 6.53 8.48 -9.15
C1 NAG T . 8.80 2.13 -13.06
C2 NAG T . 9.12 1.61 -14.45
C3 NAG T . 10.46 0.88 -14.44
C4 NAG T . 11.55 1.77 -13.84
C5 NAG T . 11.11 2.32 -12.49
C6 NAG T . 12.08 3.32 -11.91
C7 NAG T . 7.63 0.76 -16.20
C8 NAG T . 6.53 -0.21 -16.54
N2 NAG T . 8.07 0.75 -14.95
O3 NAG T . 10.81 0.51 -15.76
O4 NAG T . 12.74 1.01 -13.66
O5 NAG T . 9.84 2.99 -12.60
O6 NAG T . 11.42 4.28 -11.11
O7 NAG T . 8.10 1.54 -17.04
C1 BMA T . 13.62 1.21 -14.78
C2 BMA T . 14.99 1.70 -14.25
C3 BMA T . 16.00 1.78 -15.40
C4 BMA T . 15.99 0.50 -16.25
C5 BMA T . 14.57 0.22 -16.73
C6 BMA T . 14.47 -1.05 -17.57
O2 BMA T . 15.51 0.78 -13.31
O3 BMA T . 17.31 2.04 -14.91
O4 BMA T . 16.85 0.66 -17.36
O5 BMA T . 13.73 0.05 -15.58
O6 BMA T . 15.55 -1.06 -18.49
S SO4 U . 36.64 8.11 17.33
O1 SO4 U . 37.44 7.28 16.43
O2 SO4 U . 36.49 7.42 18.61
O3 SO4 U . 37.30 9.39 17.54
O4 SO4 U . 35.32 8.33 16.75
C1 NAG V . 50.13 -8.77 31.14
C2 NAG V . 51.03 -7.87 31.99
C3 NAG V . 50.91 -8.25 33.47
C4 NAG V . 49.45 -8.25 33.90
C5 NAG V . 48.62 -9.14 32.97
C6 NAG V . 47.14 -9.08 33.27
C7 NAG V . 53.28 -6.93 31.69
C8 NAG V . 54.67 -7.18 31.19
N2 NAG V . 52.41 -7.94 31.55
O3 NAG V . 51.66 -7.33 34.26
O4 NAG V . 49.34 -8.73 35.23
O5 NAG V . 48.78 -8.70 31.62
O6 NAG V . 46.63 -10.38 33.56
O7 NAG V . 52.95 -5.87 32.22
C1 NAG W . 51.29 -22.13 17.78
C2 NAG W . 51.39 -23.54 18.33
C3 NAG W . 52.84 -24.02 18.31
C4 NAG W . 53.43 -23.87 16.90
C5 NAG W . 53.22 -22.44 16.40
C6 NAG W . 53.66 -22.25 14.97
C7 NAG W . 49.62 -24.08 19.96
C8 NAG W . 49.24 -24.09 21.41
N2 NAG W . 50.85 -23.62 19.69
O3 NAG W . 52.90 -25.38 18.72
O4 NAG W . 54.82 -24.16 16.93
O5 NAG W . 51.82 -22.10 16.46
O6 NAG W . 55.04 -21.92 14.89
O7 NAG W . 48.87 -24.48 19.09
C1 NAG X . 36.05 -6.94 28.04
C2 NAG X . 35.78 -8.43 27.92
C3 NAG X . 34.32 -8.73 28.23
C4 NAG X . 33.93 -8.15 29.58
C5 NAG X . 34.28 -6.67 29.64
C6 NAG X . 34.03 -6.06 31.01
C7 NAG X . 36.47 -10.17 26.34
C8 NAG X . 36.80 -10.50 24.91
N2 NAG X . 36.13 -8.91 26.59
O3 NAG X . 34.10 -10.14 28.21
O4 NAG X . 32.53 -8.32 29.81
O5 NAG X . 35.66 -6.49 29.35
O6 NAG X . 33.99 -4.65 30.93
O7 NAG X . 36.53 -11.02 27.22
S SO4 Y . -3.58 -5.87 22.90
O1 SO4 Y . -2.28 -5.46 22.40
O2 SO4 Y . -3.48 -7.22 23.46
O3 SO4 Y . -4.03 -4.94 23.94
O4 SO4 Y . -4.55 -5.88 21.80
S SO4 Z . 18.19 -2.47 -4.11
O1 SO4 Z . 19.62 -2.47 -4.44
O2 SO4 Z . 17.96 -3.25 -2.90
O3 SO4 Z . 17.75 -1.09 -3.90
O4 SO4 Z . 17.45 -3.06 -5.22
S SO4 AA . 0.30 48.94 13.25
O1 SO4 AA . 0.90 47.64 13.56
O2 SO4 AA . 1.20 50.00 13.69
O3 SO4 AA . 0.09 49.05 11.81
O4 SO4 AA . -0.98 49.05 13.95
C1 NAG BA . -25.47 29.27 2.94
C2 NAG BA . -26.59 30.10 3.56
C3 NAG BA . -27.10 29.41 4.83
C4 NAG BA . -27.50 27.96 4.53
C5 NAG BA . -26.34 27.24 3.85
C6 NAG BA . -26.70 25.83 3.42
C7 NAG BA . -26.33 32.47 3.02
C8 NAG BA . -25.80 33.80 3.48
N2 NAG BA . -26.15 31.45 3.85
O3 NAG BA . -28.22 30.13 5.33
O4 NAG BA . -27.84 27.30 5.73
O5 NAG BA . -25.93 27.95 2.69
O6 NAG BA . -27.63 25.24 4.31
O7 NAG BA . -26.89 32.33 1.93
C1 NAG CA . 6.03 -4.75 23.52
C2 NAG CA . 7.20 -4.76 24.50
C3 NAG CA . 6.90 -5.70 25.67
C4 NAG CA . 5.56 -5.34 26.30
C5 NAG CA . 4.47 -5.32 25.24
C6 NAG CA . 3.13 -4.86 25.77
C7 NAG CA . 8.69 -6.28 23.26
C8 NAG CA . 7.57 -7.28 23.25
N2 NAG CA . 8.45 -5.11 23.86
O3 NAG CA . 7.93 -5.60 26.64
O4 NAG CA . 5.22 -6.31 27.30
O5 NAG CA . 4.82 -4.40 24.19
O6 NAG CA . 2.80 -3.57 25.29
O7 NAG CA . 9.78 -6.53 22.73
C1 NAG DA . -0.05 -20.43 7.49
C2 NAG DA . 1.46 -20.57 7.66
C3 NAG DA . 2.14 -20.59 6.29
C4 NAG DA . 1.52 -21.66 5.41
C5 NAG DA . 0.01 -21.49 5.34
C6 NAG DA . -0.68 -22.59 4.57
C7 NAG DA . 2.41 -19.69 9.74
C8 NAG DA . 2.29 -21.09 10.26
N2 NAG DA . 1.99 -19.51 8.48
O3 NAG DA . 3.53 -20.84 6.46
O4 NAG DA . 2.07 -21.58 4.09
O5 NAG DA . -0.55 -21.48 6.65
O6 NAG DA . -1.59 -22.08 3.62
O7 NAG DA . 2.85 -18.78 10.42
C1 NAG EA . -13.04 -7.92 -4.30
C2 NAG EA . -12.59 -9.22 -3.63
C3 NAG EA . -13.81 -9.96 -3.06
C4 NAG EA . -14.62 -9.04 -2.16
C5 NAG EA . -14.96 -7.75 -2.89
C6 NAG EA . -15.65 -6.73 -2.00
C7 NAG EA . -10.80 -10.79 -4.22
C8 NAG EA . -10.17 -11.61 -5.30
N2 NAG EA . -11.87 -10.07 -4.56
O3 NAG EA . -13.38 -11.10 -2.34
O4 NAG EA . -15.82 -9.69 -1.76
O5 NAG EA . -13.76 -7.12 -3.36
O6 NAG EA . -16.40 -5.81 -2.77
O7 NAG EA . -10.36 -10.78 -3.07
C10 83J FA . 3.96 18.77 7.55
C13 83J FA . 3.42 18.97 5.05
C15 83J FA . 1.99 18.46 5.27
C17 83J FA . 6.10 24.73 9.03
C20 83J FA . 1.56 17.24 4.74
C21 83J FA . 1.11 19.20 6.04
C22 83J FA . 4.78 24.73 8.63
C24 83J FA . -0.18 18.76 6.27
C26 83J FA . -0.60 17.56 5.72
C01 83J FA . 5.68 20.97 6.71
C04 83J FA . 5.68 19.63 6.00
C07 83J FA . 3.98 20.09 8.35
C12 83J FA . 5.87 21.48 9.18
C14 83J FA . 7.13 22.29 8.96
C16 83J FA . 7.16 23.79 9.20
C18 83J FA . 8.25 24.49 9.63
C19 83J FA . 6.66 25.98 9.40
C23 83J FA . 0.27 16.81 4.96
C25 83J FA . 4.11 25.95 8.62
C27 83J FA . 2.86 23.63 7.71
C29 83J FA . 5.92 27.14 9.35
C31 83J FA . 5.90 29.58 9.66
C33 83J FA . 7.91 29.92 10.39
C35 83J FA . 9.16 30.61 10.91
N02 83J FA . 5.18 20.84 8.06
N05 83J FA . 4.34 19.11 6.18
N08 83J FA . 7.90 25.72 9.73
N28 83J FA . 4.66 27.10 8.97
N30 83J FA . 6.50 28.42 9.73
N32 83J FA . 6.76 30.52 10.08
N34 83J FA . 7.76 28.63 10.18
O03 83J FA . 5.44 21.35 10.27
O06 83J FA . 3.79 19.28 3.96
O09 83J FA . 8.11 21.74 8.58
O11 83J FA . 4.14 23.54 8.26
H1 83J FA . 4.59 18.14 7.93
H2 83J FA . 3.05 18.40 7.56
H3 83J FA . 2.14 16.72 4.22
H4 83J FA . 1.38 20.01 6.40
H5 83J FA . -0.77 19.27 6.77
H6 83J FA . -1.46 17.25 5.87
H7 83J FA . 6.58 21.33 6.72
H8 83J FA . 5.10 21.58 6.21
H9 83J FA . 5.87 19.74 5.05
H10 83J FA . 6.33 19.04 6.40
H11 83J FA . 3.20 20.61 8.11
H12 83J FA . 3.96 19.88 9.30
H13 83J FA . 9.09 24.14 9.83
H14 83J FA . -0.01 15.99 4.60
H15 83J FA . 3.22 25.95 8.36
H16 83J FA . 2.64 22.79 7.25
H17 83J FA . 2.22 23.80 8.41
H18 83J FA . 2.84 24.36 7.07
H19 83J FA . 5.03 29.73 9.38
H20 83J FA . 9.16 31.54 10.65
H21 83J FA . 9.19 30.55 11.89
H22 83J FA . 9.95 30.17 10.54
H23 83J FA . 8.45 26.33 9.99
C1 NAG GA . -62.98 17.68 -21.84
C2 NAG GA . -64.02 18.70 -21.43
C3 NAG GA . -65.22 18.00 -20.79
C4 NAG GA . -65.76 16.91 -21.70
C5 NAG GA . -64.63 15.96 -22.12
C6 NAG GA . -65.06 14.94 -23.13
C7 NAG GA . -63.95 20.93 -20.40
C8 NAG GA . -63.24 21.81 -19.41
N2 NAG GA . -63.47 19.69 -20.51
O3 NAG GA . -66.25 18.96 -20.53
O4 NAG GA . -66.78 16.17 -21.04
O5 NAG GA . -63.56 16.71 -22.72
O6 NAG GA . -64.47 15.17 -24.40
O7 NAG GA . -64.90 21.33 -21.07
S SO4 HA . -68.49 68.18 -53.26
O1 SO4 HA . -67.49 68.76 -52.37
O2 SO4 HA . -67.83 67.66 -54.45
O3 SO4 HA . -69.45 69.20 -53.64
O4 SO4 HA . -69.18 67.10 -52.56
#